data_8Q1I
#
_entry.id   8Q1I
#
_cell.length_a   1.00
_cell.length_b   1.00
_cell.length_c   1.00
_cell.angle_alpha   90.00
_cell.angle_beta   90.00
_cell.angle_gamma   90.00
#
_symmetry.space_group_name_H-M   'P 1'
#
loop_
_entity.id
_entity.type
_entity.pdbx_description
1 polymer 'Tail sheath protein'
2 polymer 'Tail terminator protein'
#
loop_
_entity_poly.entity_id
_entity_poly.type
_entity_poly.pdbx_seq_one_letter_code
_entity_poly.pdbx_strand_id
1 'polypeptide(L)'
;MAVEPFPRRPITRPHASIEVDTSGIGGSAGSSEKVFCLIGQAEGGEPNTVYELRNYSQAKRLFRSGELLDAIELAWGSNP
NYTAGRILAMRIEDAKPASAEIGGLKITSKIYGNVANNIQVGLEKNTLSDSLRLRVIFQDDRFNEVYDNIGNIFTIKYKG
EEANATFSVEHDEETQKASRLVLKVGDQEVKSYDLTGGAYDYTNAIITDINQLPDFEAKLSPFGDKNLESSKLDKIENAN
IKDKAVYVKAVFGDLEKQTAYNGIVSFEQLNAEGEVPSNVEVEAGEESATVTATSPIKTIEPFELTKLKGGTNGEPPATW
ADKLDKFAHEGGYYIVPLSSKQSVHAEVASFVKERSDAGEPMRAIVGGGFNESKEQLFGRQASLSNPRVSLVANSGTFVM
DDGRKNHVPAYMVAVALGGLASGLEIGESITFKPLRVSSLDQIYESIDLDELNENGIISIEFVRNRTNTFFRIVDDVTTF
NDKSDPVKAEMAVGEANDFLVSELKVQLEDQFIGTRTINTSASIIKDFIQSYLGRKKRDNEIQDFPAEDVQVIVEGNEAR
ISMTVYPIRSFKKISVSLVYKQQTLQA
;
B,I,O
2 'polypeptide(L)'
;MAITSVDSYLLSEIKPRLNTVLENCYIIDEVLKDFDYQTRESFKEAFCGKNAQHEVTVGFNFPKFKNNYEAHYLIQLGQG
QETKNSLGSIQSSYFEATGDTLVESSTAIREDDKLVFTVSKPIGELIKVEDIEFAKYDNLQVEGNKVSFKYQTNEDYENY
NANIIFTEKKNDSKGLVKGFTVEEQVTVVGLSFNVDVARCLDAVLKMILISMRDSIEEQQTFQLQNLSFGDIAPIIEDGD
SMIFGRPTIIKYTSSLDLDYTITQDINKLTFKERKDWK
;
U
#
# COMPACT_ATOMS: atom_id res chain seq x y z
N ALA A 2 37.14 4.33 -15.24
CA ALA A 2 37.88 5.12 -16.26
C ALA A 2 38.10 4.31 -17.52
N VAL A 3 38.51 4.98 -18.61
CA VAL A 3 38.97 4.26 -19.79
C VAL A 3 40.20 3.45 -19.42
N GLU A 4 40.19 2.17 -19.81
CA GLU A 4 41.29 1.25 -19.53
C GLU A 4 42.19 1.13 -20.74
N PRO A 5 43.51 1.33 -20.62
CA PRO A 5 44.40 1.01 -21.74
C PRO A 5 44.74 -0.47 -21.74
N PHE A 6 44.74 -1.07 -22.93
CA PHE A 6 45.28 -2.41 -23.15
C PHE A 6 46.36 -2.36 -24.21
N PRO A 7 47.60 -2.82 -23.95
CA PRO A 7 48.17 -3.25 -22.67
C PRO A 7 48.14 -2.13 -21.63
N ARG A 8 48.22 -2.50 -20.34
CA ARG A 8 48.44 -1.50 -19.31
C ARG A 8 49.78 -0.80 -19.49
N ARG A 9 50.83 -1.56 -19.76
CA ARG A 9 52.12 -0.96 -20.09
C ARG A 9 52.03 -0.17 -21.40
N PRO A 10 52.60 1.04 -21.45
CA PRO A 10 52.74 1.72 -22.74
C PRO A 10 53.81 1.07 -23.60
N ILE A 11 53.68 1.28 -24.91
CA ILE A 11 54.57 0.71 -25.91
C ILE A 11 54.84 1.76 -26.97
N THR A 12 56.06 1.79 -27.48
CA THR A 12 56.45 2.73 -28.53
C THR A 12 56.80 2.07 -29.86
N ARG A 13 57.34 0.85 -29.86
CA ARG A 13 57.51 0.11 -31.10
C ARG A 13 56.18 -0.09 -31.79
N PRO A 14 56.15 -0.45 -33.08
CA PRO A 14 54.86 -0.62 -33.77
C PRO A 14 53.97 -1.65 -33.11
N HIS A 15 52.72 -1.26 -32.86
CA HIS A 15 51.79 -2.14 -32.14
C HIS A 15 50.38 -1.58 -32.33
N ALA A 16 49.40 -2.38 -31.95
CA ALA A 16 48.03 -1.94 -31.72
C ALA A 16 47.76 -1.84 -30.22
N SER A 17 46.92 -0.87 -29.85
CA SER A 17 46.40 -0.79 -28.49
C SER A 17 44.90 -0.56 -28.51
N ILE A 18 44.21 -1.16 -27.54
CA ILE A 18 42.77 -1.09 -27.39
C ILE A 18 42.45 -0.27 -26.16
N GLU A 19 41.61 0.76 -26.31
CA GLU A 19 41.04 1.50 -25.18
C GLU A 19 39.57 1.14 -25.03
N VAL A 20 39.20 0.73 -23.81
CA VAL A 20 37.89 0.16 -23.52
C VAL A 20 37.10 1.18 -22.69
N ASP A 21 35.97 1.63 -23.22
CA ASP A 21 35.02 2.45 -22.47
C ASP A 21 33.95 1.56 -21.87
N THR A 22 34.09 1.27 -20.57
CA THR A 22 33.11 0.50 -19.81
C THR A 22 31.93 1.34 -19.31
N SER A 23 32.02 2.67 -19.37
CA SER A 23 31.10 3.53 -18.63
C SER A 23 29.67 3.47 -19.13
N GLY A 24 29.44 2.95 -20.33
CA GLY A 24 28.09 2.73 -20.83
C GLY A 24 27.32 1.60 -20.19
N ILE A 25 27.92 0.87 -19.25
CA ILE A 25 27.29 -0.31 -18.66
C ILE A 25 27.15 -0.21 -17.14
N GLY A 26 27.89 0.68 -16.46
CA GLY A 26 27.80 0.75 -15.02
C GLY A 26 26.39 0.99 -14.51
N GLY A 27 26.11 0.42 -13.35
CA GLY A 27 24.78 0.42 -12.76
C GLY A 27 24.83 0.32 -11.24
N SER A 28 23.75 -0.17 -10.63
CA SER A 28 23.54 -0.15 -9.18
C SER A 28 23.51 1.27 -8.59
N ALA A 29 23.30 2.29 -9.42
CA ALA A 29 23.28 3.67 -8.96
C ALA A 29 22.00 4.03 -8.18
N GLY A 30 21.04 3.12 -8.05
CA GLY A 30 19.80 3.43 -7.37
C GLY A 30 19.96 3.64 -5.87
N SER A 31 18.83 4.03 -5.25
CA SER A 31 18.80 4.38 -3.84
C SER A 31 19.12 3.19 -2.94
N SER A 32 19.41 3.51 -1.68
CA SER A 32 19.20 2.59 -0.58
C SER A 32 17.71 2.30 -0.39
N GLU A 33 17.41 1.11 0.12
CA GLU A 33 16.16 0.88 0.83
C GLU A 33 16.15 1.58 2.20
N LYS A 34 14.93 1.86 2.69
CA LYS A 34 14.69 2.49 3.99
C LYS A 34 14.81 1.47 5.14
N VAL A 35 16.05 1.07 5.42
CA VAL A 35 16.30 0.16 6.53
C VAL A 35 15.77 0.77 7.83
N PHE A 36 15.18 -0.08 8.67
CA PHE A 36 14.58 0.32 9.94
C PHE A 36 15.54 0.03 11.10
N CYS A 37 15.49 0.87 12.13
CA CYS A 37 16.40 0.79 13.27
C CYS A 37 15.66 0.75 14.60
N LEU A 38 16.13 -0.10 15.52
CA LEU A 38 15.57 -0.21 16.86
C LEU A 38 16.67 -0.24 17.91
N ILE A 39 16.37 0.32 19.08
CA ILE A 39 17.20 0.23 20.28
C ILE A 39 16.32 -0.09 21.47
N GLY A 40 16.71 -1.06 22.28
CA GLY A 40 15.96 -1.35 23.49
C GLY A 40 16.47 -2.58 24.21
N GLN A 41 15.69 -2.98 25.21
CA GLN A 41 16.05 -4.08 26.11
C GLN A 41 15.88 -5.44 25.46
N ALA A 42 16.85 -6.33 25.71
CA ALA A 42 16.74 -7.73 25.33
C ALA A 42 17.59 -8.54 26.31
N GLU A 43 17.36 -9.85 26.31
CA GLU A 43 18.32 -10.81 26.83
C GLU A 43 19.20 -11.37 25.72
N GLY A 44 20.33 -11.92 26.12
CA GLY A 44 21.14 -12.78 25.25
C GLY A 44 22.11 -12.06 24.35
N GLY A 45 21.65 -11.05 23.62
CA GLY A 45 22.51 -10.35 22.70
C GLY A 45 23.63 -9.61 23.40
N GLU A 46 24.73 -9.40 22.68
CA GLU A 46 25.88 -8.69 23.23
C GLU A 46 25.58 -7.20 23.27
N PRO A 47 25.50 -6.57 24.45
CA PRO A 47 24.99 -5.20 24.51
C PRO A 47 25.81 -4.20 23.71
N ASN A 48 25.12 -3.17 23.23
CA ASN A 48 25.72 -2.07 22.48
C ASN A 48 26.44 -2.55 21.22
N THR A 49 25.93 -3.62 20.60
CA THR A 49 26.40 -4.10 19.31
C THR A 49 25.23 -4.01 18.34
N VAL A 50 25.41 -3.32 17.23
CA VAL A 50 24.35 -3.24 16.22
C VAL A 50 24.37 -4.51 15.40
N TYR A 51 23.25 -5.24 15.43
CA TYR A 51 23.05 -6.45 14.65
C TYR A 51 22.12 -6.14 13.47
N GLU A 52 22.51 -6.58 12.27
CA GLU A 52 21.55 -6.72 11.21
C GLU A 52 20.70 -7.98 11.44
N LEU A 53 19.40 -7.85 11.23
CA LEU A 53 18.47 -8.98 11.29
C LEU A 53 17.69 -9.08 9.99
N ARG A 54 17.48 -10.32 9.53
CA ARG A 54 16.78 -10.58 8.29
C ARG A 54 15.53 -11.42 8.43
N ASN A 55 15.38 -12.20 9.50
CA ASN A 55 14.11 -12.87 9.78
C ASN A 55 13.96 -13.10 11.28
N TYR A 56 12.72 -13.37 11.67
CA TYR A 56 12.38 -13.49 13.09
C TYR A 56 13.10 -14.66 13.76
N SER A 57 13.38 -15.72 13.00
CA SER A 57 14.14 -16.84 13.56
C SER A 57 15.54 -16.41 13.96
N GLN A 58 16.23 -15.66 13.09
CA GLN A 58 17.54 -15.11 13.45
C GLN A 58 17.45 -14.18 14.66
N ALA A 59 16.40 -13.37 14.73
CA ALA A 59 16.19 -12.53 15.91
C ALA A 59 16.08 -13.36 17.19
N LYS A 60 15.20 -14.36 17.19
CA LYS A 60 15.08 -15.24 18.36
C LYS A 60 16.34 -16.06 18.60
N ARG A 61 17.20 -16.20 17.60
CA ARG A 61 18.46 -16.91 17.80
C ARG A 61 19.49 -16.02 18.49
N LEU A 62 19.52 -14.74 18.15
CA LEU A 62 20.45 -13.80 18.78
C LEU A 62 19.84 -13.20 20.04
N PHE A 63 18.75 -12.46 19.90
CA PHE A 63 18.04 -11.92 21.04
C PHE A 63 17.03 -12.94 21.55
N ARG A 64 16.72 -12.85 22.84
CA ARG A 64 15.69 -13.69 23.42
C ARG A 64 14.89 -12.89 24.44
N SER A 65 13.71 -13.42 24.76
CA SER A 65 13.06 -13.21 26.06
C SER A 65 13.01 -11.74 26.46
N GLY A 66 12.60 -10.88 25.53
CA GLY A 66 12.61 -9.46 25.84
C GLY A 66 11.85 -8.63 24.82
N GLU A 67 11.67 -7.36 25.21
CA GLU A 67 10.79 -6.45 24.48
C GLU A 67 11.33 -6.06 23.11
N LEU A 68 12.64 -6.15 22.89
CA LEU A 68 13.18 -5.96 21.55
C LEU A 68 12.68 -7.00 20.57
N LEU A 69 12.53 -8.25 21.01
CA LEU A 69 12.04 -9.28 20.10
C LEU A 69 10.55 -9.14 19.81
N ASP A 70 9.78 -8.73 20.82
CA ASP A 70 8.39 -8.33 20.58
C ASP A 70 8.31 -7.14 19.62
N ALA A 71 9.24 -6.20 19.75
CA ALA A 71 9.27 -5.08 18.82
C ALA A 71 9.55 -5.54 17.39
N ILE A 72 10.55 -6.41 17.21
CA ILE A 72 10.84 -6.94 15.89
C ILE A 72 9.64 -7.68 15.31
N GLU A 73 8.89 -8.38 16.19
CA GLU A 73 7.66 -9.04 15.77
C GLU A 73 6.64 -8.03 15.25
N LEU A 74 6.37 -6.99 16.04
CA LEU A 74 5.44 -5.97 15.55
C LEU A 74 5.96 -5.29 14.29
N ALA A 75 7.28 -5.11 14.19
CA ALA A 75 7.87 -4.41 13.06
C ALA A 75 7.67 -5.17 11.75
N TRP A 76 7.52 -6.49 11.81
CA TRP A 76 7.16 -7.26 10.62
C TRP A 76 5.71 -7.74 10.59
N GLY A 77 4.95 -7.54 11.66
CA GLY A 77 3.56 -7.97 11.74
C GLY A 77 2.51 -6.96 11.34
N SER A 78 2.84 -5.67 11.41
CA SER A 78 1.91 -4.63 10.97
C SER A 78 1.74 -4.54 9.46
N ASN A 79 2.68 -5.09 8.67
CA ASN A 79 2.72 -4.85 7.22
C ASN A 79 2.75 -6.16 6.44
N PRO A 80 1.92 -7.14 6.80
CA PRO A 80 2.05 -8.49 6.23
C PRO A 80 1.95 -8.53 4.71
N ASN A 81 1.23 -7.59 4.11
CA ASN A 81 1.09 -7.47 2.67
C ASN A 81 2.20 -6.63 2.03
N TYR A 82 3.33 -6.45 2.70
CA TYR A 82 4.45 -5.70 2.14
C TYR A 82 5.75 -6.45 2.41
N THR A 83 6.79 -6.07 1.66
CA THR A 83 8.12 -6.65 1.82
C THR A 83 8.60 -6.54 3.27
N ALA A 84 9.04 -7.68 3.81
CA ALA A 84 9.65 -7.76 5.14
C ALA A 84 11.14 -7.51 4.97
N GLY A 85 11.53 -6.23 5.02
CA GLY A 85 12.91 -5.85 4.78
C GLY A 85 13.81 -6.05 5.98
N ARG A 86 15.09 -5.73 5.77
CA ARG A 86 16.08 -5.76 6.85
C ARG A 86 15.69 -4.86 8.00
N ILE A 87 16.11 -5.25 9.20
CA ILE A 87 16.04 -4.41 10.39
C ILE A 87 17.42 -4.38 11.03
N LEU A 88 17.77 -3.22 11.59
CA LEU A 88 18.95 -3.07 12.44
C LEU A 88 18.50 -2.90 13.89
N ALA A 89 19.09 -3.67 14.79
CA ALA A 89 18.67 -3.67 16.19
C ALA A 89 19.90 -3.79 17.07
N MET A 90 19.80 -3.21 18.27
CA MET A 90 20.89 -3.23 19.24
C MET A 90 20.31 -3.41 20.63
N ARG A 91 20.81 -4.40 21.36
CA ARG A 91 20.51 -4.50 22.78
C ARG A 91 21.22 -3.39 23.52
N ILE A 92 20.46 -2.60 24.30
CA ILE A 92 21.01 -1.66 25.26
C ILE A 92 20.83 -2.26 26.65
N GLU A 93 21.90 -2.21 27.46
CA GLU A 93 21.96 -2.99 28.68
C GLU A 93 20.87 -2.55 29.66
N ALA A 318 20.02 7.66 32.20
CA ALA A 318 21.32 7.31 31.63
C ALA A 318 21.46 7.89 30.23
N THR A 319 22.68 8.27 29.86
CA THR A 319 22.94 8.78 28.52
C THR A 319 22.76 7.67 27.49
N TRP A 320 22.17 8.04 26.35
CA TRP A 320 22.01 7.15 25.20
C TRP A 320 22.73 7.64 23.96
N ALA A 321 23.25 8.87 23.97
CA ALA A 321 23.93 9.42 22.80
C ALA A 321 25.11 8.55 22.37
N ASP A 322 25.96 8.16 23.32
CA ASP A 322 27.12 7.34 23.01
C ASP A 322 26.75 6.03 22.32
N LYS A 323 25.60 5.45 22.68
CA LYS A 323 25.13 4.28 21.95
C LYS A 323 24.60 4.66 20.57
N LEU A 324 23.74 5.69 20.50
CA LEU A 324 23.19 6.14 19.23
C LEU A 324 24.27 6.46 18.21
N ASP A 325 25.42 6.96 18.67
CA ASP A 325 26.57 7.17 17.78
C ASP A 325 26.91 5.95 16.93
N LYS A 326 26.69 4.75 17.46
CA LYS A 326 27.07 3.55 16.72
C LYS A 326 26.23 3.37 15.45
N PHE A 327 24.99 3.85 15.44
CA PHE A 327 24.18 3.80 14.23
C PHE A 327 24.68 4.76 13.14
N ALA A 328 25.61 5.66 13.48
CA ALA A 328 25.93 6.80 12.62
C ALA A 328 26.28 6.37 11.20
N HIS A 329 26.98 5.24 11.06
CA HIS A 329 27.40 4.72 9.77
C HIS A 329 26.77 3.36 9.46
N GLU A 330 25.61 3.10 10.03
CA GLU A 330 24.74 2.00 9.62
C GLU A 330 23.57 2.60 8.84
N GLY A 331 23.41 2.18 7.59
CA GLY A 331 22.61 2.94 6.65
C GLY A 331 21.12 2.76 6.82
N GLY A 332 20.57 3.31 7.90
CA GLY A 332 19.16 3.14 8.21
C GLY A 332 18.49 4.48 8.50
N TYR A 333 17.23 4.58 8.08
CA TYR A 333 16.58 5.87 7.92
C TYR A 333 15.62 6.21 9.06
N TYR A 334 14.79 5.28 9.50
CA TYR A 334 13.91 5.46 10.65
C TYR A 334 14.48 4.76 11.88
N ILE A 335 14.41 5.43 13.03
CA ILE A 335 14.78 4.86 14.31
C ILE A 335 13.63 5.06 15.29
N VAL A 336 13.46 4.11 16.21
CA VAL A 336 12.56 4.25 17.34
C VAL A 336 13.31 3.83 18.60
N PRO A 337 13.40 4.67 19.64
CA PRO A 337 13.81 4.16 20.95
C PRO A 337 12.65 3.46 21.64
N LEU A 338 12.91 2.28 22.20
CA LEU A 338 11.92 1.58 23.01
C LEU A 338 11.86 2.14 24.43
N SER A 339 11.57 3.43 24.53
CA SER A 339 11.39 4.07 25.83
C SER A 339 10.46 5.27 25.70
N SER A 340 9.69 5.52 26.75
CA SER A 340 8.81 6.67 26.82
C SER A 340 9.46 7.88 27.50
N LYS A 341 10.66 7.74 28.03
CA LYS A 341 11.29 8.80 28.80
C LYS A 341 11.69 9.96 27.90
N GLN A 342 11.29 11.17 28.29
CA GLN A 342 11.42 12.33 27.41
C GLN A 342 12.87 12.71 27.17
N SER A 343 13.74 12.48 28.16
CA SER A 343 15.17 12.66 27.95
C SER A 343 15.68 11.79 26.81
N VAL A 344 15.28 10.53 26.77
CA VAL A 344 15.61 9.64 25.66
C VAL A 344 15.16 10.25 24.34
N HIS A 345 13.90 10.70 24.27
CA HIS A 345 13.39 11.26 23.02
C HIS A 345 14.17 12.50 22.60
N ALA A 346 14.52 13.38 23.54
CA ALA A 346 15.34 14.53 23.20
C ALA A 346 16.72 14.14 22.69
N GLU A 347 17.37 13.16 23.34
CA GLU A 347 18.63 12.61 22.83
C GLU A 347 18.49 12.10 21.40
N VAL A 348 17.44 11.31 21.14
CA VAL A 348 17.24 10.76 19.81
C VAL A 348 17.01 11.87 18.79
N ALA A 349 16.22 12.89 19.14
CA ALA A 349 16.04 14.03 18.24
C ALA A 349 17.37 14.73 17.95
N SER A 350 18.20 14.91 18.98
CA SER A 350 19.51 15.50 18.79
C SER A 350 20.39 14.65 17.86
N PHE A 351 20.35 13.34 18.03
CA PHE A 351 21.09 12.43 17.16
C PHE A 351 20.59 12.51 15.72
N VAL A 352 19.28 12.47 15.52
CA VAL A 352 18.72 12.63 14.18
C VAL A 352 19.15 13.94 13.54
N LYS A 353 19.14 15.02 14.32
CA LYS A 353 19.65 16.30 13.82
C LYS A 353 21.11 16.19 13.40
N GLU A 354 21.97 15.67 14.28
CA GLU A 354 23.40 15.57 14.01
C GLU A 354 23.71 14.71 12.79
N ARG A 355 22.92 13.67 12.56
CA ARG A 355 23.07 12.86 11.35
C ARG A 355 22.51 13.56 10.12
N SER A 356 21.29 14.09 10.20
CA SER A 356 20.63 14.62 9.01
C SER A 356 21.25 15.92 8.51
N ASP A 357 21.85 16.72 9.39
CA ASP A 357 22.62 17.86 8.90
C ASP A 357 23.91 17.42 8.23
N ALA A 358 24.39 16.21 8.52
CA ALA A 358 25.42 15.56 7.73
C ALA A 358 24.81 14.99 6.45
N GLY A 359 25.63 14.28 5.68
CA GLY A 359 25.25 13.64 4.43
C GLY A 359 24.32 12.46 4.51
N GLU A 360 23.80 12.08 5.68
CA GLU A 360 23.05 10.84 5.85
C GLU A 360 21.74 11.11 6.59
N PRO A 361 20.66 11.42 5.86
CA PRO A 361 19.42 11.84 6.54
C PRO A 361 18.79 10.73 7.37
N MET A 362 18.07 11.13 8.41
CA MET A 362 17.40 10.19 9.28
C MET A 362 16.12 10.82 9.82
N ARG A 363 15.25 9.98 10.37
CA ARG A 363 14.06 10.40 11.08
C ARG A 363 13.85 9.52 12.29
N ALA A 364 13.04 9.99 13.23
CA ALA A 364 12.66 9.20 14.41
C ALA A 364 11.17 9.27 14.66
N ILE A 365 10.65 8.23 15.30
CA ILE A 365 9.26 8.16 15.77
C ILE A 365 9.28 7.76 17.24
N VAL A 366 8.40 8.38 18.03
CA VAL A 366 8.34 8.16 19.47
C VAL A 366 6.88 8.14 19.92
N GLY A 367 6.66 7.61 21.12
CA GLY A 367 5.32 7.55 21.69
C GLY A 367 5.34 7.73 23.19
N GLY A 368 4.16 7.99 23.75
CA GLY A 368 3.97 8.08 25.18
C GLY A 368 3.92 6.75 25.90
N GLY A 369 3.40 6.80 27.13
CA GLY A 369 3.14 5.61 27.93
C GLY A 369 1.86 4.89 27.60
N PHE A 370 1.29 4.23 28.62
CA PHE A 370 0.09 3.42 28.43
C PHE A 370 -1.20 4.22 28.37
N ASN A 371 -1.23 5.41 28.96
CA ASN A 371 -2.37 6.32 28.78
C ASN A 371 -1.94 7.71 29.21
N GLU A 372 -1.92 8.65 28.27
CA GLU A 372 -1.56 10.04 28.56
C GLU A 372 -2.67 10.96 28.05
N SER A 373 -2.95 11.99 28.83
CA SER A 373 -3.98 12.96 28.47
C SER A 373 -3.54 13.80 27.28
N LYS A 374 -4.53 14.42 26.64
CA LYS A 374 -4.26 15.36 25.56
C LYS A 374 -3.34 16.49 25.98
N GLU A 375 -3.53 17.04 27.18
CA GLU A 375 -2.65 18.13 27.62
C GLU A 375 -1.23 17.64 27.90
N GLN A 376 -1.07 16.40 28.40
CA GLN A 376 0.27 15.81 28.49
C GLN A 376 0.89 15.62 27.11
N LEU A 377 0.11 15.13 26.16
CA LEU A 377 0.62 14.95 24.80
C LEU A 377 1.01 16.26 24.15
N PHE A 378 0.22 17.32 24.35
CA PHE A 378 0.59 18.64 23.86
C PHE A 378 1.87 19.15 24.52
N GLY A 379 1.99 19.00 25.84
CA GLY A 379 3.21 19.42 26.50
C GLY A 379 4.44 18.69 26.01
N ARG A 380 4.32 17.38 25.84
CA ARG A 380 5.40 16.56 25.27
C ARG A 380 5.75 17.01 23.85
N GLN A 381 4.75 17.17 22.98
CA GLN A 381 5.03 17.61 21.61
C GLN A 381 5.69 18.98 21.58
N ALA A 382 5.24 19.91 22.42
CA ALA A 382 5.86 21.23 22.44
C ALA A 382 7.30 21.15 22.92
N SER A 383 7.55 20.34 23.95
CA SER A 383 8.92 20.17 24.42
C SER A 383 9.79 19.45 23.40
N LEU A 384 9.20 18.55 22.60
CA LEU A 384 9.90 17.75 21.61
C LEU A 384 9.61 18.21 20.18
N SER A 385 9.31 19.49 20.00
CA SER A 385 8.88 20.01 18.70
C SER A 385 10.08 20.07 17.76
N ASN A 386 10.08 19.23 16.72
CA ASN A 386 11.24 19.03 15.87
C ASN A 386 10.74 18.51 14.53
N PRO A 387 11.26 18.97 13.39
CA PRO A 387 10.71 18.55 12.10
C PRO A 387 11.03 17.13 11.69
N ARG A 388 11.82 16.38 12.46
CA ARG A 388 12.17 15.00 12.13
C ARG A 388 11.76 14.03 13.25
N VAL A 389 10.82 14.42 14.09
CA VAL A 389 10.28 13.55 15.14
C VAL A 389 8.77 13.63 15.07
N SER A 390 8.12 12.47 15.16
CA SER A 390 6.67 12.36 15.28
C SER A 390 6.29 11.64 16.56
N LEU A 391 5.23 12.11 17.20
CA LEU A 391 4.69 11.51 18.41
C LEU A 391 3.38 10.79 18.07
N VAL A 392 3.23 9.56 18.56
CA VAL A 392 1.99 8.81 18.44
C VAL A 392 1.30 8.76 19.79
N ALA A 393 0.00 9.07 19.80
CA ALA A 393 -0.75 9.24 21.04
C ALA A 393 -1.25 7.91 21.60
N ASN A 394 -1.87 7.08 20.75
CA ASN A 394 -2.63 5.93 21.22
C ASN A 394 -1.74 4.75 21.64
N SER A 395 -2.32 3.92 22.50
CA SER A 395 -1.75 2.65 22.93
C SER A 395 -2.84 1.60 22.91
N GLY A 396 -2.46 0.33 22.93
CA GLY A 396 -3.44 -0.71 22.68
C GLY A 396 -2.88 -2.10 22.91
N THR A 397 -3.55 -3.07 22.29
CA THR A 397 -3.22 -4.49 22.43
C THR A 397 -2.97 -5.11 21.07
N PHE A 398 -1.84 -5.81 20.94
CA PHE A 398 -1.53 -6.60 19.76
C PHE A 398 -1.63 -8.08 20.09
N VAL A 399 -2.27 -8.84 19.20
CA VAL A 399 -2.20 -10.29 19.22
C VAL A 399 -0.86 -10.73 18.63
N MET A 400 -0.03 -11.36 19.45
CA MET A 400 1.26 -11.86 19.01
C MET A 400 1.10 -13.23 18.35
N ASP A 401 2.14 -13.63 17.61
CA ASP A 401 2.09 -14.91 16.89
C ASP A 401 2.09 -16.11 17.81
N ASP A 402 2.42 -15.95 19.09
CA ASP A 402 2.21 -17.01 20.08
C ASP A 402 0.78 -17.06 20.59
N GLY A 403 -0.07 -16.13 20.16
CA GLY A 403 -1.44 -16.03 20.63
C GLY A 403 -1.63 -15.16 21.85
N ARG A 404 -0.56 -14.64 22.43
CA ARG A 404 -0.67 -13.81 23.62
C ARG A 404 -1.38 -12.50 23.27
N LYS A 405 -2.36 -12.13 24.08
CA LYS A 405 -2.94 -10.78 24.06
C LYS A 405 -2.03 -9.81 24.79
N ASN A 406 -1.06 -9.27 24.07
CA ASN A 406 0.00 -8.45 24.66
C ASN A 406 -0.43 -7.00 24.68
N HIS A 407 -0.70 -6.47 25.89
CA HIS A 407 -0.96 -5.05 26.07
C HIS A 407 0.37 -4.31 26.05
N VAL A 408 0.45 -3.22 25.27
CA VAL A 408 1.73 -2.57 25.00
C VAL A 408 1.59 -1.07 25.14
N PRO A 409 2.66 -0.40 25.60
CA PRO A 409 2.69 1.07 25.59
C PRO A 409 2.80 1.64 24.18
N ALA A 410 2.43 2.92 24.07
CA ALA A 410 2.27 3.55 22.76
C ALA A 410 3.54 3.55 21.92
N TYR A 411 4.72 3.45 22.53
CA TYR A 411 5.93 3.44 21.72
C TYR A 411 6.08 2.16 20.91
N MET A 412 5.43 1.07 21.32
CA MET A 412 5.39 -0.10 20.46
C MET A 412 4.46 0.10 19.27
N VAL A 413 3.37 0.85 19.46
CA VAL A 413 2.60 1.31 18.30
C VAL A 413 3.46 2.20 17.40
N ALA A 414 4.37 2.98 17.99
CA ALA A 414 5.30 3.75 17.18
C ALA A 414 6.25 2.85 16.40
N VAL A 415 6.71 1.75 17.02
CA VAL A 415 7.48 0.75 16.29
C VAL A 415 6.68 0.20 15.11
N ALA A 416 5.40 -0.11 15.33
CA ALA A 416 4.56 -0.64 14.27
C ALA A 416 4.41 0.35 13.11
N LEU A 417 4.19 1.63 13.43
CA LEU A 417 4.14 2.65 12.38
C LEU A 417 5.49 2.82 11.68
N GLY A 418 6.60 2.76 12.42
CA GLY A 418 7.90 2.85 11.77
C GLY A 418 8.15 1.68 10.84
N GLY A 419 7.73 0.49 11.23
CA GLY A 419 7.80 -0.66 10.35
C GLY A 419 7.00 -0.46 9.08
N LEU A 420 5.75 -0.02 9.21
CA LEU A 420 4.94 0.27 8.02
C LEU A 420 5.62 1.31 7.13
N ALA A 421 6.04 2.43 7.71
CA ALA A 421 6.69 3.49 6.94
C ALA A 421 7.96 3.00 6.25
N SER A 422 8.70 2.09 6.88
CA SER A 422 9.86 1.49 6.23
C SER A 422 9.45 0.58 5.09
N GLY A 423 8.32 -0.10 5.23
CA GLY A 423 7.88 -1.00 4.17
C GLY A 423 7.35 -0.28 2.95
N LEU A 424 6.63 0.83 3.17
CA LEU A 424 6.10 1.61 2.06
C LEU A 424 7.22 2.11 1.14
N GLU A 425 6.84 2.38 -0.10
CA GLU A 425 7.75 2.95 -1.09
C GLU A 425 8.24 4.34 -0.66
N ILE A 426 9.27 4.79 -1.36
CA ILE A 426 9.91 6.08 -1.11
C ILE A 426 8.92 7.19 -1.47
N GLY A 427 8.48 7.94 -0.45
CA GLY A 427 7.45 8.94 -0.61
C GLY A 427 6.04 8.41 -0.79
N GLU A 428 5.77 7.20 -0.31
CA GLU A 428 4.43 6.83 0.11
C GLU A 428 4.18 7.33 1.53
N SER A 429 2.92 7.32 1.95
CA SER A 429 2.53 7.95 3.21
C SER A 429 1.62 7.03 4.00
N ILE A 430 1.83 7.02 5.32
CA ILE A 430 1.08 6.17 6.24
C ILE A 430 -0.33 6.66 6.57
N THR A 431 -0.73 7.83 6.09
CA THR A 431 -2.11 8.26 6.33
C THR A 431 -3.10 7.34 5.64
N PHE A 432 -4.18 7.03 6.35
CA PHE A 432 -5.26 6.15 5.90
C PHE A 432 -4.79 4.73 5.58
N LYS A 433 -3.58 4.35 6.02
CA LYS A 433 -3.23 2.94 6.07
C LYS A 433 -3.82 2.30 7.32
N PRO A 434 -4.15 1.00 7.28
CA PRO A 434 -4.71 0.35 8.46
C PRO A 434 -3.63 -0.08 9.45
N LEU A 435 -4.05 -0.23 10.70
CA LEU A 435 -3.21 -0.81 11.75
C LEU A 435 -3.86 -2.10 12.23
N ARG A 436 -3.12 -3.20 12.15
CA ARG A 436 -3.60 -4.51 12.58
C ARG A 436 -3.45 -4.67 14.10
N VAL A 437 -4.29 -3.93 14.83
CA VAL A 437 -4.28 -3.95 16.29
C VAL A 437 -5.64 -4.43 16.78
N SER A 438 -5.63 -5.14 17.91
CA SER A 438 -6.83 -5.80 18.41
C SER A 438 -7.75 -4.81 19.12
N SER A 439 -7.20 -3.90 19.91
CA SER A 439 -8.00 -2.90 20.60
C SER A 439 -7.11 -1.71 20.95
N LEU A 440 -7.75 -0.60 21.27
CA LEU A 440 -7.06 0.61 21.71
C LEU A 440 -7.52 0.98 23.12
N ASP A 441 -6.57 1.51 23.90
CA ASP A 441 -6.88 1.94 25.26
C ASP A 441 -7.85 3.11 25.29
N GLN A 442 -7.77 4.00 24.31
CA GLN A 442 -8.62 5.18 24.26
C GLN A 442 -9.09 5.39 22.82
N ILE A 443 -10.37 5.72 22.68
CA ILE A 443 -10.99 5.99 21.38
C ILE A 443 -11.34 7.47 21.36
N TYR A 444 -10.80 8.19 20.39
CA TYR A 444 -10.95 9.64 20.27
C TYR A 444 -12.03 9.96 19.26
N GLU A 445 -12.95 10.84 19.64
CA GLU A 445 -13.96 11.32 18.72
C GLU A 445 -13.38 12.37 17.78
N SER A 446 -14.16 12.69 16.75
CA SER A 446 -13.68 13.49 15.62
C SER A 446 -13.01 14.78 16.06
N ILE A 447 -13.58 15.45 17.06
CA ILE A 447 -13.00 16.70 17.55
C ILE A 447 -11.64 16.46 18.21
N ASP A 448 -11.49 15.36 18.93
CA ASP A 448 -10.20 15.04 19.54
C ASP A 448 -9.17 14.62 18.50
N LEU A 449 -9.60 13.90 17.46
CA LEU A 449 -8.71 13.59 16.35
C LEU A 449 -8.23 14.84 15.64
N ASP A 450 -9.13 15.78 15.38
CA ASP A 450 -8.73 17.07 14.83
C ASP A 450 -7.77 17.83 15.74
N GLU A 451 -8.07 17.87 17.04
CA GLU A 451 -7.17 18.54 17.99
C GLU A 451 -5.76 17.96 17.93
N LEU A 452 -5.64 16.63 18.01
CA LEU A 452 -4.33 16.01 17.95
C LEU A 452 -3.64 16.22 16.60
N ASN A 453 -4.39 16.12 15.51
CA ASN A 453 -3.82 16.32 14.18
C ASN A 453 -3.26 17.74 14.02
N GLU A 454 -4.05 18.74 14.41
CA GLU A 454 -3.61 20.13 14.29
C GLU A 454 -2.38 20.42 15.15
N ASN A 455 -2.27 19.77 16.31
CA ASN A 455 -1.07 19.90 17.13
C ASN A 455 0.10 19.07 16.63
N GLY A 456 -0.02 18.41 15.47
CA GLY A 456 1.09 17.62 14.96
C GLY A 456 1.32 16.31 15.67
N ILE A 457 0.27 15.71 16.24
CA ILE A 457 0.36 14.43 16.93
C ILE A 457 -0.41 13.41 16.12
N ILE A 458 0.20 12.26 15.88
CA ILE A 458 -0.43 11.17 15.15
C ILE A 458 -1.39 10.43 16.08
N SER A 459 -2.58 10.11 15.55
CA SER A 459 -3.60 9.42 16.31
C SER A 459 -4.26 8.38 15.42
N ILE A 460 -4.86 7.37 16.07
CA ILE A 460 -5.48 6.23 15.39
C ILE A 460 -6.99 6.33 15.56
N GLU A 461 -7.71 6.22 14.46
CA GLU A 461 -9.16 6.28 14.43
C GLU A 461 -9.73 4.86 14.44
N PHE A 462 -10.72 4.62 15.31
CA PHE A 462 -11.57 3.44 15.21
C PHE A 462 -12.72 3.70 14.25
N VAL A 463 -12.63 3.10 13.06
CA VAL A 463 -13.62 3.33 12.01
C VAL A 463 -14.89 2.58 12.35
N ARG A 464 -15.97 3.30 12.66
CA ARG A 464 -17.21 2.72 13.14
C ARG A 464 -18.34 2.80 12.12
N ASN A 465 -18.15 3.49 11.00
CA ASN A 465 -19.23 3.71 10.03
C ASN A 465 -19.60 2.44 9.22
N ARG A 466 -19.06 1.27 9.53
CA ARG A 466 -19.28 0.08 8.74
C ARG A 466 -19.32 -1.13 9.67
N THR A 467 -19.97 -2.19 9.20
CA THR A 467 -19.90 -3.47 9.88
C THR A 467 -18.46 -4.01 9.90
N ASN A 468 -17.72 -3.79 8.82
CA ASN A 468 -16.29 -4.09 8.77
C ASN A 468 -15.51 -2.96 9.45
N THR A 469 -15.55 -2.96 10.78
CA THR A 469 -14.78 -1.98 11.54
C THR A 469 -13.29 -2.31 11.50
N PHE A 470 -12.46 -1.28 11.46
CA PHE A 470 -11.01 -1.45 11.47
C PHE A 470 -10.39 -0.17 12.02
N PHE A 471 -9.09 -0.24 12.31
CA PHE A 471 -8.33 0.89 12.84
C PHE A 471 -7.48 1.53 11.74
N ARG A 472 -7.51 2.85 11.68
CA ARG A 472 -6.93 3.61 10.57
C ARG A 472 -5.98 4.66 11.13
N ILE A 473 -4.79 4.75 10.54
CA ILE A 473 -3.84 5.83 10.85
C ILE A 473 -4.37 7.12 10.26
N VAL A 474 -4.66 8.11 11.12
CA VAL A 474 -5.32 9.31 10.63
C VAL A 474 -4.38 10.11 9.74
N ASP A 475 -3.15 10.37 10.19
CA ASP A 475 -2.25 11.21 9.41
C ASP A 475 -0.80 10.98 9.82
N ASP A 476 0.11 11.43 8.94
CA ASP A 476 1.55 11.34 9.12
C ASP A 476 2.15 12.66 9.57
N VAL A 477 1.45 13.37 10.46
CA VAL A 477 1.91 14.70 10.89
C VAL A 477 3.17 14.60 11.76
N THR A 478 3.83 15.75 11.90
CA THR A 478 5.13 15.87 12.56
C THR A 478 4.99 16.88 13.70
N THR A 479 5.81 16.71 14.73
CA THR A 479 5.69 17.56 15.91
C THR A 479 6.05 19.01 15.65
N PHE A 480 6.84 19.31 14.63
CA PHE A 480 6.86 20.66 14.05
C PHE A 480 5.68 20.79 13.10
N ASN A 481 4.72 21.64 13.45
CA ASN A 481 3.57 21.92 12.60
C ASN A 481 3.68 23.34 12.07
N ASP A 482 3.65 23.50 10.75
CA ASP A 482 3.63 24.82 10.15
C ASP A 482 2.85 24.73 8.85
N LYS A 483 1.88 25.63 8.66
CA LYS A 483 1.14 25.70 7.42
C LYS A 483 1.98 26.17 6.23
N SER A 484 3.07 26.89 6.50
CA SER A 484 3.82 27.55 5.43
C SER A 484 4.83 26.64 4.72
N ASP A 485 5.07 25.43 5.23
CA ASP A 485 6.02 24.54 4.57
C ASP A 485 5.59 23.07 4.69
N PRO A 486 5.13 22.44 3.61
CA PRO A 486 4.83 21.01 3.66
C PRO A 486 5.99 20.15 4.13
N VAL A 487 7.23 20.49 3.75
CA VAL A 487 8.34 19.56 3.90
C VAL A 487 8.62 19.31 5.38
N LYS A 488 8.32 20.26 6.25
CA LYS A 488 8.52 20.11 7.68
C LYS A 488 7.26 19.64 8.39
N ALA A 489 6.08 19.91 7.82
CA ALA A 489 4.81 19.50 8.41
C ALA A 489 4.52 18.02 8.20
N GLU A 490 4.72 17.52 6.97
CA GLU A 490 4.28 16.19 6.58
C GLU A 490 5.47 15.28 6.32
N MET A 491 5.49 14.15 7.02
CA MET A 491 6.63 13.23 7.01
C MET A 491 6.95 12.70 5.62
N ALA A 492 5.93 12.34 4.84
CA ALA A 492 6.16 11.72 3.53
C ALA A 492 6.83 12.66 2.54
N VAL A 493 6.48 13.95 2.56
CA VAL A 493 7.14 14.86 1.63
C VAL A 493 8.55 15.19 2.09
N GLY A 494 8.77 15.27 3.40
CA GLY A 494 10.13 15.33 3.92
C GLY A 494 10.99 14.17 3.46
N GLU A 495 10.45 12.95 3.54
CA GLU A 495 11.15 11.78 3.02
C GLU A 495 11.41 11.89 1.51
N ALA A 496 10.42 12.34 0.75
CA ALA A 496 10.63 12.54 -0.68
C ALA A 496 11.78 13.51 -0.93
N ASN A 497 11.80 14.63 -0.21
CA ASN A 497 12.89 15.59 -0.36
C ASN A 497 14.23 14.98 0.04
N ASP A 498 14.22 14.11 1.06
CA ASP A 498 15.45 13.41 1.45
C ASP A 498 15.92 12.42 0.41
N PHE A 499 15.05 11.97 -0.50
CA PHE A 499 15.39 10.94 -1.46
C PHE A 499 15.24 11.36 -2.92
N LEU A 500 14.68 12.54 -3.19
CA LEU A 500 14.49 12.97 -4.57
C LEU A 500 15.85 13.19 -5.25
N VAL A 501 15.81 13.24 -6.57
CA VAL A 501 17.00 13.32 -7.41
C VAL A 501 16.82 14.46 -8.41
N SER A 502 17.93 15.13 -8.72
CA SER A 502 17.91 16.42 -9.40
C SER A 502 18.82 16.37 -10.61
N GLU A 503 18.41 17.07 -11.67
CA GLU A 503 18.79 16.71 -13.04
C GLU A 503 19.01 17.97 -13.88
N ASP A 510 24.41 21.70 -20.98
CA ASP A 510 24.24 22.63 -22.09
C ASP A 510 24.75 24.02 -21.70
N GLN A 511 25.65 24.57 -22.52
CA GLN A 511 26.15 25.92 -22.30
C GLN A 511 26.50 26.57 -23.63
N PHE A 512 26.26 27.88 -23.71
CA PHE A 512 26.72 28.71 -24.82
C PHE A 512 27.26 30.00 -24.22
N ILE A 513 28.43 30.44 -24.69
CA ILE A 513 29.26 31.38 -23.96
C ILE A 513 29.34 32.70 -24.72
N GLY A 514 29.35 33.80 -23.95
CA GLY A 514 29.10 35.13 -24.48
C GLY A 514 30.04 35.59 -25.57
N THR A 515 31.21 34.96 -25.70
CA THR A 515 32.12 35.28 -26.80
C THR A 515 31.47 35.14 -28.16
N ARG A 516 30.44 34.30 -28.29
CA ARG A 516 29.69 34.17 -29.53
C ARG A 516 28.78 35.37 -29.81
N THR A 517 28.70 36.36 -28.92
CA THR A 517 27.82 37.51 -29.12
C THR A 517 28.45 38.76 -28.52
N ILE A 518 28.03 39.91 -29.05
CA ILE A 518 28.67 41.17 -28.71
C ILE A 518 28.18 41.70 -27.36
N ASN A 519 26.89 41.59 -27.07
CA ASN A 519 26.38 41.97 -25.76
C ASN A 519 25.08 41.22 -25.52
N THR A 520 24.70 41.15 -24.24
CA THR A 520 23.54 40.36 -23.83
C THR A 520 22.82 41.05 -22.68
N SER A 521 21.69 40.46 -22.30
CA SER A 521 20.92 40.88 -21.14
C SER A 521 20.10 39.68 -20.68
N ALA A 522 19.61 39.76 -19.45
CA ALA A 522 18.68 38.74 -18.94
C ALA A 522 17.46 38.54 -19.83
N SER A 523 16.99 39.60 -20.49
CA SER A 523 15.83 39.46 -21.38
C SER A 523 16.12 38.57 -22.59
N ILE A 524 17.25 38.79 -23.25
CA ILE A 524 17.60 37.94 -24.39
C ILE A 524 18.14 36.58 -23.95
N ILE A 525 18.73 36.47 -22.76
CA ILE A 525 19.06 35.15 -22.21
C ILE A 525 17.79 34.34 -22.00
N LYS A 526 16.78 34.95 -21.37
CA LYS A 526 15.50 34.28 -21.18
C LYS A 526 14.86 33.89 -22.51
N ASP A 527 14.81 34.81 -23.47
CA ASP A 527 14.20 34.48 -24.76
C ASP A 527 14.98 33.41 -25.52
N PHE A 528 16.30 33.43 -25.45
CA PHE A 528 17.11 32.36 -26.03
C PHE A 528 16.81 31.00 -25.40
N ILE A 529 16.90 30.91 -24.07
CA ILE A 529 16.67 29.62 -23.42
C ILE A 529 15.21 29.15 -23.60
N GLN A 530 14.26 30.08 -23.70
CA GLN A 530 12.90 29.72 -24.07
C GLN A 530 12.81 29.16 -25.50
N SER A 531 13.51 29.76 -26.45
CA SER A 531 13.53 29.21 -27.81
C SER A 531 14.17 27.83 -27.86
N TYR A 532 15.27 27.66 -27.10
CA TYR A 532 15.91 26.36 -27.00
C TYR A 532 14.96 25.31 -26.42
N LEU A 533 14.44 25.54 -25.22
CA LEU A 533 13.56 24.53 -24.63
C LEU A 533 12.25 24.38 -25.37
N GLY A 534 11.80 25.39 -26.11
CA GLY A 534 10.68 25.20 -27.03
C GLY A 534 11.00 24.20 -28.14
N ARG A 535 12.19 24.33 -28.73
CA ARG A 535 12.64 23.37 -29.73
C ARG A 535 12.79 21.97 -29.14
N LYS A 536 13.36 21.88 -27.95
CA LYS A 536 13.53 20.59 -27.29
C LYS A 536 12.20 19.93 -26.95
N LYS A 537 11.28 20.67 -26.33
CA LYS A 537 9.97 20.11 -26.04
C LYS A 537 9.14 19.82 -27.28
N ARG A 538 9.41 20.51 -28.40
CA ARG A 538 8.78 20.09 -29.65
C ARG A 538 9.35 18.76 -30.13
N ASP A 539 10.69 18.63 -30.13
CA ASP A 539 11.31 17.35 -30.44
C ASP A 539 10.87 16.27 -29.45
N ASN A 540 10.91 16.57 -28.16
CA ASN A 540 10.46 15.64 -27.14
C ASN A 540 8.97 15.77 -26.88
N PHE A 545 9.12 25.01 -22.47
CA PHE A 545 8.75 25.10 -21.06
C PHE A 545 8.09 26.47 -20.86
N PRO A 546 7.11 26.58 -19.95
CA PRO A 546 6.38 27.85 -19.84
C PRO A 546 7.28 29.03 -19.51
N ALA A 547 7.11 30.12 -20.25
CA ALA A 547 7.94 31.32 -20.06
C ALA A 547 7.70 31.96 -18.70
N GLU A 548 6.52 31.73 -18.12
CA GLU A 548 6.18 32.23 -16.79
C GLU A 548 6.93 31.52 -15.67
N ASP A 549 7.56 30.38 -15.96
CA ASP A 549 8.12 29.50 -14.94
C ASP A 549 9.65 29.43 -14.97
N VAL A 550 10.32 30.23 -15.80
CA VAL A 550 11.77 30.35 -15.77
C VAL A 550 12.17 31.75 -15.32
N GLN A 551 13.09 31.82 -14.37
CA GLN A 551 13.66 33.05 -13.85
C GLN A 551 15.12 33.13 -14.29
N VAL A 552 15.58 34.32 -14.67
CA VAL A 552 16.99 34.55 -14.98
C VAL A 552 17.51 35.71 -14.15
N ILE A 553 18.67 35.52 -13.53
CA ILE A 553 19.45 36.56 -12.87
C ILE A 553 20.83 36.53 -13.50
N VAL A 554 21.33 37.68 -13.94
CA VAL A 554 22.73 37.85 -14.33
C VAL A 554 23.43 38.69 -13.28
N GLU A 555 24.59 38.20 -12.83
CA GLU A 555 25.42 38.94 -11.89
C GLU A 555 26.89 38.60 -12.14
N GLY A 556 27.72 39.64 -12.25
CA GLY A 556 29.16 39.49 -12.25
C GLY A 556 29.75 38.53 -13.26
N ASN A 557 29.34 38.67 -14.52
CA ASN A 557 29.66 37.76 -15.63
C ASN A 557 29.00 36.39 -15.53
N GLU A 558 28.11 36.17 -14.56
CA GLU A 558 27.48 34.87 -14.36
C GLU A 558 25.97 35.03 -14.46
N ALA A 559 25.31 34.06 -15.12
CA ALA A 559 23.87 34.03 -15.23
C ALA A 559 23.33 32.75 -14.60
N ARG A 560 22.50 32.89 -13.57
CA ARG A 560 21.78 31.77 -12.97
C ARG A 560 20.39 31.69 -13.58
N ILE A 561 20.08 30.56 -14.21
CA ILE A 561 18.75 30.28 -14.75
C ILE A 561 18.10 29.27 -13.81
N SER A 562 16.95 29.64 -13.25
CA SER A 562 16.25 28.85 -12.25
C SER A 562 14.88 28.44 -12.80
N MET A 563 14.67 27.13 -12.98
CA MET A 563 13.36 26.61 -13.34
C MET A 563 12.57 26.26 -12.07
N THR A 564 11.26 26.47 -12.14
CA THR A 564 10.34 25.77 -11.26
C THR A 564 10.16 24.32 -11.69
N VAL A 565 9.95 23.45 -10.70
CA VAL A 565 9.65 22.04 -10.94
C VAL A 565 8.60 21.61 -9.92
N TYR A 566 7.80 20.61 -10.30
CA TYR A 566 6.66 20.17 -9.50
C TYR A 566 6.86 18.75 -8.99
N PRO A 567 7.06 18.54 -7.68
CA PRO A 567 7.15 17.17 -7.17
C PRO A 567 5.80 16.53 -6.92
N ILE A 568 5.83 15.21 -6.75
CA ILE A 568 4.63 14.40 -6.49
C ILE A 568 4.31 14.44 -5.00
N ARG A 569 3.16 15.02 -4.66
CA ARG A 569 2.62 14.98 -3.31
C ARG A 569 1.61 13.83 -3.17
N SER A 570 0.86 13.81 -2.06
CA SER A 570 -0.22 12.86 -1.82
C SER A 570 -1.46 13.58 -1.32
N PHE A 571 -2.62 13.19 -1.84
CA PHE A 571 -3.88 13.87 -1.51
C PHE A 571 -4.18 13.77 -0.03
N LYS A 572 -4.50 14.92 0.58
CA LYS A 572 -5.09 14.97 1.91
C LYS A 572 -6.54 15.44 1.92
N LYS A 573 -6.97 16.16 0.88
CA LYS A 573 -8.32 16.69 0.78
C LYS A 573 -8.93 16.31 -0.56
N ILE A 574 -10.20 15.92 -0.54
CA ILE A 574 -11.01 15.78 -1.75
C ILE A 574 -12.25 16.66 -1.58
N SER A 575 -12.47 17.56 -2.54
CA SER A 575 -13.62 18.46 -2.53
C SER A 575 -14.50 18.14 -3.73
N VAL A 576 -15.73 17.72 -3.46
CA VAL A 576 -16.70 17.39 -4.51
C VAL A 576 -17.80 18.44 -4.48
N SER A 577 -18.01 19.10 -5.61
CA SER A 577 -19.17 19.96 -5.85
C SER A 577 -20.20 19.17 -6.65
N LEU A 578 -21.35 18.90 -6.04
CA LEU A 578 -22.41 18.10 -6.65
C LEU A 578 -23.56 19.03 -7.01
N VAL A 579 -23.86 19.12 -8.30
CA VAL A 579 -24.91 19.99 -8.83
C VAL A 579 -26.05 19.12 -9.33
N TYR A 580 -27.24 19.30 -8.74
CA TYR A 580 -28.47 18.70 -9.23
C TYR A 580 -29.07 19.56 -10.34
N LYS A 581 -28.99 19.07 -11.58
CA LYS A 581 -29.76 19.63 -12.68
C LYS A 581 -31.06 18.83 -12.82
N GLN A 582 -31.94 19.29 -13.70
CA GLN A 582 -33.03 18.46 -14.18
C GLN A 582 -33.19 18.62 -15.69
N GLN A 583 -33.82 17.61 -16.29
CA GLN A 583 -33.80 17.37 -17.72
C GLN A 583 -35.22 17.09 -18.18
N THR A 584 -35.59 17.64 -19.34
CA THR A 584 -36.83 17.26 -19.99
C THR A 584 -36.62 16.02 -20.84
N LEU A 585 -37.32 14.94 -20.48
CA LEU A 585 -37.48 13.79 -21.36
C LEU A 585 -38.65 14.01 -22.30
N GLN A 586 -38.56 13.39 -23.48
CA GLN A 586 -39.61 13.49 -24.48
C GLN A 586 -39.67 12.17 -25.24
N ALA A 587 -40.87 11.80 -25.66
CA ALA A 587 -41.06 10.63 -26.51
C ALA A 587 -42.22 10.84 -27.47
N ALA B 2 -4.09 -4.04 -3.89
CA ALA B 2 -2.64 -4.02 -3.54
C ALA B 2 -1.82 -4.81 -4.55
N VAL B 3 -0.50 -4.69 -4.47
CA VAL B 3 0.43 -5.50 -5.24
C VAL B 3 1.44 -6.08 -4.26
N GLU B 4 1.74 -7.37 -4.42
CA GLU B 4 2.48 -8.12 -3.43
C GLU B 4 3.64 -8.86 -4.07
N PRO B 5 4.80 -8.93 -3.43
CA PRO B 5 5.91 -9.73 -3.97
C PRO B 5 5.80 -11.18 -3.54
N PHE B 6 6.29 -12.06 -4.41
CA PHE B 6 6.54 -13.45 -4.06
C PHE B 6 8.00 -13.76 -4.39
N PRO B 7 8.83 -14.20 -3.42
CA PRO B 7 8.54 -14.33 -1.98
C PRO B 7 8.31 -12.97 -1.34
N ARG B 8 7.84 -12.95 -0.10
CA ARG B 8 7.72 -11.70 0.63
C ARG B 8 9.07 -11.21 1.13
N ARG B 9 9.90 -12.10 1.64
CA ARG B 9 11.25 -11.74 2.01
C ARG B 9 12.13 -11.63 0.77
N PRO B 10 12.91 -10.57 0.61
CA PRO B 10 13.70 -10.41 -0.62
C PRO B 10 14.85 -11.40 -0.70
N ILE B 11 15.40 -11.52 -1.90
CA ILE B 11 16.56 -12.37 -2.18
C ILE B 11 17.60 -11.51 -2.87
N THR B 12 18.87 -11.69 -2.47
CA THR B 12 19.99 -11.01 -3.10
C THR B 12 20.57 -11.81 -4.28
N ARG B 13 20.89 -13.09 -4.04
CA ARG B 13 21.51 -13.93 -5.05
C ARG B 13 20.59 -14.11 -6.26
N PRO B 14 21.13 -14.55 -7.39
CA PRO B 14 20.34 -14.64 -8.63
C PRO B 14 19.08 -15.49 -8.44
N HIS B 15 17.95 -14.96 -8.89
CA HIS B 15 16.67 -15.58 -8.60
C HIS B 15 15.61 -14.99 -9.53
N ALA B 16 14.44 -15.61 -9.52
CA ALA B 16 13.23 -15.05 -10.10
C ALA B 16 12.26 -14.69 -8.99
N SER B 17 11.51 -13.61 -9.18
CA SER B 17 10.49 -13.22 -8.21
C SER B 17 9.27 -12.69 -8.93
N ILE B 18 8.11 -12.95 -8.33
CA ILE B 18 6.80 -12.69 -8.92
C ILE B 18 6.16 -11.54 -8.16
N GLU B 19 5.49 -10.66 -8.90
CA GLU B 19 4.75 -9.54 -8.33
C GLU B 19 3.34 -9.56 -8.93
N VAL B 20 2.34 -9.58 -8.06
CA VAL B 20 1.00 -10.03 -8.42
C VAL B 20 -0.01 -8.99 -7.99
N ASP B 21 -0.99 -8.73 -8.86
CA ASP B 21 -1.89 -7.59 -8.74
C ASP B 21 -3.30 -8.13 -8.81
N THR B 22 -4.11 -7.81 -7.80
CA THR B 22 -5.42 -8.41 -7.60
C THR B 22 -6.56 -7.43 -7.85
N SER B 23 -6.24 -6.17 -8.15
CA SER B 23 -7.26 -5.13 -8.29
C SER B 23 -8.31 -5.47 -9.33
N GLY B 24 -7.94 -6.19 -10.39
CA GLY B 24 -8.88 -6.52 -11.45
C GLY B 24 -9.94 -7.55 -11.08
N ILE B 25 -9.75 -8.29 -10.00
CA ILE B 25 -10.72 -9.29 -9.57
C ILE B 25 -11.32 -8.98 -8.19
N GLY B 26 -10.68 -8.16 -7.37
CA GLY B 26 -11.28 -7.70 -6.14
C GLY B 26 -12.65 -7.08 -6.35
N GLY B 27 -13.59 -7.42 -5.48
CA GLY B 27 -14.95 -6.97 -5.58
C GLY B 27 -15.12 -5.50 -5.22
N SER B 28 -16.38 -5.10 -5.10
CA SER B 28 -16.74 -3.76 -4.68
C SER B 28 -18.04 -3.83 -3.89
N ALA B 29 -18.24 -2.84 -3.02
CA ALA B 29 -19.49 -2.74 -2.27
C ALA B 29 -20.66 -2.49 -3.22
N GLY B 30 -21.67 -3.34 -3.11
CA GLY B 30 -22.95 -3.10 -3.77
C GLY B 30 -23.69 -1.92 -3.18
N SER B 31 -24.88 -1.70 -3.72
CA SER B 31 -25.78 -0.68 -3.17
C SER B 31 -26.04 -0.94 -1.69
N SER B 32 -25.93 0.12 -0.89
CA SER B 32 -26.21 0.01 0.54
C SER B 32 -27.62 -0.53 0.77
N GLU B 33 -27.82 -1.11 1.95
CA GLU B 33 -29.11 -1.63 2.36
C GLU B 33 -29.76 -0.71 3.39
N LYS B 34 -31.04 -0.43 3.19
CA LYS B 34 -31.87 0.16 4.23
C LYS B 34 -32.16 -0.86 5.32
N VAL B 35 -32.07 -0.42 6.58
CA VAL B 35 -32.41 -1.25 7.73
C VAL B 35 -33.33 -0.44 8.63
N PHE B 36 -34.31 -1.12 9.22
CA PHE B 36 -35.41 -0.48 9.93
C PHE B 36 -35.21 -0.63 11.43
N CYS B 37 -35.43 0.47 12.17
CA CYS B 37 -35.15 0.52 13.60
C CYS B 37 -36.43 0.77 14.39
N LEU B 38 -36.64 -0.03 15.44
CA LEU B 38 -37.82 0.06 16.28
C LEU B 38 -37.42 0.13 17.75
N ILE B 39 -38.09 0.97 18.53
CA ILE B 39 -37.89 1.10 19.96
C ILE B 39 -39.24 1.01 20.66
N GLY B 40 -39.36 0.09 21.61
CA GLY B 40 -40.67 -0.43 21.97
C GLY B 40 -40.73 -0.83 23.43
N GLN B 41 -41.91 -0.64 24.02
CA GLN B 41 -42.31 -1.41 25.20
C GLN B 41 -42.40 -2.89 24.85
N ALA B 42 -41.81 -3.72 25.71
CA ALA B 42 -41.84 -5.16 25.48
C ALA B 42 -41.58 -5.90 26.78
N GLU B 43 -41.94 -7.17 26.78
CA GLU B 43 -41.35 -8.18 27.65
C GLU B 43 -40.29 -8.92 26.86
N GLY B 44 -39.29 -9.48 27.57
CA GLY B 44 -38.34 -10.37 26.96
C GLY B 44 -36.90 -10.15 27.37
N GLY B 45 -36.01 -10.07 26.38
CA GLY B 45 -34.58 -9.95 26.62
C GLY B 45 -34.14 -8.70 27.33
N GLU B 46 -32.84 -8.63 27.61
CA GLU B 46 -32.25 -7.53 28.37
C GLU B 46 -32.60 -6.19 27.73
N PRO B 47 -33.05 -5.20 28.49
CA PRO B 47 -33.32 -3.89 27.92
C PRO B 47 -32.04 -3.15 27.56
N ASN B 48 -32.21 -2.10 26.75
CA ASN B 48 -31.14 -1.16 26.43
C ASN B 48 -29.97 -1.87 25.75
N THR B 49 -30.29 -2.80 24.87
CA THR B 49 -29.32 -3.36 23.93
C THR B 49 -30.05 -3.66 22.62
N VAL B 50 -29.32 -3.55 21.52
CA VAL B 50 -29.90 -3.64 20.18
C VAL B 50 -29.72 -5.07 19.67
N TYR B 51 -30.83 -5.70 19.27
CA TYR B 51 -30.82 -7.01 18.66
C TYR B 51 -31.09 -6.87 17.17
N GLU B 52 -30.23 -7.50 16.35
CA GLU B 52 -30.55 -7.71 14.95
C GLU B 52 -31.49 -8.89 14.84
N LEU B 53 -32.58 -8.72 14.09
CA LEU B 53 -33.59 -9.76 13.93
C LEU B 53 -33.86 -10.02 12.46
N ARG B 54 -34.04 -11.30 12.13
CA ARG B 54 -34.22 -11.78 10.77
C ARG B 54 -35.50 -12.58 10.58
N ASN B 55 -35.98 -13.25 11.63
CA ASN B 55 -37.15 -14.11 11.58
C ASN B 55 -38.12 -13.71 12.68
N TYR B 56 -39.41 -13.86 12.39
CA TYR B 56 -40.42 -13.69 13.42
C TYR B 56 -40.25 -14.69 14.55
N SER B 57 -39.83 -15.92 14.25
CA SER B 57 -39.58 -16.89 15.31
C SER B 57 -38.44 -16.44 16.23
N GLN B 58 -37.34 -16.01 15.64
CA GLN B 58 -36.24 -15.43 16.43
C GLN B 58 -36.72 -14.27 17.29
N ALA B 59 -37.49 -13.35 16.71
CA ALA B 59 -38.08 -12.26 17.49
C ALA B 59 -38.96 -12.78 18.63
N LYS B 60 -39.84 -13.72 18.35
CA LYS B 60 -40.73 -14.30 19.35
C LYS B 60 -40.00 -15.16 20.39
N ARG B 61 -38.71 -15.43 20.18
CA ARG B 61 -37.90 -15.99 21.25
C ARG B 61 -37.18 -14.89 22.03
N LEU B 62 -36.57 -13.93 21.34
CA LEU B 62 -35.89 -12.83 22.03
C LEU B 62 -36.90 -11.95 22.77
N PHE B 63 -38.11 -11.82 22.24
CA PHE B 63 -39.16 -11.02 22.85
C PHE B 63 -40.44 -11.85 22.91
N ARG B 64 -41.36 -11.42 23.77
CA ARG B 64 -42.67 -12.04 23.85
C ARG B 64 -43.72 -10.95 24.06
N SER B 65 -44.94 -11.27 23.66
CA SER B 65 -46.18 -10.73 24.24
C SER B 65 -46.09 -9.24 24.54
N GLY B 66 -45.85 -8.45 23.50
CA GLY B 66 -45.69 -7.03 23.69
C GLY B 66 -45.69 -6.28 22.37
N GLU B 67 -45.88 -4.97 22.47
CA GLU B 67 -46.13 -4.15 21.29
C GLU B 67 -44.94 -4.12 20.34
N LEU B 68 -43.72 -4.28 20.85
CA LEU B 68 -42.56 -4.40 19.98
C LEU B 68 -42.68 -5.59 19.04
N LEU B 69 -43.17 -6.72 19.53
CA LEU B 69 -43.29 -7.91 18.70
C LEU B 69 -44.40 -7.76 17.67
N ASP B 70 -45.51 -7.10 18.03
CA ASP B 70 -46.51 -6.73 17.05
C ASP B 70 -45.95 -5.77 16.00
N ALA B 71 -45.14 -4.81 16.43
CA ALA B 71 -44.54 -3.86 15.49
C ALA B 71 -43.63 -4.56 14.50
N ILE B 72 -42.79 -5.49 14.97
CA ILE B 72 -41.96 -6.30 14.08
C ILE B 72 -42.83 -7.13 13.12
N GLU B 73 -43.93 -7.68 13.63
CA GLU B 73 -44.85 -8.42 12.78
C GLU B 73 -45.43 -7.54 11.68
N LEU B 74 -45.95 -6.37 12.03
CA LEU B 74 -46.48 -5.46 11.01
C LEU B 74 -45.39 -5.03 10.04
N ALA B 75 -44.17 -4.81 10.53
CA ALA B 75 -43.08 -4.35 9.68
C ALA B 75 -42.74 -5.36 8.59
N TRP B 76 -42.67 -6.65 8.93
CA TRP B 76 -42.48 -7.65 7.89
C TRP B 76 -43.73 -7.97 7.09
N GLY B 77 -44.91 -7.98 7.71
CA GLY B 77 -46.11 -8.45 7.05
C GLY B 77 -46.75 -7.49 6.07
N SER B 78 -46.50 -6.20 6.20
CA SER B 78 -47.22 -5.20 5.42
C SER B 78 -46.62 -4.96 4.04
N ASN B 79 -45.59 -5.70 3.65
CA ASN B 79 -44.88 -5.50 2.38
C ASN B 79 -44.65 -6.82 1.63
N PRO B 80 -45.72 -7.59 1.38
CA PRO B 80 -45.54 -9.00 0.98
C PRO B 80 -44.75 -9.18 -0.31
N ASN B 81 -44.82 -8.21 -1.22
CA ASN B 81 -44.22 -8.31 -2.54
C ASN B 81 -42.70 -8.16 -2.52
N TYR B 82 -42.10 -7.74 -1.42
CA TYR B 82 -40.71 -7.31 -1.38
C TYR B 82 -39.92 -8.14 -0.39
N THR B 83 -38.63 -8.27 -0.65
CA THR B 83 -37.72 -8.99 0.22
C THR B 83 -37.75 -8.43 1.65
N ALA B 84 -37.88 -9.34 2.61
CA ALA B 84 -37.98 -8.98 4.02
C ALA B 84 -36.59 -8.64 4.55
N GLY B 85 -36.36 -7.37 4.84
CA GLY B 85 -35.08 -6.91 5.30
C GLY B 85 -34.83 -7.20 6.78
N ARG B 86 -33.59 -6.91 7.19
CA ARG B 86 -33.22 -6.94 8.60
C ARG B 86 -33.98 -5.88 9.38
N ILE B 87 -34.20 -6.15 10.67
CA ILE B 87 -34.76 -5.19 11.61
C ILE B 87 -33.84 -5.11 12.81
N LEU B 88 -33.62 -3.89 13.30
CA LEU B 88 -32.91 -3.63 14.55
C LEU B 88 -33.92 -3.18 15.61
N ALA B 89 -34.03 -3.94 16.69
CA ALA B 89 -35.05 -3.71 17.70
C ALA B 89 -34.40 -3.63 19.07
N MET B 90 -34.99 -2.80 19.94
CA MET B 90 -34.49 -2.64 21.30
C MET B 90 -35.65 -2.49 22.26
N ARG B 91 -35.73 -3.39 23.24
CA ARG B 91 -36.60 -3.19 24.39
C ARG B 91 -36.06 -2.03 25.21
N ILE B 92 -36.96 -1.24 25.79
CA ILE B 92 -36.56 -0.18 26.69
C ILE B 92 -37.32 -0.28 28.01
N GLU B 93 -36.56 -0.35 29.11
CA GLU B 93 -37.05 -0.14 30.46
C GLU B 93 -35.86 0.35 31.28
N ASP B 94 -36.13 1.23 32.24
CA ASP B 94 -35.11 1.53 33.24
C ASP B 94 -34.80 0.29 34.07
N ALA B 95 -33.54 0.16 34.46
CA ALA B 95 -33.06 -1.05 35.11
C ALA B 95 -33.63 -1.17 36.52
N GLU B 315 -39.58 0.10 35.20
CA GLU B 315 -40.43 1.28 35.35
C GLU B 315 -40.35 2.16 34.10
N PRO B 316 -41.37 3.00 33.87
CA PRO B 316 -41.39 3.81 32.65
C PRO B 316 -40.20 4.75 32.60
N PRO B 317 -39.54 4.89 31.45
CA PRO B 317 -38.42 5.85 31.36
C PRO B 317 -38.94 7.27 31.26
N ALA B 318 -38.28 8.18 31.98
CA ALA B 318 -38.52 9.60 31.79
C ALA B 318 -38.07 10.08 30.41
N THR B 319 -36.85 9.72 30.01
CA THR B 319 -36.25 10.19 28.77
C THR B 319 -35.70 9.03 27.95
N TRP B 320 -35.82 9.15 26.63
CA TRP B 320 -35.32 8.14 25.70
C TRP B 320 -34.02 8.56 25.03
N ALA B 321 -33.64 9.84 25.13
CA ALA B 321 -32.40 10.33 24.56
C ALA B 321 -31.19 9.54 25.04
N ASP B 322 -31.24 9.05 26.28
CA ASP B 322 -30.14 8.26 26.82
C ASP B 322 -29.98 6.91 26.14
N LYS B 323 -31.03 6.42 25.46
CA LYS B 323 -31.07 5.07 24.91
C LYS B 323 -31.00 5.06 23.39
N LEU B 324 -31.64 6.04 22.74
CA LEU B 324 -31.56 6.21 21.30
C LEU B 324 -30.12 6.24 20.80
N ASP B 325 -29.21 6.81 21.59
CA ASP B 325 -27.80 6.86 21.22
C ASP B 325 -27.18 5.49 20.96
N LYS B 326 -27.74 4.42 21.52
CA LYS B 326 -27.21 3.08 21.29
C LYS B 326 -27.47 2.56 19.88
N PHE B 327 -28.29 3.25 19.09
CA PHE B 327 -28.44 2.97 17.67
C PHE B 327 -27.39 3.64 16.81
N ALA B 328 -26.59 4.56 17.38
CA ALA B 328 -25.93 5.60 16.59
C ALA B 328 -25.03 5.01 15.50
N HIS B 329 -24.19 4.04 15.85
CA HIS B 329 -23.30 3.40 14.88
C HIS B 329 -23.80 2.05 14.40
N GLU B 330 -25.07 1.73 14.64
CA GLU B 330 -25.70 0.63 13.92
C GLU B 330 -26.02 1.05 12.50
N GLY B 331 -26.10 0.06 11.60
CA GLY B 331 -26.33 0.34 10.20
C GLY B 331 -27.78 0.61 9.84
N GLY B 332 -28.38 1.61 10.45
CA GLY B 332 -29.83 1.75 10.45
C GLY B 332 -30.23 3.14 10.00
N TYR B 333 -31.35 3.21 9.28
CA TYR B 333 -31.75 4.43 8.59
C TYR B 333 -33.10 4.97 9.04
N TYR B 334 -34.14 4.15 9.07
CA TYR B 334 -35.46 4.59 9.52
C TYR B 334 -35.69 4.23 10.98
N ILE B 335 -36.13 5.21 11.76
CA ILE B 335 -36.49 5.04 13.16
C ILE B 335 -37.99 5.21 13.27
N VAL B 336 -38.65 4.38 14.09
CA VAL B 336 -39.97 4.68 14.60
C VAL B 336 -39.96 4.50 16.12
N PRO B 337 -40.33 5.53 16.91
CA PRO B 337 -40.60 5.29 18.33
C PRO B 337 -42.02 4.79 18.53
N LEU B 338 -42.19 3.71 19.30
CA LEU B 338 -43.51 3.22 19.66
C LEU B 338 -44.10 3.99 20.84
N SER B 339 -44.30 5.29 20.64
CA SER B 339 -45.03 6.08 21.61
C SER B 339 -45.63 7.30 20.94
N SER B 340 -46.70 7.82 21.54
CA SER B 340 -47.42 8.97 21.04
C SER B 340 -46.92 10.31 21.57
N LYS B 341 -46.08 10.31 22.61
CA LYS B 341 -45.71 11.55 23.27
C LYS B 341 -44.90 12.45 22.34
N GLN B 342 -45.30 13.74 22.32
CA GLN B 342 -44.59 14.73 21.51
C GLN B 342 -43.15 14.90 21.95
N SER B 343 -42.89 14.79 23.25
CA SER B 343 -41.52 14.89 23.76
C SER B 343 -40.62 13.81 23.15
N VAL B 344 -41.10 12.57 23.12
CA VAL B 344 -40.36 11.49 22.47
C VAL B 344 -40.11 11.79 20.99
N HIS B 345 -41.13 12.30 20.30
CA HIS B 345 -40.97 12.71 18.90
C HIS B 345 -39.86 13.75 18.75
N ALA B 346 -39.84 14.77 19.62
CA ALA B 346 -38.76 15.75 19.60
C ALA B 346 -37.39 15.11 19.86
N GLU B 347 -37.31 14.22 20.85
CA GLU B 347 -36.07 13.49 21.12
C GLU B 347 -35.56 12.75 19.89
N VAL B 348 -36.41 11.97 19.23
CA VAL B 348 -35.96 11.24 18.03
C VAL B 348 -35.62 12.20 16.89
N ALA B 349 -36.37 13.30 16.76
CA ALA B 349 -36.03 14.32 15.76
C ALA B 349 -34.61 14.85 15.98
N SER B 350 -34.30 15.23 17.22
CA SER B 350 -32.96 15.68 17.58
C SER B 350 -31.91 14.61 17.31
N PHE B 351 -32.20 13.36 17.66
CA PHE B 351 -31.25 12.28 17.41
C PHE B 351 -30.97 12.09 15.92
N VAL B 352 -32.02 12.03 15.11
CA VAL B 352 -31.85 11.90 13.66
C VAL B 352 -31.06 13.06 13.09
N LYS B 353 -31.33 14.29 13.56
CA LYS B 353 -30.53 15.43 13.12
C LYS B 353 -29.06 15.27 13.53
N GLU B 354 -28.82 14.94 14.80
CA GLU B 354 -27.47 14.68 15.28
C GLU B 354 -26.72 13.70 14.38
N ARG B 355 -27.28 12.50 14.20
CA ARG B 355 -26.59 11.48 13.41
C ARG B 355 -26.39 11.92 11.97
N SER B 356 -27.39 12.58 11.37
CA SER B 356 -27.23 13.08 10.00
C SER B 356 -26.05 14.06 9.90
N ASP B 357 -26.00 15.03 10.81
CA ASP B 357 -24.89 15.97 10.85
C ASP B 357 -23.56 15.26 11.09
N ALA B 358 -23.56 14.21 11.89
CA ALA B 358 -22.34 13.40 12.06
C ALA B 358 -21.98 12.62 10.82
N GLY B 359 -22.86 12.55 9.82
CA GLY B 359 -22.63 11.76 8.62
C GLY B 359 -23.22 10.38 8.59
N GLU B 360 -24.23 10.09 9.42
CA GLU B 360 -24.96 8.82 9.38
C GLU B 360 -26.42 9.15 9.12
N PRO B 361 -26.81 9.36 7.85
CA PRO B 361 -28.14 9.91 7.59
C PRO B 361 -29.24 8.99 8.10
N MET B 362 -30.27 9.59 8.70
CA MET B 362 -31.42 8.85 9.18
C MET B 362 -32.68 9.66 8.94
N ARG B 363 -33.82 8.99 9.12
CA ARG B 363 -35.13 9.63 9.11
C ARG B 363 -35.98 9.03 10.20
N ALA B 364 -36.97 9.79 10.65
CA ALA B 364 -37.97 9.29 11.60
C ALA B 364 -39.35 9.38 10.99
N ILE B 365 -40.19 8.39 11.34
CA ILE B 365 -41.62 8.39 11.06
C ILE B 365 -42.36 8.39 12.37
N VAL B 366 -43.41 9.20 12.46
CA VAL B 366 -44.04 9.58 13.71
C VAL B 366 -45.55 9.47 13.53
N GLY B 367 -46.25 9.17 14.62
CA GLY B 367 -47.71 9.11 14.57
C GLY B 367 -48.32 9.49 15.90
N GLY B 368 -49.60 9.85 15.83
CA GLY B 368 -50.37 10.25 16.98
C GLY B 368 -50.89 9.11 17.85
N GLY B 369 -51.89 9.47 18.67
CA GLY B 369 -52.67 8.52 19.45
C GLY B 369 -53.76 7.81 18.67
N PHE B 370 -54.73 7.29 19.43
CA PHE B 370 -55.79 6.48 18.86
C PHE B 370 -56.70 7.28 17.93
N ASN B 371 -57.00 8.53 18.26
CA ASN B 371 -57.87 9.32 17.39
C ASN B 371 -57.63 10.79 17.64
N GLU B 372 -57.39 11.53 16.57
CA GLU B 372 -56.95 12.92 16.65
C GLU B 372 -57.66 13.76 15.60
N SER B 373 -58.06 14.96 16.01
CA SER B 373 -58.65 15.94 15.10
C SER B 373 -57.56 16.60 14.26
N LYS B 374 -57.98 17.16 13.13
CA LYS B 374 -57.09 17.99 12.31
C LYS B 374 -56.41 19.08 13.11
N GLU B 375 -57.12 19.73 14.03
CA GLU B 375 -56.50 20.74 14.89
C GLU B 375 -55.27 20.20 15.61
N GLN B 376 -55.43 19.10 16.34
CA GLN B 376 -54.31 18.45 17.02
C GLN B 376 -53.19 18.07 16.05
N LEU B 377 -53.52 17.52 14.89
CA LEU B 377 -52.50 17.18 13.89
C LEU B 377 -51.71 18.41 13.43
N PHE B 378 -52.40 19.49 13.07
CA PHE B 378 -51.71 20.74 12.74
C PHE B 378 -50.85 21.25 13.89
N GLY B 379 -51.34 21.14 15.13
CA GLY B 379 -50.52 21.50 16.27
C GLY B 379 -49.24 20.70 16.35
N ARG B 380 -49.34 19.38 16.17
CA ARG B 380 -48.15 18.54 16.15
C ARG B 380 -47.20 18.91 15.00
N GLN B 381 -47.74 19.11 13.81
CA GLN B 381 -46.89 19.48 12.67
C GLN B 381 -46.26 20.86 12.84
N ALA B 382 -46.89 21.74 13.60
CA ALA B 382 -46.23 22.96 14.05
C ALA B 382 -45.08 22.65 15.00
N SER B 383 -45.34 21.83 16.02
CA SER B 383 -44.32 21.47 16.99
C SER B 383 -43.10 20.83 16.33
N LEU B 384 -43.31 20.05 15.28
CA LEU B 384 -42.21 19.46 14.50
C LEU B 384 -42.40 19.78 13.02
N SER B 385 -41.76 20.85 12.57
CA SER B 385 -41.49 21.09 11.16
C SER B 385 -40.02 20.79 10.93
N ASN B 386 -39.73 19.76 10.12
CA ASN B 386 -38.40 19.19 10.07
C ASN B 386 -38.26 18.34 8.82
N PRO B 387 -37.21 18.52 8.00
CA PRO B 387 -37.10 17.71 6.77
C PRO B 387 -36.83 16.23 7.01
N ARG B 388 -36.60 15.80 8.25
CA ARG B 388 -36.32 14.40 8.55
C ARG B 388 -37.35 13.77 9.48
N VAL B 389 -38.56 14.33 9.58
CA VAL B 389 -39.65 13.72 10.31
C VAL B 389 -40.87 13.70 9.41
N SER B 390 -41.65 12.62 9.49
CA SER B 390 -42.94 12.49 8.82
C SER B 390 -44.00 12.08 9.83
N LEU B 391 -45.18 12.69 9.75
CA LEU B 391 -46.27 12.45 10.69
C LEU B 391 -47.38 11.69 9.97
N VAL B 392 -47.85 10.60 10.60
CA VAL B 392 -48.91 9.75 10.08
C VAL B 392 -50.21 10.07 10.82
N ALA B 393 -51.22 10.50 10.07
CA ALA B 393 -52.49 10.90 10.66
C ALA B 393 -53.33 9.70 11.10
N ASN B 394 -53.59 8.75 10.19
CA ASN B 394 -54.63 7.75 10.40
C ASN B 394 -54.23 6.67 11.40
N SER B 395 -55.22 6.23 12.17
CA SER B 395 -55.15 5.04 12.99
C SER B 395 -56.28 4.10 12.59
N GLY B 396 -56.06 2.79 12.78
CA GLY B 396 -56.94 1.82 12.20
C GLY B 396 -56.87 0.49 12.92
N THR B 397 -57.56 -0.50 12.35
CA THR B 397 -57.60 -1.86 12.86
C THR B 397 -56.85 -2.79 11.92
N PHE B 398 -55.85 -3.48 12.45
CA PHE B 398 -55.14 -4.53 11.73
C PHE B 398 -55.73 -5.89 12.08
N VAL B 399 -55.33 -6.90 11.30
CA VAL B 399 -55.61 -8.30 11.60
C VAL B 399 -54.30 -9.06 11.61
N MET B 400 -54.10 -9.88 12.65
CA MET B 400 -52.81 -10.41 13.03
C MET B 400 -52.78 -11.92 12.81
N ASP B 401 -51.56 -12.44 12.60
CA ASP B 401 -51.37 -13.88 12.37
C ASP B 401 -51.87 -14.72 13.53
N ASP B 402 -52.02 -14.14 14.72
CA ASP B 402 -52.65 -14.82 15.85
C ASP B 402 -54.17 -14.93 15.70
N GLY B 403 -54.74 -14.49 14.58
CA GLY B 403 -56.18 -14.55 14.40
C GLY B 403 -56.90 -13.53 15.25
N ARG B 404 -56.35 -12.32 15.35
CA ARG B 404 -56.80 -11.29 16.27
C ARG B 404 -57.01 -10.01 15.48
N LYS B 405 -57.99 -9.22 15.90
CA LYS B 405 -58.24 -7.92 15.30
C LYS B 405 -58.18 -6.89 16.42
N ASN B 406 -57.32 -5.89 16.26
CA ASN B 406 -56.94 -5.00 17.34
C ASN B 406 -56.93 -3.57 16.82
N HIS B 407 -57.56 -2.67 17.57
CA HIS B 407 -57.46 -1.25 17.31
C HIS B 407 -56.08 -0.79 17.78
N VAL B 408 -55.39 0.00 16.97
CA VAL B 408 -54.04 0.44 17.31
C VAL B 408 -53.88 1.95 17.13
N PRO B 409 -52.99 2.59 17.89
CA PRO B 409 -52.63 3.99 17.61
C PRO B 409 -51.89 4.17 16.30
N ALA B 410 -51.99 5.41 15.81
CA ALA B 410 -51.47 5.78 14.49
C ALA B 410 -49.98 5.52 14.33
N TYR B 411 -49.20 5.49 15.41
CA TYR B 411 -47.80 5.15 15.26
C TYR B 411 -47.58 3.70 14.85
N MET B 412 -48.51 2.79 15.14
CA MET B 412 -48.39 1.46 14.57
C MET B 412 -48.59 1.47 13.06
N VAL B 413 -49.46 2.35 12.57
CA VAL B 413 -49.54 2.58 11.13
C VAL B 413 -48.22 3.14 10.62
N ALA B 414 -47.60 4.04 11.38
CA ALA B 414 -46.26 4.50 11.02
C ALA B 414 -45.24 3.37 10.97
N VAL B 415 -45.37 2.38 11.85
CA VAL B 415 -44.52 1.19 11.75
C VAL B 415 -44.74 0.48 10.42
N ALA B 416 -46.01 0.32 10.02
CA ALA B 416 -46.28 -0.28 8.73
C ALA B 416 -45.67 0.52 7.58
N LEU B 417 -45.81 1.85 7.62
CA LEU B 417 -45.24 2.67 6.56
C LEU B 417 -43.72 2.61 6.54
N GLY B 418 -43.08 2.56 7.70
CA GLY B 418 -41.64 2.38 7.74
C GLY B 418 -41.18 1.04 7.22
N GLY B 419 -41.93 -0.02 7.53
CA GLY B 419 -41.65 -1.32 6.94
C GLY B 419 -41.72 -1.31 5.44
N LEU B 420 -42.75 -0.67 4.88
CA LEU B 420 -42.88 -0.61 3.44
C LEU B 420 -41.78 0.26 2.82
N ALA B 421 -41.52 1.42 3.40
CA ALA B 421 -40.50 2.31 2.85
C ALA B 421 -39.12 1.68 2.89
N SER B 422 -38.81 0.95 3.96
CA SER B 422 -37.52 0.26 4.04
C SER B 422 -37.45 -0.98 3.17
N GLY B 423 -38.59 -1.57 2.82
CA GLY B 423 -38.61 -2.64 1.84
C GLY B 423 -38.43 -2.18 0.40
N LEU B 424 -39.10 -1.09 0.03
CA LEU B 424 -38.96 -0.52 -1.30
C LEU B 424 -37.52 -0.20 -1.65
N GLU B 425 -37.24 -0.24 -2.95
CA GLU B 425 -35.93 0.11 -3.48
C GLU B 425 -35.55 1.54 -3.10
N ILE B 426 -34.24 1.83 -3.16
CA ILE B 426 -33.75 3.16 -2.82
C ILE B 426 -34.30 4.17 -3.81
N GLY B 427 -34.94 5.22 -3.29
CA GLY B 427 -35.51 6.25 -4.14
C GLY B 427 -36.85 5.90 -4.74
N GLU B 428 -37.53 4.87 -4.25
CA GLU B 428 -38.89 4.54 -4.66
C GLU B 428 -39.87 5.02 -3.60
N SER B 429 -40.93 5.68 -4.05
CA SER B 429 -41.83 6.39 -3.15
C SER B 429 -42.90 5.43 -2.61
N ILE B 430 -43.35 5.71 -1.39
CA ILE B 430 -44.53 5.04 -0.84
C ILE B 430 -45.85 5.65 -1.28
N THR B 431 -45.84 6.73 -2.04
CA THR B 431 -47.09 7.31 -2.52
C THR B 431 -47.81 6.36 -3.46
N PHE B 432 -49.12 6.21 -3.25
CA PHE B 432 -50.00 5.32 -4.02
C PHE B 432 -49.60 3.85 -3.95
N LYS B 433 -48.67 3.47 -3.07
CA LYS B 433 -48.53 2.07 -2.73
C LYS B 433 -49.72 1.62 -1.89
N PRO B 434 -50.15 0.37 -2.02
CA PRO B 434 -51.23 -0.12 -1.16
C PRO B 434 -50.78 -0.30 0.29
N LEU B 435 -51.78 -0.25 1.16
CA LEU B 435 -51.64 -0.51 2.59
C LEU B 435 -52.71 -1.51 2.98
N ARG B 436 -52.38 -2.38 3.93
CA ARG B 436 -53.23 -3.51 4.27
C ARG B 436 -53.64 -3.40 5.73
N VAL B 437 -54.94 -3.17 5.93
CA VAL B 437 -55.53 -2.82 7.21
C VAL B 437 -56.98 -3.31 7.17
N SER B 438 -57.50 -3.74 8.32
CA SER B 438 -58.90 -4.17 8.34
C SER B 438 -59.84 -2.98 8.19
N SER B 439 -59.55 -1.87 8.85
CA SER B 439 -60.40 -0.69 8.77
C SER B 439 -59.61 0.51 9.25
N LEU B 440 -60.12 1.69 8.92
CA LEU B 440 -59.64 2.95 9.50
C LEU B 440 -60.73 3.58 10.35
N ASP B 441 -60.32 4.17 11.48
CA ASP B 441 -61.28 4.80 12.37
C ASP B 441 -61.78 6.12 11.80
N GLN B 442 -60.88 6.91 11.22
CA GLN B 442 -61.21 8.16 10.52
C GLN B 442 -61.09 7.94 9.02
N ILE B 443 -62.21 8.02 8.32
CA ILE B 443 -62.23 8.05 6.85
C ILE B 443 -62.32 9.51 6.44
N TYR B 444 -61.21 10.04 5.91
CA TYR B 444 -61.13 11.42 5.49
C TYR B 444 -61.69 11.63 4.09
N GLU B 445 -62.46 12.70 3.94
CA GLU B 445 -62.97 13.12 2.63
C GLU B 445 -61.86 13.73 1.78
N SER B 446 -62.14 13.85 0.48
CA SER B 446 -61.19 14.40 -0.48
C SER B 446 -60.64 15.76 -0.05
N ILE B 447 -61.50 16.67 0.41
CA ILE B 447 -61.02 17.96 0.88
C ILE B 447 -60.19 17.78 2.15
N ASP B 448 -60.58 16.86 3.02
CA ASP B 448 -59.81 16.58 4.23
C ASP B 448 -58.40 16.10 3.88
N LEU B 449 -58.30 15.17 2.93
CA LEU B 449 -57.00 14.67 2.49
C LEU B 449 -56.17 15.76 1.83
N ASP B 450 -56.78 16.61 1.00
CA ASP B 450 -56.04 17.75 0.46
C ASP B 450 -55.53 18.68 1.55
N GLU B 451 -56.37 18.98 2.54
CA GLU B 451 -55.93 19.80 3.69
C GLU B 451 -54.71 19.19 4.38
N LEU B 452 -54.80 17.92 4.75
CA LEU B 452 -53.67 17.26 5.41
C LEU B 452 -52.44 17.19 4.53
N ASN B 453 -52.61 16.97 3.23
CA ASN B 453 -51.46 16.95 2.32
C ASN B 453 -50.79 18.31 2.23
N GLU B 454 -51.57 19.39 2.19
CA GLU B 454 -51.00 20.73 2.22
C GLU B 454 -50.20 20.97 3.50
N ASN B 455 -50.66 20.45 4.62
CA ASN B 455 -49.96 20.56 5.89
C ASN B 455 -48.82 19.55 6.03
N GLY B 456 -48.48 18.79 5.00
CA GLY B 456 -47.37 17.87 5.11
C GLY B 456 -47.59 16.72 6.06
N ILE B 457 -48.83 16.28 6.21
CA ILE B 457 -49.19 15.14 7.05
C ILE B 457 -49.61 14.00 6.13
N ILE B 458 -49.01 12.82 6.34
CA ILE B 458 -49.38 11.64 5.56
C ILE B 458 -50.75 11.15 5.98
N SER B 459 -51.57 10.84 4.98
CA SER B 459 -52.95 10.40 5.18
C SER B 459 -53.23 9.18 4.31
N ILE B 460 -54.18 8.36 4.75
CA ILE B 460 -54.54 7.11 4.09
C ILE B 460 -55.93 7.30 3.47
N GLU B 461 -56.02 7.06 2.17
CA GLU B 461 -57.26 7.24 1.41
C GLU B 461 -57.98 5.91 1.24
N PHE B 462 -59.26 5.89 1.56
CA PHE B 462 -60.12 4.74 1.26
C PHE B 462 -60.64 4.83 -0.17
N VAL B 463 -60.10 4.00 -1.05
CA VAL B 463 -60.54 3.99 -2.44
C VAL B 463 -61.91 3.34 -2.50
N ARG B 464 -62.88 4.05 -3.05
CA ARG B 464 -64.28 3.66 -3.02
C ARG B 464 -64.93 3.56 -4.39
N ASN B 465 -64.47 4.33 -5.37
CA ASN B 465 -65.09 4.30 -6.69
C ASN B 465 -64.77 3.04 -7.46
N ARG B 466 -63.59 2.45 -7.26
CA ARG B 466 -63.31 1.14 -7.84
C ARG B 466 -64.26 0.10 -7.24
N THR B 467 -64.56 -0.92 -8.05
CA THR B 467 -65.24 -2.11 -7.55
C THR B 467 -64.52 -2.68 -6.32
N ASN B 468 -63.20 -2.84 -6.43
CA ASN B 468 -62.39 -3.23 -5.28
C ASN B 468 -62.08 -2.02 -4.42
N THR B 469 -62.34 -2.15 -3.12
CA THR B 469 -62.08 -1.11 -2.14
C THR B 469 -60.81 -1.45 -1.37
N PHE B 470 -59.87 -0.52 -1.34
CA PHE B 470 -58.59 -0.73 -0.68
C PHE B 470 -58.07 0.62 -0.20
N PHE B 471 -57.02 0.57 0.62
CA PHE B 471 -56.42 1.75 1.23
C PHE B 471 -55.10 2.11 0.56
N ARG B 472 -55.03 3.33 0.02
CA ARG B 472 -53.79 3.90 -0.50
C ARG B 472 -53.11 4.75 0.55
N ILE B 473 -51.78 4.74 0.53
CA ILE B 473 -51.01 5.83 1.12
C ILE B 473 -51.06 7.00 0.15
N VAL B 474 -51.56 8.15 0.62
CA VAL B 474 -51.80 9.26 -0.29
C VAL B 474 -50.48 9.86 -0.78
N ASP B 475 -49.56 10.16 0.14
CA ASP B 475 -48.35 10.88 -0.25
C ASP B 475 -47.25 10.62 0.75
N ASP B 476 -46.01 10.89 0.30
CA ASP B 476 -44.80 10.78 1.12
C ASP B 476 -44.25 12.15 1.50
N VAL B 477 -45.13 13.11 1.77
CA VAL B 477 -44.70 14.44 2.18
C VAL B 477 -44.14 14.39 3.60
N THR B 478 -42.95 14.96 3.78
CA THR B 478 -42.41 15.17 5.11
C THR B 478 -43.17 16.28 5.82
N THR B 479 -42.95 16.36 7.14
CA THR B 479 -43.55 17.39 7.98
C THR B 479 -42.98 18.78 7.73
N PHE B 480 -41.96 18.91 6.89
CA PHE B 480 -41.33 20.20 6.63
C PHE B 480 -42.30 21.13 5.91
N ASN B 481 -42.28 22.40 6.31
CA ASN B 481 -43.28 23.36 5.87
C ASN B 481 -43.03 23.97 4.50
N ASP B 482 -41.80 24.03 4.02
CA ASP B 482 -41.49 24.64 2.73
C ASP B 482 -41.40 23.55 1.66
N LYS B 483 -42.34 23.60 0.71
CA LYS B 483 -42.46 22.65 -0.39
C LYS B 483 -41.64 23.03 -1.61
N SER B 484 -40.94 24.16 -1.56
CA SER B 484 -40.24 24.68 -2.74
C SER B 484 -39.05 23.81 -3.14
N ASP B 485 -38.38 23.17 -2.17
CA ASP B 485 -37.28 22.25 -2.48
C ASP B 485 -37.75 20.82 -2.23
N PRO B 486 -37.81 19.96 -3.26
CA PRO B 486 -38.26 18.57 -3.03
C PRO B 486 -37.28 17.73 -2.22
N VAL B 487 -35.98 18.05 -2.25
CA VAL B 487 -35.01 17.29 -1.48
C VAL B 487 -35.28 17.40 0.00
N LYS B 488 -35.90 18.49 0.43
CA LYS B 488 -36.33 18.66 1.81
C LYS B 488 -37.78 18.24 2.03
N ALA B 489 -38.65 18.43 1.04
CA ALA B 489 -40.06 18.12 1.20
C ALA B 489 -40.38 16.63 1.12
N GLU B 490 -39.75 15.89 0.21
CA GLU B 490 -40.18 14.53 -0.12
C GLU B 490 -39.15 13.50 0.33
N MET B 491 -39.64 12.45 1.00
CA MET B 491 -38.78 11.43 1.59
C MET B 491 -37.91 10.74 0.54
N ALA B 492 -38.50 10.39 -0.60
CA ALA B 492 -37.79 9.57 -1.59
C ALA B 492 -36.52 10.22 -2.09
N VAL B 493 -36.63 11.47 -2.57
CA VAL B 493 -35.47 12.13 -3.16
C VAL B 493 -34.49 12.56 -2.09
N GLY B 494 -34.97 12.92 -0.90
CA GLY B 494 -34.07 13.14 0.22
C GLY B 494 -33.25 11.90 0.57
N GLU B 495 -33.89 10.73 0.60
CA GLU B 495 -33.17 9.48 0.81
C GLU B 495 -32.15 9.22 -0.30
N ALA B 496 -32.55 9.41 -1.56
CA ALA B 496 -31.61 9.22 -2.66
C ALA B 496 -30.40 10.13 -2.53
N ASN B 497 -30.63 11.40 -2.20
CA ASN B 497 -29.55 12.35 -1.93
C ASN B 497 -28.63 11.86 -0.80
N ASP B 498 -29.23 11.45 0.32
CA ASP B 498 -28.43 10.98 1.46
C ASP B 498 -27.54 9.81 1.07
N PHE B 499 -28.09 8.81 0.41
CA PHE B 499 -27.27 7.66 0.04
C PHE B 499 -26.21 8.03 -1.00
N LEU B 500 -26.55 8.89 -1.97
CA LEU B 500 -25.58 9.28 -2.98
C LEU B 500 -24.38 10.00 -2.36
N VAL B 501 -24.63 10.97 -1.48
CA VAL B 501 -23.54 11.67 -0.80
C VAL B 501 -22.74 10.73 0.10
N SER B 502 -23.42 9.91 0.90
CA SER B 502 -22.71 8.99 1.79
C SER B 502 -21.78 8.05 1.02
N GLU B 503 -22.29 7.42 -0.04
CA GLU B 503 -21.48 6.52 -0.83
C GLU B 503 -20.34 7.23 -1.54
N LEU B 504 -20.58 8.42 -2.10
CA LEU B 504 -19.49 9.20 -2.69
C LEU B 504 -18.39 9.48 -1.67
N LYS B 505 -18.79 9.95 -0.49
CA LYS B 505 -17.81 10.26 0.55
C LYS B 505 -16.97 9.05 0.89
N VAL B 506 -17.61 7.98 1.37
CA VAL B 506 -16.86 6.85 1.93
C VAL B 506 -16.01 6.18 0.86
N GLN B 507 -16.53 6.07 -0.37
CA GLN B 507 -15.77 5.41 -1.42
C GLN B 507 -14.59 6.26 -1.89
N LEU B 508 -14.78 7.56 -2.11
CA LEU B 508 -13.63 8.38 -2.50
C LEU B 508 -12.59 8.43 -1.39
N GLU B 509 -13.03 8.50 -0.13
CA GLU B 509 -12.10 8.51 0.99
C GLU B 509 -11.21 7.28 0.99
N ASP B 510 -11.82 6.09 1.03
CA ASP B 510 -11.02 4.88 1.05
C ASP B 510 -10.29 4.61 -0.26
N GLN B 511 -10.78 5.12 -1.38
CA GLN B 511 -10.08 4.94 -2.66
C GLN B 511 -8.79 5.76 -2.76
N PHE B 512 -8.84 7.07 -2.47
CA PHE B 512 -7.78 7.97 -2.91
C PHE B 512 -6.97 8.66 -1.83
N ILE B 513 -7.49 8.87 -0.62
CA ILE B 513 -6.77 9.67 0.36
C ILE B 513 -5.52 8.92 0.80
N GLY B 514 -4.40 9.66 0.89
CA GLY B 514 -3.10 9.08 1.14
C GLY B 514 -2.39 8.52 -0.07
N THR B 515 -3.06 8.35 -1.20
CA THR B 515 -2.39 7.89 -2.42
C THR B 515 -1.54 8.99 -3.03
N ARG B 516 -0.50 8.57 -3.74
CA ARG B 516 0.40 9.49 -4.43
C ARG B 516 -0.33 10.23 -5.54
N THR B 517 -0.07 11.53 -5.64
CA THR B 517 -0.67 12.40 -6.66
C THR B 517 0.08 12.26 -7.98
N ILE B 518 0.06 11.04 -8.52
CA ILE B 518 0.74 10.75 -9.77
C ILE B 518 0.04 11.51 -10.90
N ASN B 519 0.81 11.88 -11.92
CA ASN B 519 0.35 12.79 -12.97
C ASN B 519 -0.97 12.36 -13.59
N THR B 520 -1.26 11.07 -13.62
CA THR B 520 -2.46 10.54 -14.27
C THR B 520 -3.67 10.52 -13.34
N SER B 521 -3.51 10.92 -12.07
CA SER B 521 -4.61 10.86 -11.11
C SER B 521 -5.84 11.62 -11.59
N ALA B 522 -5.64 12.69 -12.36
CA ALA B 522 -6.76 13.42 -12.95
C ALA B 522 -7.57 12.55 -13.91
N SER B 523 -6.93 11.59 -14.58
CA SER B 523 -7.68 10.58 -15.31
C SER B 523 -8.38 9.62 -14.36
N ILE B 524 -7.63 9.00 -13.45
CA ILE B 524 -8.12 7.87 -12.66
C ILE B 524 -9.34 8.27 -11.82
N ILE B 525 -9.33 9.48 -11.27
CA ILE B 525 -10.47 9.93 -10.47
C ILE B 525 -11.70 10.19 -11.33
N LYS B 526 -11.50 10.73 -12.53
CA LYS B 526 -12.63 10.89 -13.45
C LYS B 526 -13.21 9.53 -13.85
N ASP B 527 -12.34 8.58 -14.17
CA ASP B 527 -12.80 7.24 -14.53
C ASP B 527 -13.56 6.57 -13.38
N PHE B 528 -13.06 6.74 -12.15
CA PHE B 528 -13.78 6.23 -10.98
C PHE B 528 -15.16 6.86 -10.83
N ILE B 529 -15.24 8.19 -10.94
CA ILE B 529 -16.54 8.85 -10.78
C ILE B 529 -17.51 8.43 -11.89
N GLN B 530 -17.03 8.39 -13.13
CA GLN B 530 -17.91 7.95 -14.22
C GLN B 530 -18.39 6.50 -14.03
N SER B 531 -17.51 5.62 -13.53
CA SER B 531 -17.93 4.26 -13.22
C SER B 531 -19.01 4.22 -12.14
N TYR B 532 -18.76 4.92 -11.04
CA TYR B 532 -19.74 5.02 -9.96
C TYR B 532 -21.10 5.51 -10.45
N LEU B 533 -21.11 6.61 -11.19
CA LEU B 533 -22.38 7.17 -11.67
C LEU B 533 -23.05 6.28 -12.72
N GLY B 534 -22.27 5.60 -13.56
CA GLY B 534 -22.86 4.57 -14.41
C GLY B 534 -23.55 3.48 -13.63
N ARG B 535 -22.92 3.02 -12.54
CA ARG B 535 -23.55 2.05 -11.66
C ARG B 535 -24.83 2.58 -11.01
N LYS B 536 -24.80 3.83 -10.54
CA LYS B 536 -26.03 4.45 -10.03
C LYS B 536 -27.13 4.51 -11.07
N LYS B 537 -26.78 4.80 -12.33
CA LYS B 537 -27.78 4.81 -13.40
C LYS B 537 -28.34 3.41 -13.64
N ARG B 538 -27.46 2.41 -13.66
CA ARG B 538 -27.89 1.02 -13.83
C ARG B 538 -28.98 0.62 -12.83
N ASP B 539 -28.82 1.00 -11.56
CA ASP B 539 -29.79 0.63 -10.54
C ASP B 539 -31.01 1.55 -10.49
N ASN B 540 -31.13 2.48 -11.43
CA ASN B 540 -32.21 3.49 -11.42
C ASN B 540 -32.27 4.24 -10.09
N GLU B 541 -31.11 4.56 -9.54
CA GLU B 541 -31.02 5.40 -8.35
C GLU B 541 -30.75 6.85 -8.69
N ILE B 542 -30.35 7.13 -9.94
CA ILE B 542 -30.38 8.45 -10.54
C ILE B 542 -30.98 8.30 -11.93
N GLN B 543 -31.47 9.41 -12.47
CA GLN B 543 -32.05 9.35 -13.82
C GLN B 543 -30.95 9.25 -14.87
N ASP B 544 -29.97 10.14 -14.81
CA ASP B 544 -28.96 10.24 -15.85
C ASP B 544 -27.85 11.13 -15.29
N PHE B 545 -26.73 11.19 -16.02
CA PHE B 545 -25.74 12.23 -15.75
C PHE B 545 -25.02 12.60 -17.04
N PRO B 546 -24.60 13.86 -17.21
CA PRO B 546 -23.70 14.20 -18.31
C PRO B 546 -22.27 13.74 -18.00
N ALA B 547 -21.70 12.92 -18.88
CA ALA B 547 -20.34 12.44 -18.65
C ALA B 547 -19.33 13.58 -18.71
N GLU B 548 -19.53 14.54 -19.61
CA GLU B 548 -18.56 15.62 -19.80
C GLU B 548 -18.54 16.63 -18.68
N ASP B 549 -19.57 16.68 -17.83
CA ASP B 549 -19.52 17.53 -16.64
C ASP B 549 -18.67 16.93 -15.53
N VAL B 550 -18.28 15.66 -15.62
CA VAL B 550 -17.38 15.06 -14.64
C VAL B 550 -15.97 15.60 -14.91
N GLN B 551 -15.50 16.52 -14.07
CA GLN B 551 -14.28 17.26 -14.29
C GLN B 551 -13.46 17.27 -13.01
N VAL B 552 -12.15 17.09 -13.15
CA VAL B 552 -11.23 16.96 -12.02
C VAL B 552 -10.07 17.91 -12.22
N ILE B 553 -9.74 18.64 -11.15
CA ILE B 553 -8.58 19.53 -11.12
C ILE B 553 -7.73 19.11 -9.93
N VAL B 554 -6.43 18.98 -10.16
CA VAL B 554 -5.50 18.49 -9.14
C VAL B 554 -4.53 19.60 -8.77
N GLU B 555 -4.41 19.85 -7.47
CA GLU B 555 -3.42 20.76 -6.91
C GLU B 555 -2.74 20.02 -5.75
N GLY B 556 -1.58 20.51 -5.36
CA GLY B 556 -0.59 19.66 -4.71
C GLY B 556 -1.13 18.88 -3.54
N ASN B 557 -2.00 19.50 -2.74
CA ASN B 557 -2.59 18.84 -1.59
C ASN B 557 -3.97 18.25 -1.85
N GLU B 558 -4.65 18.66 -2.92
CA GLU B 558 -6.10 18.56 -2.99
C GLU B 558 -6.54 18.08 -4.36
N ALA B 559 -7.52 17.18 -4.37
CA ALA B 559 -8.34 16.90 -5.55
C ALA B 559 -9.63 17.70 -5.48
N ARG B 560 -9.93 18.44 -6.56
CA ARG B 560 -11.17 19.19 -6.70
C ARG B 560 -12.01 18.58 -7.81
N ILE B 561 -13.23 18.18 -7.48
CA ILE B 561 -14.07 17.33 -8.33
C ILE B 561 -15.39 18.05 -8.58
N SER B 562 -15.81 18.08 -9.84
CA SER B 562 -17.11 18.61 -10.25
C SER B 562 -17.93 17.52 -10.94
N MET B 563 -19.24 17.50 -10.68
CA MET B 563 -20.14 16.57 -11.33
C MET B 563 -21.53 17.17 -11.42
N THR B 564 -22.27 16.76 -12.45
CA THR B 564 -23.71 17.01 -12.57
C THR B 564 -24.48 15.70 -12.43
N VAL B 565 -25.59 15.74 -11.70
CA VAL B 565 -26.48 14.60 -11.54
C VAL B 565 -27.90 15.06 -11.87
N TYR B 566 -28.61 14.24 -12.64
CA TYR B 566 -30.06 14.36 -12.80
C TYR B 566 -30.75 13.39 -11.85
N PRO B 567 -31.41 13.84 -10.78
CA PRO B 567 -31.99 12.89 -9.82
C PRO B 567 -33.30 12.33 -10.35
N ILE B 568 -33.75 11.25 -9.70
CA ILE B 568 -34.93 10.50 -10.13
C ILE B 568 -36.12 10.92 -9.27
N ARG B 569 -37.21 11.32 -9.93
CA ARG B 569 -38.39 11.86 -9.28
C ARG B 569 -39.56 10.91 -9.50
N SER B 570 -40.39 10.74 -8.48
CA SER B 570 -41.66 10.04 -8.67
C SER B 570 -42.66 10.93 -9.41
N PHE B 571 -43.46 10.34 -10.28
CA PHE B 571 -44.60 11.05 -10.85
C PHE B 571 -45.61 11.39 -9.77
N LYS B 572 -45.92 12.69 -9.64
CA LYS B 572 -46.99 13.15 -8.77
C LYS B 572 -48.07 13.95 -9.50
N LYS B 573 -47.84 14.38 -10.73
CA LYS B 573 -48.85 14.98 -11.57
C LYS B 573 -48.81 14.38 -12.96
N ILE B 574 -49.99 14.06 -13.50
CA ILE B 574 -50.16 13.75 -14.92
C ILE B 574 -51.26 14.66 -15.47
N SER B 575 -50.94 15.38 -16.54
CA SER B 575 -51.88 16.28 -17.21
C SER B 575 -52.11 15.79 -18.62
N VAL B 576 -53.37 15.49 -18.96
CA VAL B 576 -53.75 15.05 -20.30
C VAL B 576 -54.50 16.19 -20.98
N SER B 577 -54.04 16.55 -22.18
CA SER B 577 -54.75 17.46 -23.07
C SER B 577 -55.34 16.66 -24.22
N LEU B 578 -56.66 16.74 -24.38
CA LEU B 578 -57.40 15.91 -25.33
C LEU B 578 -58.06 16.82 -26.35
N VAL B 579 -57.63 16.70 -27.61
CA VAL B 579 -58.13 17.52 -28.71
C VAL B 579 -59.04 16.65 -29.57
N TYR B 580 -60.35 16.90 -29.53
CA TYR B 580 -61.28 16.32 -30.48
C TYR B 580 -61.17 17.00 -31.83
N LYS B 581 -61.19 16.18 -32.89
CA LYS B 581 -60.96 16.64 -34.25
C LYS B 581 -61.81 15.80 -35.19
N GLN B 582 -62.23 16.39 -36.31
CA GLN B 582 -63.00 15.69 -37.33
C GLN B 582 -62.12 15.16 -38.46
N GLN B 583 -62.56 14.03 -39.01
CA GLN B 583 -61.99 13.42 -40.21
C GLN B 583 -63.13 13.12 -41.16
N THR B 584 -62.99 13.49 -42.42
CA THR B 584 -63.99 13.17 -43.44
C THR B 584 -63.68 11.81 -44.05
N LEU B 585 -64.45 10.80 -43.64
CA LEU B 585 -64.49 9.52 -44.33
C LEU B 585 -65.24 9.64 -45.65
N GLN B 586 -64.69 9.02 -46.69
CA GLN B 586 -65.38 8.95 -47.97
C GLN B 586 -65.03 7.63 -48.65
N ALA B 587 -65.92 7.20 -49.54
CA ALA B 587 -65.74 5.97 -50.31
C ALA B 587 -66.06 6.21 -51.78
N ALA C 2 21.69 -30.03 -23.33
CA ALA C 2 22.92 -29.48 -23.98
C ALA C 2 23.15 -30.13 -25.33
N VAL C 3 23.91 -29.47 -26.19
CA VAL C 3 24.52 -30.12 -27.34
C VAL C 3 25.71 -30.94 -26.85
N GLU C 4 25.72 -32.23 -27.19
CA GLU C 4 26.69 -33.17 -26.66
C GLU C 4 27.71 -33.53 -27.73
N PRO C 5 29.02 -33.38 -27.50
CA PRO C 5 29.98 -33.79 -28.52
C PRO C 5 30.20 -35.29 -28.51
N PHE C 6 30.26 -35.88 -29.69
CA PHE C 6 30.77 -37.24 -29.86
C PHE C 6 31.94 -37.21 -30.86
N PRO C 7 33.14 -37.70 -30.50
CA PRO C 7 33.56 -38.10 -29.15
C PRO C 7 33.59 -36.91 -28.20
N ARG C 8 33.60 -37.15 -26.89
CA ARG C 8 33.77 -36.07 -25.93
C ARG C 8 35.16 -35.46 -26.02
N ARG C 9 36.19 -36.29 -26.03
CA ARG C 9 37.55 -35.81 -26.26
C ARG C 9 37.75 -35.44 -27.73
N PRO C 10 38.18 -34.22 -28.05
CA PRO C 10 38.32 -33.84 -29.46
C PRO C 10 39.45 -34.60 -30.15
N ILE C 11 39.43 -34.51 -31.47
CA ILE C 11 40.42 -35.13 -32.35
C ILE C 11 40.95 -34.05 -33.29
N THR C 12 42.23 -34.16 -33.63
CA THR C 12 42.89 -33.20 -34.53
C THR C 12 43.52 -33.87 -35.73
N ARG C 13 43.29 -35.16 -35.95
CA ARG C 13 43.41 -35.76 -37.27
C ARG C 13 42.23 -35.31 -38.14
N PRO C 14 42.28 -35.61 -39.44
CA PRO C 14 41.02 -35.70 -40.20
C PRO C 14 40.08 -36.73 -39.58
N HIS C 15 38.84 -36.31 -39.35
CA HIS C 15 37.87 -37.15 -38.65
C HIS C 15 36.47 -36.60 -38.90
N ALA C 16 35.48 -37.35 -38.44
CA ALA C 16 34.09 -36.91 -38.38
C ALA C 16 33.63 -36.89 -36.93
N SER C 17 32.68 -36.00 -36.64
CA SER C 17 32.16 -35.87 -35.29
C SER C 17 30.68 -35.51 -35.33
N ILE C 18 29.96 -35.92 -34.29
CA ILE C 18 28.52 -35.77 -34.18
C ILE C 18 28.21 -34.89 -32.98
N GLU C 19 27.15 -34.08 -33.12
CA GLU C 19 26.71 -33.15 -32.07
C GLU C 19 25.21 -33.30 -31.89
N VAL C 20 24.79 -33.99 -30.83
CA VAL C 20 23.40 -34.43 -30.66
C VAL C 20 22.69 -33.47 -29.71
N ASP C 21 21.50 -33.02 -30.09
CA ASP C 21 20.67 -32.14 -29.29
C ASP C 21 19.45 -32.92 -28.80
N THR C 22 19.36 -33.09 -27.48
CA THR C 22 18.28 -33.84 -26.83
C THR C 22 17.13 -32.95 -26.35
N SER C 23 17.27 -31.62 -26.45
CA SER C 23 16.32 -30.70 -25.81
C SER C 23 14.90 -30.81 -26.35
N GLY C 24 14.70 -31.37 -27.54
CA GLY C 24 13.38 -31.55 -28.10
C GLY C 24 12.52 -32.63 -27.46
N ILE C 25 13.10 -33.51 -26.63
CA ILE C 25 12.42 -34.71 -26.16
C ILE C 25 12.33 -34.81 -24.65
N GLY C 26 12.81 -33.80 -23.90
CA GLY C 26 12.98 -33.95 -22.46
C GLY C 26 11.71 -33.89 -21.63
N GLY C 27 10.65 -33.27 -22.14
CA GLY C 27 9.46 -33.07 -21.30
C GLY C 27 9.70 -32.15 -20.11
N SER C 28 8.69 -32.10 -19.23
CA SER C 28 8.78 -31.33 -18.00
C SER C 28 7.78 -31.85 -16.97
N ALA C 29 7.99 -31.43 -15.72
CA ALA C 29 7.20 -31.91 -14.59
C ALA C 29 5.77 -31.39 -14.62
N GLY C 30 4.83 -32.28 -14.28
CA GLY C 30 3.43 -31.93 -14.16
C GLY C 30 3.09 -31.18 -12.88
N SER C 31 1.79 -30.89 -12.74
CA SER C 31 1.28 -30.14 -11.59
C SER C 31 1.63 -30.79 -10.26
N SER C 32 2.00 -29.95 -9.30
CA SER C 32 2.49 -30.43 -8.01
C SER C 32 1.39 -31.18 -7.24
N GLU C 33 1.81 -32.16 -6.45
CA GLU C 33 0.91 -32.89 -5.57
C GLU C 33 0.54 -32.04 -4.36
N LYS C 34 -0.76 -31.94 -4.07
CA LYS C 34 -1.23 -31.32 -2.83
C LYS C 34 -1.14 -32.29 -1.64
N VAL C 35 0.10 -32.72 -1.36
CA VAL C 35 0.34 -33.63 -0.24
C VAL C 35 -0.23 -33.03 1.05
N PHE C 36 -0.84 -33.89 1.87
CA PHE C 36 -1.54 -33.49 3.08
C PHE C 36 -0.75 -33.89 4.32
N CYS C 37 -0.65 -32.98 5.28
CA CYS C 37 0.21 -33.12 6.44
C CYS C 37 -0.61 -33.20 7.72
N LEU C 38 -0.30 -34.16 8.58
CA LEU C 38 -0.92 -34.29 9.90
C LEU C 38 0.16 -34.43 10.94
N ILE C 39 -0.09 -33.86 12.13
CA ILE C 39 0.80 -33.99 13.27
C ILE C 39 -0.03 -34.38 14.49
N GLY C 40 0.32 -35.50 15.11
CA GLY C 40 -0.64 -36.26 15.91
C GLY C 40 0.08 -37.07 16.96
N GLN C 41 -0.59 -37.29 18.09
CA GLN C 41 -0.19 -38.34 19.02
C GLN C 41 -0.46 -39.73 18.46
N ALA C 42 0.47 -40.65 18.70
CA ALA C 42 0.22 -42.08 18.56
C ALA C 42 1.34 -42.86 19.23
N GLU C 43 1.01 -44.07 19.67
CA GLU C 43 2.03 -45.07 19.99
C GLU C 43 2.76 -45.53 18.72
N GLY C 44 4.00 -45.96 18.91
CA GLY C 44 4.79 -46.45 17.81
C GLY C 44 5.33 -45.35 16.91
N GLY C 45 6.40 -45.69 16.19
CA GLY C 45 7.08 -44.76 15.31
C GLY C 45 8.09 -43.86 16.01
N GLU C 46 9.13 -43.49 15.27
CA GLU C 46 10.21 -42.68 15.84
C GLU C 46 9.73 -41.25 16.10
N PRO C 47 9.99 -40.68 17.27
CA PRO C 47 9.56 -39.30 17.53
C PRO C 47 10.27 -38.31 16.62
N ASN C 48 9.61 -37.17 16.40
CA ASN C 48 10.15 -36.06 15.61
C ASN C 48 10.52 -36.44 14.18
N THR C 49 10.02 -37.58 13.69
CA THR C 49 10.33 -38.08 12.36
C THR C 49 9.10 -37.92 11.48
N VAL C 50 9.28 -37.39 10.27
CA VAL C 50 8.21 -37.28 9.30
C VAL C 50 8.25 -38.50 8.40
N TYR C 51 7.13 -39.20 8.30
CA TYR C 51 6.97 -40.37 7.45
C TYR C 51 6.11 -40.02 6.24
N GLU C 52 6.62 -40.33 5.05
CA GLU C 52 5.76 -40.42 3.87
C GLU C 52 5.00 -41.73 3.92
N LEU C 53 3.69 -41.67 3.65
CA LEU C 53 2.82 -42.84 3.69
C LEU C 53 2.00 -42.94 2.42
N ARG C 54 1.77 -44.17 1.99
CA ARG C 54 1.07 -44.47 0.73
C ARG C 54 -0.10 -45.43 0.95
N ASN C 55 -0.01 -46.27 1.97
CA ASN C 55 -1.06 -47.23 2.29
C ASN C 55 -1.41 -47.15 3.77
N TYR C 56 -2.68 -47.41 4.07
CA TYR C 56 -3.10 -47.51 5.46
C TYR C 56 -2.41 -48.66 6.18
N SER C 57 -2.14 -49.76 5.48
CA SER C 57 -1.37 -50.84 6.06
C SER C 57 0.00 -50.37 6.57
N GLN C 58 0.70 -49.60 5.74
CA GLN C 58 1.98 -49.03 6.15
C GLN C 58 1.83 -48.13 7.37
N ALA C 59 0.81 -47.27 7.38
CA ALA C 59 0.57 -46.42 8.54
C ALA C 59 0.35 -47.25 9.80
N LYS C 60 -0.55 -48.24 9.74
CA LYS C 60 -0.82 -49.06 10.91
C LYS C 60 0.37 -49.91 11.33
N ARG C 61 1.32 -50.16 10.42
CA ARG C 61 2.59 -50.75 10.84
C ARG C 61 3.47 -49.75 11.57
N LEU C 62 3.53 -48.50 11.11
CA LEU C 62 4.30 -47.49 11.83
C LEU C 62 3.59 -47.04 13.11
N PHE C 63 2.31 -46.67 13.01
CA PHE C 63 1.55 -46.12 14.12
C PHE C 63 0.57 -47.17 14.60
N ARG C 64 0.49 -47.36 15.91
CA ARG C 64 -0.25 -48.47 16.50
C ARG C 64 -1.54 -47.96 17.15
N SER C 65 -2.56 -47.77 16.33
CA SER C 65 -3.92 -47.48 16.78
C SER C 65 -4.08 -46.16 17.52
N GLY C 66 -3.09 -45.27 17.48
CA GLY C 66 -3.28 -43.96 18.06
C GLY C 66 -4.20 -43.07 17.23
N GLU C 67 -4.51 -41.91 17.80
CA GLU C 67 -5.43 -40.96 17.18
C GLU C 67 -4.93 -40.49 15.83
N LEU C 68 -3.60 -40.42 15.64
CA LEU C 68 -3.03 -40.12 14.33
C LEU C 68 -3.49 -41.12 13.28
N LEU C 69 -3.56 -42.40 13.63
CA LEU C 69 -3.98 -43.41 12.65
C LEU C 69 -5.46 -43.27 12.32
N ASP C 70 -6.29 -42.91 13.30
CA ASP C 70 -7.69 -42.60 13.02
C ASP C 70 -7.80 -41.39 12.10
N ALA C 71 -6.99 -40.36 12.32
CA ALA C 71 -7.00 -39.20 11.45
C ALA C 71 -6.59 -39.56 10.03
N ILE C 72 -5.54 -40.36 9.86
CA ILE C 72 -5.17 -40.85 8.53
C ILE C 72 -6.31 -41.64 7.89
N GLU C 73 -7.01 -42.44 8.70
CA GLU C 73 -8.17 -43.19 8.21
C GLU C 73 -9.24 -42.26 7.66
N LEU C 74 -9.63 -41.25 8.44
CA LEU C 74 -10.61 -40.28 7.93
C LEU C 74 -10.08 -39.53 6.72
N ALA C 75 -8.78 -39.24 6.71
CA ALA C 75 -8.17 -38.45 5.65
C ALA C 75 -8.27 -39.14 4.29
N TRP C 76 -7.95 -40.43 4.24
CA TRP C 76 -8.18 -41.18 2.99
C TRP C 76 -9.63 -41.54 2.76
N GLY C 77 -10.33 -42.01 3.80
CA GLY C 77 -11.60 -42.71 3.62
C GLY C 77 -12.79 -41.82 3.30
N SER C 78 -12.67 -40.52 3.51
CA SER C 78 -13.86 -39.66 3.48
C SER C 78 -14.48 -39.58 2.08
N ASN C 79 -13.67 -39.54 1.02
CA ASN C 79 -14.19 -39.39 -0.33
C ASN C 79 -13.47 -40.31 -1.31
N PRO C 80 -14.00 -41.51 -1.55
CA PRO C 80 -13.24 -42.53 -2.26
C PRO C 80 -13.24 -42.39 -3.78
N ASN C 81 -14.05 -41.49 -4.34
CA ASN C 81 -14.09 -41.29 -5.78
C ASN C 81 -12.97 -40.38 -6.30
N TYR C 82 -11.97 -40.08 -5.48
CA TYR C 82 -10.80 -39.29 -5.88
C TYR C 82 -9.54 -40.10 -5.62
N THR C 83 -8.53 -39.90 -6.47
CA THR C 83 -7.28 -40.62 -6.32
C THR C 83 -6.61 -40.29 -4.99
N ALA C 84 -6.12 -41.32 -4.31
CA ALA C 84 -5.53 -41.15 -2.99
C ALA C 84 -4.20 -40.40 -3.10
N GLY C 85 -4.00 -39.41 -2.22
CA GLY C 85 -2.74 -38.71 -2.13
C GLY C 85 -1.79 -39.34 -1.13
N ARG C 86 -0.53 -38.93 -1.21
CA ARG C 86 0.43 -39.21 -0.15
C ARG C 86 0.10 -38.41 1.11
N ILE C 87 0.51 -38.94 2.26
CA ILE C 87 0.33 -38.30 3.55
C ILE C 87 1.70 -38.15 4.22
N LEU C 88 1.91 -37.03 4.89
CA LEU C 88 3.06 -36.81 5.76
C LEU C 88 2.59 -36.78 7.21
N ALA C 89 3.12 -37.68 8.03
CA ALA C 89 2.67 -37.87 9.41
C ALA C 89 3.86 -37.81 10.36
N MET C 90 3.61 -37.28 11.56
CA MET C 90 4.64 -37.12 12.57
C MET C 90 4.04 -37.31 13.95
N ARG C 91 4.84 -37.89 14.86
CA ARG C 91 4.40 -38.24 16.21
C ARG C 91 4.86 -37.16 17.19
N ILE C 92 3.92 -36.56 17.90
CA ILE C 92 4.22 -35.36 18.67
C ILE C 92 5.11 -35.66 19.88
N GLU C 93 4.75 -36.64 20.69
CA GLU C 93 5.47 -36.83 21.94
C GLU C 93 6.82 -37.51 21.73
N ASP C 94 7.78 -37.11 22.55
CA ASP C 94 9.04 -37.82 22.67
C ASP C 94 8.85 -39.12 23.44
N ALA C 95 9.54 -40.18 22.99
CA ALA C 95 9.36 -41.50 23.57
C ALA C 95 10.70 -42.22 23.52
N LYS C 96 11.14 -42.71 24.68
CA LYS C 96 12.36 -43.50 24.75
C LYS C 96 12.11 -44.93 24.24
N PRO C 97 13.06 -45.52 23.52
CA PRO C 97 12.99 -46.97 23.30
C PRO C 97 13.26 -47.74 24.57
N ALA C 98 12.77 -48.97 24.61
CA ALA C 98 13.08 -49.87 25.69
C ALA C 98 14.43 -50.52 25.46
N SER C 99 15.13 -50.84 26.56
CA SER C 99 16.48 -51.35 26.47
C SER C 99 16.76 -52.30 27.63
N ALA C 100 17.80 -53.11 27.46
CA ALA C 100 18.32 -53.97 28.50
C ALA C 100 19.82 -54.12 28.29
N GLU C 101 20.52 -54.51 29.35
CA GLU C 101 21.93 -54.86 29.26
C GLU C 101 22.16 -56.19 29.95
N ILE C 102 22.69 -57.15 29.19
CA ILE C 102 22.85 -58.52 29.68
C ILE C 102 23.86 -59.21 28.79
N GLY C 103 24.54 -60.20 29.34
CA GLY C 103 25.33 -61.14 28.56
C GLY C 103 26.41 -60.51 27.70
N GLY C 104 26.93 -59.35 28.08
CA GLY C 104 27.87 -58.64 27.25
C GLY C 104 27.29 -57.77 26.16
N LEU C 105 25.96 -57.67 26.04
CA LEU C 105 25.31 -56.98 24.94
C LEU C 105 24.39 -55.87 25.46
N LYS C 106 24.32 -54.79 24.69
CA LYS C 106 23.14 -53.94 24.66
C LYS C 106 22.03 -54.58 23.84
N ILE C 107 20.83 -54.63 24.41
CA ILE C 107 19.62 -54.98 23.68
C ILE C 107 18.76 -53.73 23.58
N THR C 108 18.28 -53.42 22.37
CA THR C 108 17.53 -52.20 22.12
C THR C 108 16.36 -52.52 21.21
N SER C 109 15.19 -51.94 21.54
CA SER C 109 14.03 -52.06 20.68
C SER C 109 14.14 -51.12 19.48
N LYS C 110 13.61 -51.56 18.34
CA LYS C 110 13.44 -50.69 17.19
C LYS C 110 12.13 -49.92 17.21
N ILE C 111 11.15 -50.35 18.01
CA ILE C 111 9.96 -49.56 18.29
C ILE C 111 10.20 -48.68 19.50
N TYR C 112 9.38 -47.62 19.61
CA TYR C 112 9.51 -46.60 20.63
C TYR C 112 8.19 -46.42 21.37
N GLY C 113 8.27 -46.24 22.68
CA GLY C 113 7.12 -46.11 23.55
C GLY C 113 6.92 -47.32 24.44
N ASN C 114 5.94 -47.17 25.35
CA ASN C 114 5.76 -48.09 26.46
C ASN C 114 5.52 -49.53 26.00
N VAL C 115 4.92 -49.70 24.82
CA VAL C 115 4.73 -51.04 24.25
C VAL C 115 6.05 -51.80 24.20
N ALA C 116 7.15 -51.09 23.95
CA ALA C 116 8.44 -51.75 23.79
C ALA C 116 8.91 -52.46 25.06
N ASN C 117 8.38 -52.10 26.22
CA ASN C 117 8.71 -52.84 27.44
C ASN C 117 8.11 -54.23 27.50
N ASN C 118 7.23 -54.59 26.56
CA ASN C 118 6.76 -55.97 26.44
C ASN C 118 7.71 -56.86 25.64
N ILE C 119 8.69 -56.30 24.94
CA ILE C 119 9.68 -57.13 24.25
C ILE C 119 10.55 -57.85 25.27
N GLN C 120 10.83 -59.12 25.00
CA GLN C 120 11.76 -59.90 25.80
C GLN C 120 12.54 -60.84 24.91
N VAL C 121 13.79 -61.09 25.28
CA VAL C 121 14.73 -61.88 24.49
C VAL C 121 15.54 -62.75 25.43
N GLY C 122 15.99 -63.89 24.91
CA GLY C 122 16.75 -64.83 25.72
C GLY C 122 17.67 -65.67 24.85
N LEU C 123 18.83 -66.01 25.42
CA LEU C 123 19.95 -66.58 24.68
C LEU C 123 20.48 -67.80 25.43
N GLU C 124 20.71 -68.88 24.69
CA GLU C 124 21.10 -70.15 25.28
C GLU C 124 22.12 -70.84 24.38
N LYS C 125 22.90 -71.73 24.97
CA LYS C 125 23.80 -72.60 24.23
C LYS C 125 23.05 -73.78 23.63
N ASN C 126 23.11 -73.91 22.32
CA ASN C 126 22.86 -75.18 21.64
C ASN C 126 24.14 -76.01 21.74
N THR C 127 24.18 -76.89 22.73
CA THR C 127 25.36 -77.73 22.98
C THR C 127 25.51 -78.87 21.98
N LEU C 128 24.58 -79.02 21.03
CA LEU C 128 24.68 -80.02 19.98
C LEU C 128 25.41 -79.49 18.76
N SER C 129 25.06 -78.28 18.33
CA SER C 129 25.73 -77.61 17.21
C SER C 129 26.93 -76.79 17.63
N ASP C 130 27.28 -76.80 18.92
CA ASP C 130 28.34 -75.94 19.45
C ASP C 130 28.12 -74.48 19.09
N SER C 131 26.89 -74.02 19.25
CA SER C 131 26.44 -72.74 18.73
C SER C 131 25.64 -72.04 19.83
N LEU C 132 25.34 -70.76 19.60
CA LEU C 132 24.26 -70.11 20.33
C LEU C 132 22.91 -70.41 19.69
N ARG C 133 21.86 -70.22 20.49
CA ARG C 133 20.49 -70.14 20.00
C ARG C 133 19.84 -68.94 20.66
N LEU C 134 19.22 -68.09 19.85
CA LEU C 134 18.60 -66.85 20.32
C LEU C 134 17.08 -66.97 20.18
N ARG C 135 16.36 -66.64 21.24
CA ARG C 135 14.91 -66.52 21.22
C ARG C 135 14.54 -65.04 21.28
N VAL C 136 13.60 -64.64 20.43
CA VAL C 136 12.94 -63.34 20.52
C VAL C 136 11.44 -63.59 20.48
N ILE C 137 10.72 -63.01 21.44
CA ILE C 137 9.27 -63.17 21.53
C ILE C 137 8.67 -61.83 21.93
N PHE C 138 7.55 -61.49 21.31
CA PHE C 138 6.87 -60.22 21.58
C PHE C 138 5.38 -60.46 21.38
N GLN C 139 4.58 -60.18 22.41
CA GLN C 139 3.20 -60.67 22.43
C GLN C 139 2.26 -59.80 21.61
N ASP C 140 2.48 -58.48 21.62
CA ASP C 140 1.51 -57.55 21.03
C ASP C 140 1.33 -57.76 19.54
N ASP C 141 2.30 -58.35 18.86
CA ASP C 141 2.19 -58.67 17.44
C ASP C 141 2.05 -60.16 17.17
N ARG C 142 1.96 -61.00 18.21
CA ARG C 142 2.11 -62.45 18.08
C ARG C 142 3.41 -62.81 17.36
N PHE C 143 4.50 -62.18 17.78
CA PHE C 143 5.79 -62.33 17.11
C PHE C 143 6.66 -63.28 17.92
N ASN C 144 7.20 -64.30 17.25
CA ASN C 144 8.15 -65.22 17.87
C ASN C 144 9.09 -65.72 16.79
N GLU C 145 10.40 -65.56 17.01
CA GLU C 145 11.40 -66.03 16.06
C GLU C 145 12.58 -66.63 16.82
N VAL C 146 13.18 -67.67 16.25
CA VAL C 146 14.35 -68.33 16.81
C VAL C 146 15.42 -68.39 15.73
N TYR C 147 16.65 -68.05 16.12
CA TYR C 147 17.81 -68.16 15.25
C TYR C 147 18.81 -69.14 15.88
N ASP C 148 19.20 -70.16 15.12
CA ASP C 148 19.95 -71.29 15.65
C ASP C 148 21.15 -71.60 14.74
N ASN C 149 22.08 -72.38 15.29
CA ASN C 149 23.40 -72.58 14.67
C ASN C 149 24.13 -71.25 14.48
N ILE C 150 23.98 -70.36 15.45
CA ILE C 150 24.55 -69.02 15.37
C ILE C 150 25.99 -69.05 15.85
N GLY C 151 26.87 -68.38 15.09
CA GLY C 151 28.28 -68.28 15.39
C GLY C 151 29.22 -69.00 14.45
N ASN C 152 28.91 -70.25 14.08
CA ASN C 152 29.74 -70.96 13.13
C ASN C 152 29.61 -70.32 11.76
N ILE C 153 30.76 -70.09 11.09
CA ILE C 153 30.78 -69.47 9.77
C ILE C 153 31.47 -70.37 8.74
N PHE C 154 32.65 -70.89 9.08
CA PHE C 154 33.32 -71.86 8.23
C PHE C 154 34.18 -72.77 9.09
N THR C 155 34.76 -73.78 8.46
CA THR C 155 35.56 -74.79 9.14
C THR C 155 36.83 -75.05 8.35
N ILE C 156 37.85 -75.57 9.05
CA ILE C 156 39.07 -76.09 8.43
C ILE C 156 39.35 -77.47 8.99
N LYS C 157 39.71 -78.40 8.10
CA LYS C 157 40.28 -79.69 8.47
C LYS C 157 41.70 -79.77 7.91
N TYR C 158 42.62 -80.26 8.72
CA TYR C 158 43.95 -80.66 8.26
C TYR C 158 44.03 -82.17 8.08
N LYS C 159 44.47 -82.60 6.90
CA LYS C 159 44.49 -84.01 6.51
C LYS C 159 45.90 -84.49 6.16
N GLY C 160 46.93 -83.71 6.45
CA GLY C 160 48.28 -84.19 6.37
C GLY C 160 48.60 -85.30 7.35
N GLU C 161 49.74 -85.96 7.09
CA GLU C 161 50.21 -87.06 7.92
C GLU C 161 50.94 -86.61 9.17
N GLU C 162 51.37 -85.34 9.22
CA GLU C 162 52.09 -84.86 10.39
C GLU C 162 51.16 -84.80 11.60
N ALA C 163 51.75 -85.06 12.77
CA ALA C 163 50.97 -85.13 14.01
C ALA C 163 50.46 -83.76 14.46
N ASN C 164 51.27 -82.71 14.34
CA ASN C 164 50.95 -81.41 14.91
C ASN C 164 50.50 -80.44 13.83
N ALA C 165 49.28 -79.92 14.00
CA ALA C 165 48.69 -78.92 13.11
C ALA C 165 47.62 -78.18 13.90
N THR C 166 47.71 -76.86 13.94
CA THR C 166 46.85 -76.05 14.79
C THR C 166 46.41 -74.79 14.05
N PHE C 167 45.20 -74.32 14.38
CA PHE C 167 44.63 -73.09 13.86
C PHE C 167 44.76 -71.99 14.91
N SER C 168 45.10 -70.79 14.45
CA SER C 168 45.33 -69.64 15.33
C SER C 168 44.96 -68.34 14.64
N VAL C 169 44.36 -67.42 15.38
CA VAL C 169 44.03 -66.08 14.91
C VAL C 169 44.73 -65.08 15.84
N GLU C 170 45.43 -64.12 15.24
CA GLU C 170 46.13 -63.09 16.00
C GLU C 170 45.21 -61.94 16.39
N HIS C 171 45.32 -61.51 17.65
CA HIS C 171 44.66 -60.29 18.11
C HIS C 171 45.25 -59.06 17.44
N ASP C 172 44.45 -57.99 17.37
CA ASP C 172 44.96 -56.63 17.29
C ASP C 172 44.49 -55.88 18.55
N GLU C 173 45.35 -55.89 19.57
CA GLU C 173 45.02 -55.30 20.87
C GLU C 173 44.62 -53.83 20.77
N GLU C 174 45.12 -53.11 19.76
CA GLU C 174 44.66 -51.74 19.54
C GLU C 174 43.16 -51.68 19.33
N THR C 175 42.62 -52.52 18.44
CA THR C 175 41.25 -52.40 17.97
C THR C 175 40.37 -53.59 18.35
N GLN C 176 40.96 -54.69 18.84
CA GLN C 176 40.32 -55.99 19.04
C GLN C 176 39.86 -56.65 17.74
N LYS C 177 40.27 -56.13 16.58
CA LYS C 177 39.98 -56.81 15.33
C LYS C 177 40.89 -58.03 15.16
N ALA C 178 40.56 -58.85 14.16
CA ALA C 178 41.48 -59.88 13.69
C ALA C 178 42.54 -59.23 12.80
N SER C 179 43.80 -59.36 13.21
CA SER C 179 44.90 -58.85 12.39
C SER C 179 45.30 -59.83 11.30
N ARG C 180 45.51 -61.09 11.67
CA ARG C 180 46.04 -62.08 10.75
C ARG C 180 45.44 -63.45 11.05
N LEU C 181 45.34 -64.27 10.01
CA LEU C 181 45.05 -65.69 10.15
C LEU C 181 46.35 -66.47 9.98
N VAL C 182 46.62 -67.39 10.90
CA VAL C 182 47.82 -68.21 10.89
C VAL C 182 47.42 -69.67 10.99
N LEU C 183 47.91 -70.48 10.06
CA LEU C 183 47.85 -71.94 10.15
C LEU C 183 49.23 -72.47 10.51
N LYS C 184 49.32 -73.22 11.59
CA LYS C 184 50.56 -73.85 12.01
C LYS C 184 50.54 -75.33 11.69
N VAL C 185 51.65 -75.84 11.16
CA VAL C 185 51.91 -77.27 11.11
C VAL C 185 53.30 -77.53 11.69
N GLY C 186 53.36 -78.41 12.69
CA GLY C 186 54.59 -78.65 13.41
C GLY C 186 55.08 -77.45 14.20
N ASP C 187 56.32 -77.06 13.96
CA ASP C 187 56.93 -75.91 14.62
C ASP C 187 56.88 -74.63 13.79
N GLN C 188 56.25 -74.66 12.62
CA GLN C 188 56.21 -73.50 11.74
C GLN C 188 54.79 -73.21 11.28
N GLU C 189 54.58 -71.97 10.83
CA GLU C 189 53.48 -71.66 9.93
C GLU C 189 53.75 -72.27 8.55
N VAL C 190 52.71 -72.82 7.95
CA VAL C 190 52.73 -73.21 6.54
C VAL C 190 52.24 -72.07 5.66
N LYS C 191 51.10 -71.47 6.01
CA LYS C 191 50.57 -70.31 5.32
C LYS C 191 49.85 -69.43 6.32
N SER C 192 49.79 -68.14 6.01
CA SER C 192 49.05 -67.20 6.85
C SER C 192 48.58 -66.02 5.99
N TYR C 193 47.55 -65.35 6.48
CA TYR C 193 46.80 -64.35 5.73
C TYR C 193 46.61 -63.12 6.60
N ASP C 194 46.63 -61.94 5.95
CA ASP C 194 46.30 -60.69 6.62
C ASP C 194 44.83 -60.39 6.40
N LEU C 195 44.10 -60.18 7.49
CA LEU C 195 42.65 -60.26 7.50
C LEU C 195 41.96 -58.91 7.37
N THR C 196 42.61 -57.81 7.72
CA THR C 196 41.99 -56.50 7.79
C THR C 196 42.44 -55.63 6.61
N GLY C 197 42.88 -56.25 5.52
CA GLY C 197 43.17 -55.50 4.32
C GLY C 197 43.57 -56.43 3.20
N GLY C 198 43.44 -55.91 1.98
CA GLY C 198 43.83 -56.64 0.79
C GLY C 198 42.88 -57.75 0.37
N ALA C 199 43.44 -58.69 -0.39
CA ALA C 199 42.68 -59.69 -1.11
C ALA C 199 41.87 -60.62 -0.20
N TYR C 200 42.24 -60.72 1.08
CA TYR C 200 41.63 -61.67 2.00
C TYR C 200 40.71 -61.00 3.01
N ASP C 201 40.26 -59.78 2.73
CA ASP C 201 39.34 -59.06 3.60
C ASP C 201 37.92 -59.63 3.62
N TYR C 202 37.65 -60.73 2.92
CA TYR C 202 36.40 -61.48 3.11
C TYR C 202 36.68 -62.97 3.29
N THR C 203 35.89 -63.59 4.17
CA THR C 203 36.07 -64.99 4.54
C THR C 203 35.99 -65.91 3.33
N ASN C 204 34.99 -65.70 2.47
CA ASN C 204 34.82 -66.54 1.28
C ASN C 204 36.07 -66.61 0.43
N ALA C 205 36.84 -65.53 0.37
CA ALA C 205 38.07 -65.57 -0.43
C ALA C 205 39.12 -66.44 0.23
N ILE C 206 39.19 -66.41 1.57
CA ILE C 206 40.10 -67.30 2.27
C ILE C 206 39.71 -68.75 2.04
N ILE C 207 38.41 -69.04 2.16
CA ILE C 207 37.90 -70.39 1.89
C ILE C 207 38.28 -70.84 0.49
N THR C 208 38.18 -69.92 -0.48
CA THR C 208 38.56 -70.25 -1.86
C THR C 208 40.05 -70.55 -1.97
N ASP C 209 40.89 -69.71 -1.39
CA ASP C 209 42.34 -69.93 -1.44
C ASP C 209 42.77 -71.17 -0.67
N ILE C 210 42.32 -71.34 0.57
CA ILE C 210 42.83 -72.43 1.40
C ILE C 210 42.52 -73.80 0.80
N ASN C 211 41.37 -73.93 0.13
CA ASN C 211 41.03 -75.19 -0.52
C ASN C 211 42.01 -75.57 -1.65
N GLN C 212 42.76 -74.60 -2.18
CA GLN C 212 43.84 -74.94 -3.11
C GLN C 212 44.97 -75.70 -2.42
N LEU C 213 45.26 -75.40 -1.16
CA LEU C 213 46.36 -76.10 -0.50
C LEU C 213 46.01 -77.58 -0.32
N PRO C 214 46.95 -78.49 -0.61
CA PRO C 214 46.62 -79.93 -0.54
C PRO C 214 46.18 -80.42 0.83
N ASP C 215 46.83 -79.95 1.90
CA ASP C 215 46.60 -80.49 3.23
C ASP C 215 45.34 -79.97 3.89
N PHE C 216 44.73 -78.91 3.37
CA PHE C 216 43.65 -78.21 4.06
C PHE C 216 42.42 -78.16 3.17
N GLU C 217 41.26 -78.20 3.81
CA GLU C 217 39.98 -78.06 3.12
C GLU C 217 39.00 -77.37 4.05
N ALA C 218 38.08 -76.61 3.46
CA ALA C 218 37.24 -75.68 4.21
C ALA C 218 35.85 -75.63 3.58
N LYS C 219 34.85 -75.38 4.43
CA LYS C 219 33.45 -75.37 4.01
C LYS C 219 32.69 -74.39 4.91
N LEU C 220 31.60 -73.85 4.37
CA LEU C 220 30.71 -73.00 5.15
C LEU C 220 29.96 -73.80 6.20
N SER C 221 29.30 -73.07 7.10
CA SER C 221 28.44 -73.69 8.10
C SER C 221 27.35 -74.53 7.41
N PRO C 222 26.86 -75.59 8.07
CA PRO C 222 25.80 -76.39 7.44
C PRO C 222 24.52 -75.61 7.21
N PHE C 223 24.06 -74.87 8.22
CA PHE C 223 22.87 -74.02 8.09
C PHE C 223 23.18 -72.70 7.40
N GLY C 224 22.14 -72.15 6.78
CA GLY C 224 22.10 -70.78 6.32
C GLY C 224 23.14 -70.45 5.25
N ASP C 225 23.46 -69.16 5.19
CA ASP C 225 24.44 -68.63 4.25
C ASP C 225 25.12 -67.46 4.95
N LYS C 226 26.41 -67.62 5.25
CA LYS C 226 27.12 -66.73 6.16
C LYS C 226 28.41 -66.27 5.51
N ASN C 227 28.59 -64.95 5.45
CA ASN C 227 29.88 -64.37 5.07
C ASN C 227 30.07 -63.07 5.81
N LEU C 228 31.33 -62.79 6.16
CA LEU C 228 31.68 -61.65 6.98
C LEU C 228 32.95 -61.01 6.42
N GLU C 229 33.03 -59.69 6.53
CA GLU C 229 34.33 -59.02 6.52
C GLU C 229 35.26 -59.68 7.54
N SER C 230 36.41 -60.16 7.04
CA SER C 230 37.30 -61.00 7.83
C SER C 230 37.78 -60.33 9.11
N SER C 231 37.70 -59.00 9.19
CA SER C 231 38.00 -58.29 10.43
C SER C 231 37.20 -58.78 11.62
N LYS C 232 35.99 -59.28 11.39
CA LYS C 232 35.11 -59.70 12.48
C LYS C 232 35.37 -61.13 12.96
N LEU C 233 36.36 -61.83 12.42
CA LEU C 233 36.65 -63.18 12.89
C LEU C 233 36.99 -63.16 14.38
N ASP C 234 36.45 -64.13 15.11
CA ASP C 234 36.66 -64.23 16.55
C ASP C 234 38.01 -64.87 16.90
N LYS C 235 38.53 -64.44 18.05
CA LYS C 235 39.85 -64.84 18.52
C LYS C 235 39.89 -66.33 18.87
N ILE C 236 40.70 -67.09 18.14
CA ILE C 236 40.87 -68.52 18.36
C ILE C 236 42.37 -68.79 18.42
N GLU C 237 42.78 -69.62 19.38
CA GLU C 237 44.18 -69.96 19.61
C GLU C 237 44.43 -71.46 19.56
N ASN C 238 45.40 -71.85 18.75
CA ASN C 238 45.97 -73.21 18.75
C ASN C 238 44.92 -74.32 18.61
N ALA C 239 43.86 -74.09 17.83
CA ALA C 239 42.79 -75.06 17.73
C ALA C 239 43.21 -76.23 16.84
N ASN C 240 43.06 -77.45 17.34
CA ASN C 240 43.68 -78.65 16.76
C ASN C 240 42.89 -79.13 15.54
N ILE C 241 43.10 -78.46 14.41
CA ILE C 241 42.43 -78.81 13.16
C ILE C 241 42.79 -80.21 12.65
N LYS C 242 43.81 -80.86 13.20
CA LYS C 242 44.16 -82.20 12.74
C LYS C 242 43.13 -83.24 13.17
N ASP C 243 42.72 -83.22 14.44
CA ASP C 243 41.84 -84.27 14.96
C ASP C 243 40.47 -84.18 14.31
N LYS C 244 39.89 -82.99 14.28
CA LYS C 244 38.54 -82.78 13.76
C LYS C 244 38.50 -81.45 13.04
N ALA C 245 37.49 -81.30 12.18
CA ALA C 245 37.28 -80.03 11.50
C ALA C 245 36.79 -78.98 12.50
N VAL C 246 37.70 -78.09 12.88
CA VAL C 246 37.36 -77.01 13.81
C VAL C 246 36.47 -76.00 13.10
N TYR C 247 35.34 -75.65 13.73
CA TYR C 247 34.55 -74.52 13.26
C TYR C 247 35.22 -73.21 13.70
N VAL C 248 35.49 -72.34 12.72
CA VAL C 248 35.81 -70.94 12.97
C VAL C 248 34.52 -70.20 13.29
N LYS C 249 34.61 -69.20 14.18
CA LYS C 249 33.44 -68.56 14.74
C LYS C 249 33.57 -67.04 14.60
N ALA C 250 32.41 -66.40 14.39
CA ALA C 250 32.19 -65.02 14.80
C ALA C 250 30.81 -64.95 15.41
N VAL C 251 30.72 -64.46 16.64
CA VAL C 251 29.48 -64.52 17.40
C VAL C 251 28.68 -63.24 17.22
N PHE C 252 29.28 -62.10 17.60
CA PHE C 252 28.62 -60.82 17.41
C PHE C 252 28.39 -60.52 15.93
N GLY C 253 29.36 -60.86 15.08
CA GLY C 253 29.18 -60.63 13.65
C GLY C 253 28.03 -61.43 13.06
N ASP C 254 27.87 -62.68 13.51
CA ASP C 254 26.75 -63.50 13.04
C ASP C 254 25.42 -63.01 13.61
N LEU C 255 25.40 -62.60 14.88
CA LEU C 255 24.21 -61.96 15.43
C LEU C 255 23.80 -60.75 14.61
N GLU C 256 24.72 -59.80 14.42
CA GLU C 256 24.46 -58.63 13.59
C GLU C 256 23.93 -59.02 12.22
N LYS C 257 24.62 -59.91 11.51
CA LYS C 257 24.24 -60.23 10.14
C LYS C 257 22.85 -60.85 10.04
N GLN C 258 22.57 -61.87 10.86
CA GLN C 258 21.28 -62.55 10.75
C GLN C 258 20.11 -61.70 11.26
N THR C 259 20.32 -60.89 12.29
CA THR C 259 19.29 -59.98 12.78
C THR C 259 19.11 -58.74 11.92
N ALA C 260 19.92 -58.56 10.87
CA ALA C 260 19.86 -57.35 10.05
C ALA C 260 18.43 -57.07 9.57
N TYR C 261 17.72 -58.11 9.14
CA TYR C 261 16.34 -58.00 8.68
C TYR C 261 15.32 -58.08 9.81
N ASN C 262 15.74 -58.37 11.04
CA ASN C 262 14.83 -58.37 12.17
C ASN C 262 14.39 -56.93 12.45
N GLY C 263 13.08 -56.73 12.43
CA GLY C 263 12.41 -55.46 12.69
C GLY C 263 12.11 -55.11 14.12
N ILE C 264 12.42 -55.96 15.10
CA ILE C 264 11.98 -55.77 16.47
C ILE C 264 13.13 -55.36 17.39
N VAL C 265 14.31 -55.96 17.24
CA VAL C 265 15.43 -55.74 18.16
C VAL C 265 16.70 -55.50 17.37
N SER C 266 17.51 -54.56 17.84
CA SER C 266 18.88 -54.33 17.38
C SER C 266 19.84 -54.57 18.54
N PHE C 267 21.05 -55.04 18.21
CA PHE C 267 22.02 -55.46 19.22
C PHE C 267 23.32 -54.70 19.05
N GLU C 268 23.93 -54.37 20.19
CA GLU C 268 25.24 -53.72 20.24
C GLU C 268 26.01 -54.29 21.42
N GLN C 269 27.34 -54.24 21.34
CA GLN C 269 28.21 -54.96 22.25
C GLN C 269 28.88 -54.01 23.25
N LEU C 270 28.96 -54.46 24.50
CA LEU C 270 29.56 -53.69 25.57
C LEU C 270 31.08 -53.72 25.47
N ASN C 271 31.72 -52.57 25.61
CA ASN C 271 33.17 -52.53 25.78
C ASN C 271 33.54 -52.83 27.23
N SER C 295 40.27 -51.04 24.34
CA SER C 295 39.44 -51.28 25.52
C SER C 295 39.19 -52.79 25.70
N PRO C 296 39.00 -53.24 26.94
CA PRO C 296 38.48 -54.60 27.14
C PRO C 296 37.06 -54.72 26.59
N ILE C 297 36.74 -55.90 26.07
CA ILE C 297 35.43 -56.19 25.51
C ILE C 297 34.89 -57.45 26.17
N LYS C 298 33.61 -57.44 26.49
CA LYS C 298 32.99 -58.51 27.25
C LYS C 298 32.69 -59.71 26.36
N THR C 299 32.99 -60.91 26.86
CA THR C 299 32.69 -62.12 26.12
C THR C 299 31.18 -62.34 26.04
N ILE C 300 30.70 -62.67 24.84
CA ILE C 300 29.29 -62.98 24.65
C ILE C 300 28.97 -64.31 25.33
N GLU C 301 27.99 -64.30 26.22
CA GLU C 301 27.62 -65.46 27.01
C GLU C 301 26.10 -65.61 27.07
N PRO C 302 25.58 -66.85 27.08
CA PRO C 302 24.13 -67.03 27.17
C PRO C 302 23.58 -66.49 28.48
N PHE C 303 22.29 -66.12 28.44
CA PHE C 303 21.63 -65.53 29.60
C PHE C 303 20.17 -65.92 29.61
N GLU C 304 19.62 -66.04 30.82
CA GLU C 304 18.18 -66.23 31.00
C GLU C 304 17.41 -65.07 30.40
N LEU C 305 16.29 -65.39 29.75
CA LEU C 305 15.47 -64.43 29.05
C LEU C 305 15.08 -63.25 29.93
N THR C 306 15.25 -62.02 29.40
CA THR C 306 14.96 -60.80 30.12
C THR C 306 14.00 -59.93 29.32
N LYS C 307 13.13 -59.21 30.04
CA LYS C 307 12.36 -58.14 29.45
C LYS C 307 13.20 -56.88 29.25
N LEU C 308 12.86 -56.13 28.20
CA LEU C 308 13.34 -54.77 28.06
C LEU C 308 12.62 -53.81 29.01
N LYS C 309 13.32 -52.76 29.41
CA LYS C 309 12.83 -51.80 30.40
C LYS C 309 13.10 -50.38 29.93
N GLY C 310 12.43 -49.43 30.60
CA GLY C 310 12.68 -48.01 30.41
C GLY C 310 12.10 -47.37 29.17
N GLY C 311 11.45 -48.14 28.29
CA GLY C 311 10.73 -47.54 27.19
C GLY C 311 9.50 -46.81 27.69
N THR C 312 9.39 -45.51 27.42
CA THR C 312 8.21 -44.75 27.83
C THR C 312 8.09 -43.50 26.98
N ASN C 313 6.84 -43.07 26.80
CA ASN C 313 6.54 -41.69 26.43
C ASN C 313 6.96 -40.73 27.54
N GLY C 314 7.37 -39.52 27.13
CA GLY C 314 7.48 -38.39 28.03
C GLY C 314 6.18 -37.62 28.17
N GLU C 315 6.28 -36.47 28.83
CA GLU C 315 5.17 -35.52 28.85
C GLU C 315 4.94 -34.91 27.47
N PRO C 316 3.69 -34.60 27.12
CA PRO C 316 3.41 -33.95 25.84
C PRO C 316 4.07 -32.58 25.77
N PRO C 317 4.69 -32.21 24.65
CA PRO C 317 5.49 -30.98 24.64
C PRO C 317 4.60 -29.74 24.76
N ALA C 318 5.08 -28.78 25.56
CA ALA C 318 4.41 -27.51 25.74
C ALA C 318 4.36 -26.67 24.47
N THR C 319 5.35 -26.80 23.59
CA THR C 319 5.35 -26.16 22.29
C THR C 319 5.58 -27.17 21.16
N TRP C 320 4.82 -26.99 20.09
CA TRP C 320 4.96 -27.77 18.87
C TRP C 320 5.76 -27.04 17.78
N ALA C 321 6.16 -25.78 18.06
CA ALA C 321 6.81 -24.95 17.05
C ALA C 321 8.04 -25.63 16.46
N ASP C 322 8.98 -26.05 17.31
CA ASP C 322 10.20 -26.72 16.88
C ASP C 322 9.97 -28.09 16.24
N LYS C 323 8.78 -28.68 16.38
CA LYS C 323 8.44 -29.90 15.66
C LYS C 323 7.76 -29.62 14.32
N LEU C 324 6.86 -28.65 14.27
CA LEU C 324 6.31 -28.20 12.99
C LEU C 324 7.41 -27.79 12.01
N ASP C 325 8.52 -27.27 12.52
CA ASP C 325 9.67 -26.96 11.67
C ASP C 325 10.14 -28.14 10.84
N LYS C 326 9.94 -29.38 11.32
CA LYS C 326 10.38 -30.54 10.54
C LYS C 326 9.64 -30.68 9.23
N PHE C 327 8.42 -30.14 9.11
CA PHE C 327 7.73 -30.18 7.82
C PHE C 327 8.31 -29.23 6.80
N ALA C 328 9.19 -28.32 7.21
CA ALA C 328 9.83 -27.41 6.27
C ALA C 328 10.63 -28.16 5.23
N HIS C 329 10.42 -27.81 3.96
CA HIS C 329 10.97 -28.48 2.78
C HIS C 329 10.46 -29.91 2.56
N GLU C 330 9.53 -30.39 3.39
CA GLU C 330 8.66 -31.49 2.98
C GLU C 330 7.52 -30.93 2.15
N GLY C 331 7.45 -31.32 0.88
CA GLY C 331 6.68 -30.61 -0.11
C GLY C 331 5.18 -30.82 -0.01
N GLY C 332 4.60 -30.45 1.12
CA GLY C 332 3.17 -30.69 1.37
C GLY C 332 2.49 -29.41 1.80
N TYR C 333 1.24 -29.26 1.38
CA TYR C 333 0.59 -27.94 1.29
C TYR C 333 -0.44 -27.69 2.37
N TYR C 334 -1.29 -28.66 2.70
CA TYR C 334 -2.26 -28.50 3.78
C TYR C 334 -1.80 -29.21 5.04
N ILE C 335 -1.96 -28.54 6.17
CA ILE C 335 -1.60 -29.05 7.49
C ILE C 335 -2.86 -29.02 8.36
N VAL C 336 -3.04 -30.04 9.19
CA VAL C 336 -3.99 -29.99 10.29
C VAL C 336 -3.26 -30.42 11.56
N PRO C 337 -3.18 -29.58 12.60
CA PRO C 337 -2.74 -30.08 13.90
C PRO C 337 -3.90 -30.75 14.63
N LEU C 338 -3.65 -31.94 15.17
CA LEU C 338 -4.68 -32.65 15.94
C LEU C 338 -4.75 -32.13 17.38
N SER C 339 -5.14 -30.86 17.52
CA SER C 339 -5.39 -30.30 18.83
C SER C 339 -6.41 -29.16 18.73
N SER C 340 -7.14 -28.96 19.81
CA SER C 340 -8.12 -27.88 19.93
C SER C 340 -7.56 -26.63 20.59
N LYS C 341 -6.30 -26.65 21.03
CA LYS C 341 -5.73 -25.56 21.82
C LYS C 341 -5.38 -24.37 20.93
N GLN C 342 -5.90 -23.19 21.32
CA GLN C 342 -5.65 -21.96 20.57
C GLN C 342 -4.17 -21.68 20.41
N SER C 343 -3.37 -21.96 21.44
CA SER C 343 -1.92 -21.78 21.34
C SER C 343 -1.32 -22.60 20.20
N VAL C 344 -1.73 -23.86 20.07
CA VAL C 344 -1.29 -24.69 18.95
C VAL C 344 -1.74 -24.11 17.62
N HIS C 345 -2.97 -23.57 17.58
CA HIS C 345 -3.46 -22.96 16.35
C HIS C 345 -2.65 -21.71 15.97
N ALA C 346 -2.28 -20.89 16.94
CA ALA C 346 -1.42 -19.75 16.65
C ALA C 346 -0.02 -20.19 16.22
N GLU C 347 0.52 -21.23 16.85
CA GLU C 347 1.78 -21.81 16.42
C GLU C 347 1.75 -22.21 14.95
N VAL C 348 0.79 -23.05 14.57
CA VAL C 348 0.72 -23.51 13.18
C VAL C 348 0.42 -22.34 12.24
N ALA C 349 -0.39 -21.37 12.67
CA ALA C 349 -0.59 -20.15 11.88
C ALA C 349 0.73 -19.46 11.57
N SER C 350 1.55 -19.25 12.60
CA SER C 350 2.86 -18.64 12.41
C SER C 350 3.76 -19.47 11.49
N PHE C 351 3.75 -20.80 11.65
CA PHE C 351 4.56 -21.64 10.79
C PHE C 351 4.13 -21.55 9.33
N VAL C 352 2.83 -21.65 9.07
CA VAL C 352 2.30 -21.45 7.73
C VAL C 352 2.73 -20.10 7.16
N LYS C 353 2.61 -19.05 7.97
CA LYS C 353 3.02 -17.71 7.53
C LYS C 353 4.49 -17.66 7.13
N GLU C 354 5.38 -18.15 8.00
CA GLU C 354 6.80 -18.04 7.70
C GLU C 354 7.20 -18.93 6.52
N ARG C 355 6.61 -20.12 6.38
CA ARG C 355 6.93 -20.93 5.22
C ARG C 355 6.42 -20.28 3.93
N SER C 356 5.22 -19.70 3.97
CA SER C 356 4.70 -18.98 2.82
C SER C 356 5.62 -17.84 2.42
N ASP C 357 5.99 -17.00 3.39
CA ASP C 357 6.83 -15.84 3.10
C ASP C 357 8.22 -16.24 2.62
N ALA C 358 8.74 -17.39 3.06
CA ALA C 358 10.00 -17.91 2.54
C ALA C 358 9.84 -18.55 1.16
N GLY C 359 8.63 -18.60 0.61
CA GLY C 359 8.41 -19.11 -0.72
C GLY C 359 8.01 -20.56 -0.81
N GLU C 360 7.58 -21.16 0.30
CA GLU C 360 7.00 -22.51 0.33
C GLU C 360 5.57 -22.34 0.81
N PRO C 361 4.62 -22.08 -0.10
CA PRO C 361 3.24 -21.83 0.32
C PRO C 361 2.66 -22.95 1.16
N MET C 362 1.73 -22.59 2.04
CA MET C 362 1.09 -23.52 2.95
C MET C 362 -0.31 -23.04 3.25
N ARG C 363 -1.13 -23.95 3.79
CA ARG C 363 -2.36 -23.58 4.48
C ARG C 363 -2.57 -24.52 5.65
N ALA C 364 -3.30 -24.05 6.65
CA ALA C 364 -3.74 -24.88 7.76
C ALA C 364 -5.25 -24.83 7.90
N ILE C 365 -5.82 -25.95 8.35
CA ILE C 365 -7.22 -26.06 8.70
C ILE C 365 -7.30 -26.48 10.17
N VAL C 366 -8.26 -25.90 10.89
CA VAL C 366 -8.26 -25.89 12.35
C VAL C 366 -9.70 -26.14 12.81
N GLY C 367 -9.84 -26.71 14.00
CA GLY C 367 -11.17 -26.92 14.56
C GLY C 367 -11.17 -26.87 16.08
N GLY C 368 -12.37 -26.64 16.62
CA GLY C 368 -12.59 -26.60 18.05
C GLY C 368 -12.64 -27.94 18.74
N GLY C 369 -13.15 -27.90 19.97
CA GLY C 369 -13.34 -29.09 20.80
C GLY C 369 -14.59 -29.86 20.47
N PHE C 370 -15.14 -30.52 21.48
CA PHE C 370 -16.26 -31.44 21.26
C PHE C 370 -17.54 -30.69 20.92
N ASN C 371 -17.97 -29.75 21.75
CA ASN C 371 -19.10 -28.90 21.39
C ASN C 371 -18.97 -27.57 22.12
N GLU C 372 -18.77 -26.50 21.35
CA GLU C 372 -18.37 -25.20 21.86
C GLU C 372 -19.28 -24.14 21.26
N SER C 373 -19.70 -23.20 22.09
CA SER C 373 -20.78 -22.30 21.70
C SER C 373 -20.34 -21.31 20.63
N LYS C 374 -21.33 -20.80 19.91
CA LYS C 374 -21.13 -19.88 18.80
C LYS C 374 -20.32 -18.65 19.19
N GLU C 375 -20.47 -18.19 20.45
CA GLU C 375 -19.61 -17.14 20.96
C GLU C 375 -18.15 -17.59 20.94
N GLN C 376 -17.89 -18.85 21.28
CA GLN C 376 -16.52 -19.32 21.32
C GLN C 376 -15.92 -19.39 19.92
N LEU C 377 -16.76 -19.73 18.93
CA LEU C 377 -16.30 -19.76 17.54
C LEU C 377 -15.96 -18.36 17.04
N PHE C 378 -16.79 -17.36 17.36
CA PHE C 378 -16.38 -15.99 17.05
C PHE C 378 -15.13 -15.57 17.82
N GLY C 379 -15.00 -16.00 19.07
CA GLY C 379 -13.77 -15.74 19.81
C GLY C 379 -12.54 -16.25 19.09
N ARG C 380 -12.56 -17.52 18.68
CA ARG C 380 -11.46 -18.09 17.94
C ARG C 380 -11.21 -17.36 16.63
N GLN C 381 -12.27 -17.06 15.88
CA GLN C 381 -12.08 -16.39 14.60
C GLN C 381 -11.48 -15.00 14.77
N ALA C 382 -11.85 -14.27 15.81
CA ALA C 382 -11.24 -12.98 16.08
C ALA C 382 -9.79 -13.11 16.56
N SER C 383 -9.51 -14.09 17.41
CA SER C 383 -8.17 -14.29 17.93
C SER C 383 -7.19 -14.85 16.90
N LEU C 384 -7.66 -15.25 15.71
CA LEU C 384 -6.85 -15.97 14.75
C LEU C 384 -7.37 -15.63 13.35
N SER C 385 -7.25 -14.36 12.98
CA SER C 385 -7.59 -13.89 11.65
C SER C 385 -6.33 -13.87 10.78
N ASN C 386 -6.35 -14.67 9.73
CA ASN C 386 -5.19 -14.92 8.88
C ASN C 386 -5.73 -15.56 7.60
N PRO C 387 -5.37 -15.07 6.41
CA PRO C 387 -5.93 -15.66 5.19
C PRO C 387 -5.45 -17.07 4.88
N ARG C 388 -4.49 -17.60 5.63
CA ARG C 388 -3.99 -18.95 5.45
C ARG C 388 -4.42 -19.93 6.55
N VAL C 389 -5.47 -19.60 7.31
CA VAL C 389 -6.05 -20.53 8.28
C VAL C 389 -7.55 -20.59 8.04
N SER C 390 -8.13 -21.76 8.29
CA SER C 390 -9.57 -21.97 8.27
C SER C 390 -10.03 -22.70 9.52
N LEU C 391 -11.19 -22.31 10.04
CA LEU C 391 -11.75 -22.87 11.27
C LEU C 391 -13.03 -23.61 10.93
N VAL C 392 -13.18 -24.83 11.46
CA VAL C 392 -14.35 -25.68 11.20
C VAL C 392 -15.23 -25.68 12.44
N ALA C 393 -16.49 -25.32 12.26
CA ALA C 393 -17.42 -25.18 13.38
C ALA C 393 -17.87 -26.53 13.94
N ASN C 394 -18.47 -27.37 13.08
CA ASN C 394 -19.22 -28.52 13.57
C ASN C 394 -18.32 -29.65 14.07
N SER C 395 -18.86 -30.39 15.04
CA SER C 395 -18.31 -31.61 15.57
C SER C 395 -19.36 -32.72 15.45
N GLY C 396 -18.92 -33.97 15.33
CA GLY C 396 -19.84 -35.02 14.98
C GLY C 396 -19.26 -36.41 15.14
N THR C 397 -19.91 -37.36 14.49
CA THR C 397 -19.55 -38.78 14.57
C THR C 397 -19.26 -39.37 13.20
N PHE C 398 -18.33 -40.31 13.18
CA PHE C 398 -17.96 -41.07 12.00
C PHE C 398 -18.07 -42.55 12.32
N VAL C 399 -18.26 -43.35 11.27
CA VAL C 399 -18.21 -44.80 11.37
C VAL C 399 -16.88 -45.25 10.78
N MET C 400 -16.09 -45.95 11.59
CA MET C 400 -14.73 -46.33 11.26
C MET C 400 -14.71 -47.66 10.51
N ASP C 401 -13.61 -47.89 9.79
CA ASP C 401 -13.39 -49.18 9.15
C ASP C 401 -13.27 -50.32 10.16
N ASP C 402 -13.01 -50.01 11.44
CA ASP C 402 -13.07 -51.01 12.49
C ASP C 402 -14.49 -51.40 12.87
N GLY C 403 -15.50 -50.65 12.40
CA GLY C 403 -16.87 -50.88 12.79
C GLY C 403 -17.31 -50.13 14.05
N ARG C 404 -16.40 -49.44 14.72
CA ARG C 404 -16.80 -48.52 15.77
C ARG C 404 -17.60 -47.36 15.19
N LYS C 405 -18.61 -46.91 15.93
CA LYS C 405 -19.15 -45.58 15.75
C LYS C 405 -18.59 -44.70 16.86
N ASN C 406 -17.78 -43.72 16.48
CA ASN C 406 -17.01 -42.93 17.44
C ASN C 406 -17.36 -41.46 17.34
N HIS C 407 -17.16 -40.76 18.45
CA HIS C 407 -17.53 -39.36 18.61
C HIS C 407 -16.23 -38.56 18.66
N VAL C 408 -16.12 -37.55 17.80
CA VAL C 408 -14.83 -36.91 17.56
C VAL C 408 -14.94 -35.39 17.63
N PRO C 409 -13.96 -34.70 18.24
CA PRO C 409 -13.98 -33.23 18.23
C PRO C 409 -13.80 -32.66 16.82
N ALA C 410 -14.21 -31.40 16.69
CA ALA C 410 -14.33 -30.78 15.37
C ALA C 410 -13.03 -30.76 14.58
N TYR C 411 -11.87 -30.79 15.24
CA TYR C 411 -10.64 -30.84 14.46
C TYR C 411 -10.51 -32.13 13.64
N MET C 412 -11.18 -33.21 14.04
CA MET C 412 -11.18 -34.40 13.19
C MET C 412 -12.06 -34.19 11.95
N VAL C 413 -13.14 -33.42 12.08
CA VAL C 413 -13.88 -32.99 10.90
C VAL C 413 -12.99 -32.13 10.02
N ALA C 414 -12.16 -31.28 10.63
CA ALA C 414 -11.20 -30.51 9.84
C ALA C 414 -10.20 -31.42 9.13
N VAL C 415 -9.80 -32.52 9.76
CA VAL C 415 -8.98 -33.52 9.07
C VAL C 415 -9.69 -34.05 7.84
N ALA C 416 -10.98 -34.37 7.97
CA ALA C 416 -11.74 -34.85 6.82
C ALA C 416 -11.84 -33.80 5.71
N LEU C 417 -12.07 -32.54 6.07
CA LEU C 417 -12.07 -31.47 5.08
C LEU C 417 -10.71 -31.31 4.42
N GLY C 418 -9.62 -31.45 5.19
CA GLY C 418 -8.29 -31.37 4.62
C GLY C 418 -8.01 -32.49 3.65
N GLY C 419 -8.42 -33.72 4.00
CA GLY C 419 -8.30 -34.83 3.08
C GLY C 419 -9.08 -34.63 1.79
N LEU C 420 -10.28 -34.05 1.88
CA LEU C 420 -11.02 -33.70 0.68
C LEU C 420 -10.31 -32.63 -0.13
N ALA C 421 -9.93 -31.52 0.50
CA ALA C 421 -9.27 -30.43 -0.21
C ALA C 421 -7.99 -30.88 -0.88
N SER C 422 -7.23 -31.78 -0.24
CA SER C 422 -6.07 -32.38 -0.87
C SER C 422 -6.42 -33.41 -1.93
N GLY C 423 -7.64 -33.95 -1.91
CA GLY C 423 -8.09 -34.84 -2.95
C GLY C 423 -8.57 -34.11 -4.19
N LEU C 424 -9.31 -33.03 -4.00
CA LEU C 424 -9.76 -32.21 -5.12
C LEU C 424 -8.57 -31.65 -5.90
N GLU C 425 -8.82 -31.34 -7.16
CA GLU C 425 -7.81 -30.75 -8.03
C GLU C 425 -7.42 -29.35 -7.55
N ILE C 426 -6.36 -28.83 -8.15
CA ILE C 426 -5.88 -27.48 -7.85
C ILE C 426 -6.94 -26.45 -8.23
N GLY C 427 -7.46 -25.75 -7.23
CA GLY C 427 -8.52 -24.77 -7.44
C GLY C 427 -9.92 -25.33 -7.52
N GLU C 428 -10.09 -26.63 -7.37
CA GLU C 428 -11.42 -27.24 -7.25
C GLU C 428 -11.90 -27.08 -5.81
N SER C 429 -12.97 -26.32 -5.62
CA SER C 429 -13.38 -25.89 -4.30
C SER C 429 -14.05 -27.01 -3.51
N ILE C 430 -13.81 -27.04 -2.20
CA ILE C 430 -14.60 -27.86 -1.29
C ILE C 430 -15.98 -27.29 -1.03
N THR C 431 -16.30 -26.15 -1.65
CA THR C 431 -17.61 -25.55 -1.45
C THR C 431 -18.69 -26.50 -1.93
N PHE C 432 -19.68 -26.74 -1.05
CA PHE C 432 -20.91 -27.40 -1.45
C PHE C 432 -20.62 -28.80 -1.98
N LYS C 433 -19.86 -29.57 -1.19
CA LYS C 433 -19.50 -30.95 -1.46
C LYS C 433 -20.01 -31.84 -0.33
N PRO C 434 -20.34 -33.10 -0.59
CA PRO C 434 -20.88 -33.96 0.46
C PRO C 434 -19.79 -34.38 1.44
N LEU C 435 -20.14 -34.42 2.72
CA LEU C 435 -19.27 -34.93 3.77
C LEU C 435 -19.81 -36.27 4.25
N ARG C 436 -18.96 -37.29 4.22
CA ARG C 436 -19.32 -38.64 4.67
C ARG C 436 -19.26 -38.74 6.20
N VAL C 437 -20.21 -38.08 6.85
CA VAL C 437 -20.30 -38.03 8.30
C VAL C 437 -21.63 -38.64 8.70
N SER C 438 -21.65 -39.31 9.86
CA SER C 438 -22.85 -40.00 10.30
C SER C 438 -23.85 -39.08 10.98
N SER C 439 -23.38 -38.20 11.85
CA SER C 439 -24.26 -37.22 12.47
C SER C 439 -23.43 -36.04 12.97
N LEU C 440 -24.11 -34.95 13.28
CA LEU C 440 -23.49 -33.76 13.83
C LEU C 440 -24.08 -33.46 15.20
N ASP C 441 -23.23 -32.97 16.11
CA ASP C 441 -23.71 -32.62 17.45
C ASP C 441 -24.64 -31.42 17.41
N GLN C 442 -24.29 -30.41 16.62
CA GLN C 442 -25.12 -29.25 16.38
C GLN C 442 -25.58 -29.25 14.92
N ILE C 443 -26.89 -29.18 14.73
CA ILE C 443 -27.49 -28.91 13.42
C ILE C 443 -28.05 -27.49 13.47
N TYR C 444 -27.57 -26.65 12.56
CA TYR C 444 -27.84 -25.22 12.61
C TYR C 444 -28.98 -24.85 11.68
N GLU C 445 -29.85 -23.97 12.16
CA GLU C 445 -30.84 -23.34 11.30
C GLU C 445 -30.17 -22.50 10.22
N SER C 446 -30.94 -22.24 9.16
CA SER C 446 -30.54 -21.37 8.05
C SER C 446 -29.81 -20.10 8.51
N ILE C 447 -30.41 -19.38 9.45
CA ILE C 447 -29.81 -18.12 9.92
C ILE C 447 -28.51 -18.35 10.67
N ASP C 448 -28.37 -19.48 11.38
CA ASP C 448 -27.11 -19.72 12.08
C ASP C 448 -25.99 -20.06 11.09
N LEU C 449 -26.31 -20.77 10.01
CA LEU C 449 -25.30 -21.01 8.97
C LEU C 449 -24.97 -19.74 8.21
N ASP C 450 -25.97 -18.89 7.96
CA ASP C 450 -25.72 -17.53 7.46
C ASP C 450 -24.74 -16.76 8.34
N GLU C 451 -24.98 -16.72 9.64
CA GLU C 451 -24.11 -15.94 10.53
C GLU C 451 -22.71 -16.55 10.65
N LEU C 452 -22.60 -17.87 10.77
CA LEU C 452 -21.28 -18.50 10.78
C LEU C 452 -20.52 -18.26 9.49
N ASN C 453 -21.20 -18.30 8.35
CA ASN C 453 -20.53 -18.02 7.07
C ASN C 453 -20.10 -16.56 6.96
N GLU C 454 -20.97 -15.62 7.37
CA GLU C 454 -20.60 -14.21 7.36
C GLU C 454 -19.36 -13.94 8.20
N ASN C 455 -19.20 -14.64 9.31
CA ASN C 455 -18.00 -14.51 10.13
C ASN C 455 -16.81 -15.31 9.60
N GLY C 456 -16.93 -15.94 8.43
CA GLY C 456 -15.80 -16.67 7.87
C GLY C 456 -15.47 -17.96 8.59
N ILE C 457 -16.49 -18.68 9.06
CA ILE C 457 -16.31 -19.97 9.73
C ILE C 457 -17.01 -21.02 8.88
N ILE C 458 -16.33 -22.13 8.63
CA ILE C 458 -16.88 -23.23 7.85
C ILE C 458 -17.88 -24.01 8.69
N SER C 459 -19.00 -24.38 8.08
CA SER C 459 -20.03 -25.16 8.76
C SER C 459 -20.59 -26.21 7.81
N ILE C 460 -21.26 -27.20 8.41
CA ILE C 460 -21.83 -28.33 7.69
C ILE C 460 -23.36 -28.24 7.76
N GLU C 461 -24.00 -28.25 6.59
CA GLU C 461 -25.45 -28.12 6.48
C GLU C 461 -26.08 -29.50 6.31
N PHE C 462 -27.07 -29.78 7.16
CA PHE C 462 -27.91 -30.98 7.00
C PHE C 462 -29.04 -30.68 6.03
N VAL C 463 -28.95 -31.25 4.82
CA VAL C 463 -29.90 -31.01 3.73
C VAL C 463 -31.10 -31.92 3.95
N ARG C 464 -32.19 -31.35 4.47
CA ARG C 464 -33.42 -32.09 4.80
C ARG C 464 -34.49 -32.01 3.72
N ASN C 465 -34.43 -31.02 2.83
CA ASN C 465 -35.49 -30.88 1.82
C ASN C 465 -35.48 -32.03 0.81
N ARG C 466 -34.34 -32.65 0.56
CA ARG C 466 -34.34 -33.84 -0.28
C ARG C 466 -34.83 -35.06 0.51
N THR C 467 -35.34 -36.05 -0.23
CA THR C 467 -35.70 -37.33 0.36
C THR C 467 -34.48 -38.05 0.91
N ASN C 468 -33.45 -38.23 0.08
CA ASN C 468 -32.12 -38.53 0.61
C ASN C 468 -31.56 -37.31 1.32
N THR C 469 -31.30 -37.47 2.61
CA THR C 469 -30.76 -36.41 3.45
C THR C 469 -29.28 -36.67 3.70
N PHE C 470 -28.47 -35.61 3.56
CA PHE C 470 -27.02 -35.76 3.60
C PHE C 470 -26.41 -34.44 4.05
N PHE C 471 -25.12 -34.48 4.36
CA PHE C 471 -24.37 -33.36 4.90
C PHE C 471 -23.50 -32.70 3.83
N ARG C 472 -23.73 -31.40 3.61
CA ARG C 472 -22.93 -30.59 2.69
C ARG C 472 -22.00 -29.67 3.47
N ILE C 473 -20.79 -29.50 2.95
CA ILE C 473 -19.92 -28.41 3.39
C ILE C 473 -20.48 -27.10 2.87
N VAL C 474 -20.77 -26.17 3.78
CA VAL C 474 -21.48 -24.95 3.39
C VAL C 474 -20.62 -24.06 2.50
N ASP C 475 -19.39 -23.74 2.93
CA ASP C 475 -18.52 -22.95 2.08
C ASP C 475 -17.06 -23.08 2.53
N ASP C 476 -16.16 -22.74 1.61
CA ASP C 476 -14.72 -22.77 1.81
C ASP C 476 -14.15 -21.40 2.18
N VAL C 477 -14.88 -20.62 2.99
CA VAL C 477 -14.38 -19.31 3.42
C VAL C 477 -13.21 -19.48 4.39
N THR C 478 -12.20 -18.63 4.24
CA THR C 478 -11.11 -18.56 5.21
C THR C 478 -11.52 -17.68 6.40
N THR C 479 -10.75 -17.79 7.48
CA THR C 479 -11.00 -17.03 8.69
C THR C 479 -10.69 -15.54 8.54
N PHE C 480 -9.97 -15.15 7.49
CA PHE C 480 -9.76 -13.73 7.21
C PHE C 480 -11.08 -13.09 6.78
N ASN C 481 -11.51 -12.08 7.54
CA ASN C 481 -12.88 -11.59 7.45
C ASN C 481 -13.17 -10.88 6.12
N ASP C 482 -12.24 -10.09 5.61
CA ASP C 482 -12.58 -9.13 4.55
C ASP C 482 -12.84 -9.86 3.23
N LYS C 483 -14.13 -9.93 2.87
CA LYS C 483 -14.62 -10.56 1.65
C LYS C 483 -14.17 -9.83 0.38
N SER C 484 -13.61 -8.63 0.52
CA SER C 484 -13.31 -7.79 -0.65
C SER C 484 -12.38 -8.46 -1.64
N ASP C 485 -11.33 -9.15 -1.18
CA ASP C 485 -10.36 -9.74 -2.08
C ASP C 485 -10.57 -11.26 -2.16
N PRO C 486 -10.95 -11.81 -3.32
CA PRO C 486 -11.15 -13.26 -3.41
C PRO C 486 -9.91 -14.10 -3.13
N VAL C 487 -8.71 -13.56 -3.40
CA VAL C 487 -7.49 -14.32 -3.14
C VAL C 487 -7.26 -14.51 -1.64
N LYS C 488 -7.92 -13.71 -0.81
CA LYS C 488 -7.87 -13.83 0.64
C LYS C 488 -9.10 -14.53 1.21
N ALA C 489 -10.28 -14.22 0.67
CA ALA C 489 -11.52 -14.74 1.24
C ALA C 489 -11.72 -16.22 0.93
N GLU C 490 -11.30 -16.68 -0.24
CA GLU C 490 -11.64 -18.01 -0.72
C GLU C 490 -10.40 -18.89 -0.82
N MET C 491 -10.49 -20.08 -0.22
CA MET C 491 -9.38 -21.03 -0.22
C MET C 491 -8.95 -21.43 -1.63
N ALA C 492 -9.92 -21.72 -2.50
CA ALA C 492 -9.61 -22.19 -3.85
C ALA C 492 -8.78 -21.19 -4.65
N VAL C 493 -9.10 -19.90 -4.53
CA VAL C 493 -8.39 -18.91 -5.33
C VAL C 493 -6.99 -18.71 -4.79
N GLY C 494 -6.84 -18.61 -3.47
CA GLY C 494 -5.53 -18.52 -2.87
C GLY C 494 -4.63 -19.70 -3.20
N GLU C 495 -5.19 -20.91 -3.15
CA GLU C 495 -4.48 -22.11 -3.59
C GLU C 495 -4.03 -22.02 -5.04
N ALA C 496 -4.94 -21.66 -5.95
CA ALA C 496 -4.57 -21.55 -7.36
C ALA C 496 -3.48 -20.52 -7.58
N ASN C 497 -3.59 -19.37 -6.91
CA ASN C 497 -2.55 -18.35 -6.96
C ASN C 497 -1.21 -18.88 -6.47
N ASP C 498 -1.21 -19.50 -5.29
CA ASP C 498 0.03 -20.02 -4.71
C ASP C 498 0.74 -20.98 -5.65
N PHE C 499 -0.01 -21.95 -6.21
CA PHE C 499 0.64 -22.89 -7.13
C PHE C 499 1.07 -22.22 -8.43
N LEU C 500 0.32 -21.23 -8.90
CA LEU C 500 0.71 -20.51 -10.12
C LEU C 500 2.06 -19.83 -9.93
N VAL C 501 2.15 -18.98 -8.91
CA VAL C 501 3.38 -18.21 -8.70
C VAL C 501 4.55 -19.12 -8.30
N SER C 502 4.29 -20.18 -7.52
CA SER C 502 5.36 -21.10 -7.18
C SER C 502 5.93 -21.83 -8.40
N GLU C 503 5.06 -22.37 -9.26
CA GLU C 503 5.55 -23.07 -10.44
C GLU C 503 6.17 -22.13 -11.46
N LEU C 504 5.72 -20.87 -11.50
CA LEU C 504 6.41 -19.87 -12.30
C LEU C 504 7.82 -19.63 -11.79
N LYS C 505 7.96 -19.36 -10.49
CA LYS C 505 9.28 -19.07 -9.94
C LYS C 505 10.23 -20.23 -10.19
N VAL C 506 9.82 -21.45 -9.81
CA VAL C 506 10.72 -22.59 -9.90
C VAL C 506 11.10 -22.91 -11.34
N GLN C 507 10.15 -22.79 -12.28
CA GLN C 507 10.49 -23.12 -13.65
C GLN C 507 11.29 -22.03 -14.35
N LEU C 508 11.00 -20.75 -14.11
CA LEU C 508 11.83 -19.72 -14.71
C LEU C 508 13.24 -19.77 -14.14
N GLU C 509 13.37 -20.02 -12.84
CA GLU C 509 14.67 -20.27 -12.22
C GLU C 509 15.44 -21.34 -12.98
N ASP C 510 14.87 -22.54 -13.08
CA ASP C 510 15.68 -23.63 -13.62
C ASP C 510 15.85 -23.54 -15.13
N GLN C 511 14.93 -22.90 -15.84
CA GLN C 511 15.05 -22.77 -17.28
C GLN C 511 16.04 -21.70 -17.74
N PHE C 512 16.06 -20.52 -17.10
CA PHE C 512 16.73 -19.37 -17.71
C PHE C 512 17.85 -18.74 -16.90
N ILE C 513 17.84 -18.82 -15.57
CA ILE C 513 18.87 -18.16 -14.78
C ILE C 513 20.25 -18.74 -15.14
N GLY C 514 21.22 -17.85 -15.32
CA GLY C 514 22.55 -18.21 -15.76
C GLY C 514 22.72 -18.45 -17.24
N THR C 515 21.65 -18.47 -18.03
CA THR C 515 21.79 -18.60 -19.47
C THR C 515 22.21 -17.28 -20.08
N ARG C 516 22.87 -17.36 -21.24
CA ARG C 516 23.34 -16.16 -21.92
C ARG C 516 22.17 -15.39 -22.51
N THR C 517 22.29 -14.06 -22.50
CA THR C 517 21.35 -13.19 -23.19
C THR C 517 21.67 -13.20 -24.69
N ILE C 518 21.27 -14.28 -25.35
CA ILE C 518 21.33 -14.33 -26.80
C ILE C 518 20.31 -13.33 -27.36
N ASN C 519 20.59 -12.83 -28.57
CA ASN C 519 19.74 -11.81 -29.19
C ASN C 519 18.28 -12.25 -29.30
N THR C 520 18.02 -13.55 -29.34
CA THR C 520 16.66 -14.11 -29.43
C THR C 520 16.00 -14.35 -28.08
N SER C 521 16.69 -14.11 -26.96
CA SER C 521 16.25 -14.62 -25.67
C SER C 521 14.83 -14.19 -25.31
N ALA C 522 14.45 -12.96 -25.66
CA ALA C 522 13.12 -12.48 -25.32
C ALA C 522 12.02 -13.28 -26.03
N SER C 523 12.26 -13.65 -27.30
CA SER C 523 11.31 -14.50 -28.00
C SER C 523 11.22 -15.89 -27.38
N ILE C 524 12.37 -16.46 -27.02
CA ILE C 524 12.39 -17.78 -26.38
C ILE C 524 11.60 -17.75 -25.06
N ILE C 525 11.82 -16.72 -24.24
CA ILE C 525 11.06 -16.62 -22.99
C ILE C 525 9.58 -16.44 -23.27
N LYS C 526 9.23 -15.66 -24.29
CA LYS C 526 7.82 -15.46 -24.60
C LYS C 526 7.15 -16.77 -24.99
N ASP C 527 7.81 -17.56 -25.85
CA ASP C 527 7.33 -18.88 -26.20
C ASP C 527 7.20 -19.79 -24.98
N PHE C 528 8.18 -19.78 -24.08
CA PHE C 528 8.11 -20.59 -22.87
C PHE C 528 6.91 -20.21 -22.00
N ILE C 529 6.72 -18.90 -21.79
CA ILE C 529 5.57 -18.44 -21.00
C ILE C 529 4.26 -18.83 -21.65
N GLN C 530 4.13 -18.61 -22.96
CA GLN C 530 2.89 -18.99 -23.64
C GLN C 530 2.64 -20.50 -23.58
N SER C 531 3.70 -21.30 -23.68
CA SER C 531 3.58 -22.75 -23.47
C SER C 531 3.06 -23.10 -22.08
N TYR C 532 3.69 -22.55 -21.05
CA TYR C 532 3.23 -22.77 -19.67
C TYR C 532 1.76 -22.39 -19.49
N LEU C 533 1.39 -21.17 -19.88
CA LEU C 533 0.00 -20.76 -19.73
C LEU C 533 -0.96 -21.60 -20.57
N GLY C 534 -0.53 -22.04 -21.76
CA GLY C 534 -1.30 -23.01 -22.51
C GLY C 534 -1.59 -24.28 -21.73
N ARG C 535 -0.56 -24.81 -21.07
CA ARG C 535 -0.77 -25.97 -20.20
C ARG C 535 -1.75 -25.67 -19.07
N LYS C 536 -1.56 -24.54 -18.38
CA LYS C 536 -2.48 -24.18 -17.30
C LYS C 536 -3.92 -24.03 -17.77
N LYS C 537 -4.12 -23.55 -19.00
CA LYS C 537 -5.45 -23.47 -19.58
C LYS C 537 -6.00 -24.86 -19.87
N ARG C 538 -5.20 -25.69 -20.55
CA ARG C 538 -5.56 -27.08 -20.83
C ARG C 538 -6.08 -27.79 -19.58
N ASP C 539 -5.37 -27.67 -18.46
CA ASP C 539 -5.70 -28.42 -17.26
C ASP C 539 -6.84 -27.81 -16.46
N ASN C 540 -7.47 -26.75 -16.94
CA ASN C 540 -8.47 -25.99 -16.19
C ASN C 540 -7.95 -25.55 -14.82
N GLU C 541 -6.78 -24.89 -14.84
CA GLU C 541 -6.25 -24.24 -13.67
C GLU C 541 -6.23 -22.72 -13.80
N ILE C 542 -6.53 -22.21 -14.99
CA ILE C 542 -6.89 -20.81 -15.22
C ILE C 542 -8.08 -20.83 -16.18
N GLN C 543 -8.82 -19.74 -16.21
CA GLN C 543 -9.89 -19.63 -17.20
C GLN C 543 -9.32 -19.38 -18.60
N ASP C 544 -8.43 -18.41 -18.72
CA ASP C 544 -7.83 -18.09 -20.02
C ASP C 544 -6.62 -17.19 -19.77
N PHE C 545 -5.84 -16.99 -20.83
CA PHE C 545 -4.87 -15.91 -20.86
C PHE C 545 -4.93 -15.22 -22.23
N PRO C 546 -5.03 -13.87 -22.29
CA PRO C 546 -4.89 -13.21 -23.59
C PRO C 546 -3.45 -13.18 -24.07
N ALA C 547 -3.12 -14.04 -25.04
CA ALA C 547 -1.72 -14.27 -25.38
C ALA C 547 -1.02 -13.04 -25.92
N GLU C 548 -1.77 -12.07 -26.44
CA GLU C 548 -1.17 -10.81 -26.89
C GLU C 548 -0.63 -9.97 -25.74
N ASP C 549 -1.18 -10.13 -24.54
CA ASP C 549 -0.68 -9.39 -23.38
C ASP C 549 0.62 -9.93 -22.81
N VAL C 550 1.06 -11.13 -23.22
CA VAL C 550 2.37 -11.61 -22.80
C VAL C 550 3.44 -10.74 -23.45
N GLN C 551 4.21 -10.03 -22.62
CA GLN C 551 5.23 -9.10 -23.06
C GLN C 551 6.51 -9.38 -22.30
N VAL C 552 7.64 -9.37 -23.01
CA VAL C 552 8.95 -9.61 -22.41
C VAL C 552 9.90 -8.53 -22.89
N ILE C 553 10.62 -7.92 -21.96
CA ILE C 553 11.68 -6.96 -22.23
C ILE C 553 12.94 -7.47 -21.56
N VAL C 554 14.01 -7.62 -22.34
CA VAL C 554 15.32 -7.99 -21.80
C VAL C 554 16.24 -6.78 -21.93
N GLU C 555 16.88 -6.41 -20.83
CA GLU C 555 17.68 -5.20 -20.75
C GLU C 555 18.90 -5.50 -19.87
N GLY C 556 20.04 -5.68 -20.52
CA GLY C 556 21.27 -5.98 -19.82
C GLY C 556 21.23 -7.26 -19.02
N ASN C 557 21.24 -7.13 -17.70
CA ASN C 557 21.38 -8.28 -16.80
C ASN C 557 20.07 -8.98 -16.46
N GLU C 558 18.92 -8.47 -16.90
CA GLU C 558 17.63 -8.96 -16.41
C GLU C 558 16.62 -9.05 -17.54
N ALA C 559 15.57 -9.84 -17.31
CA ALA C 559 14.31 -9.77 -18.06
C ALA C 559 13.18 -9.33 -17.14
N ARG C 560 12.37 -8.38 -17.62
CA ARG C 560 11.06 -8.08 -17.05
C ARG C 560 9.95 -8.71 -17.90
N ILE C 561 9.11 -9.52 -17.27
CA ILE C 561 8.04 -10.24 -17.94
C ILE C 561 6.71 -9.73 -17.40
N SER C 562 5.75 -9.50 -18.30
CA SER C 562 4.38 -9.17 -17.96
C SER C 562 3.40 -10.12 -18.62
N MET C 563 2.39 -10.53 -17.87
CA MET C 563 1.36 -11.43 -18.38
C MET C 563 0.02 -11.09 -17.71
N THR C 564 -1.06 -11.30 -18.45
CA THR C 564 -2.42 -11.22 -17.92
C THR C 564 -2.99 -12.63 -17.81
N VAL C 565 -3.62 -12.91 -16.67
CA VAL C 565 -4.26 -14.19 -16.42
C VAL C 565 -5.67 -13.96 -15.89
N TYR C 566 -6.65 -14.65 -16.48
CA TYR C 566 -8.00 -14.68 -15.93
C TYR C 566 -8.14 -15.89 -15.00
N PRO C 567 -8.27 -15.70 -13.69
CA PRO C 567 -8.25 -16.86 -12.79
C PRO C 567 -9.52 -17.67 -12.86
N ILE C 568 -9.40 -18.95 -12.54
CA ILE C 568 -10.56 -19.85 -12.44
C ILE C 568 -11.29 -19.60 -11.13
N ARG C 569 -12.63 -19.60 -11.19
CA ARG C 569 -13.47 -19.24 -10.06
C ARG C 569 -14.64 -20.23 -9.98
N SER C 570 -14.97 -20.66 -8.78
CA SER C 570 -16.18 -21.43 -8.54
C SER C 570 -17.41 -20.53 -8.55
N PHE C 571 -18.52 -21.04 -9.09
CA PHE C 571 -19.81 -20.37 -8.91
C PHE C 571 -20.21 -20.35 -7.44
N LYS C 572 -20.67 -19.19 -6.98
CA LYS C 572 -21.19 -19.02 -5.63
C LYS C 572 -22.49 -18.22 -5.61
N LYS C 573 -23.00 -17.81 -6.76
CA LYS C 573 -24.33 -17.23 -6.88
C LYS C 573 -24.90 -17.66 -8.23
N ILE C 574 -26.21 -17.90 -8.27
CA ILE C 574 -26.96 -17.96 -9.51
C ILE C 574 -28.23 -17.14 -9.35
N SER C 575 -28.46 -16.20 -10.26
CA SER C 575 -29.70 -15.44 -10.32
C SER C 575 -30.44 -15.77 -11.60
N VAL C 576 -31.70 -16.16 -11.49
CA VAL C 576 -32.59 -16.41 -12.62
C VAL C 576 -33.68 -15.36 -12.61
N SER C 577 -33.78 -14.59 -13.69
CA SER C 577 -34.91 -13.71 -13.93
C SER C 577 -35.86 -14.38 -14.92
N LEU C 578 -37.10 -14.59 -14.50
CA LEU C 578 -38.04 -15.45 -15.21
C LEU C 578 -39.26 -14.60 -15.58
N VAL C 579 -39.49 -14.42 -16.88
CA VAL C 579 -40.52 -13.52 -17.38
C VAL C 579 -41.61 -14.37 -18.03
N TYR C 580 -42.83 -14.23 -17.53
CA TYR C 580 -44.00 -14.83 -18.16
C TYR C 580 -44.50 -13.97 -19.32
N LYS C 581 -44.87 -14.63 -20.41
CA LYS C 581 -45.46 -13.96 -21.56
C LYS C 581 -46.62 -14.79 -22.08
N GLN C 582 -47.69 -14.12 -22.50
CA GLN C 582 -48.79 -14.77 -23.18
C GLN C 582 -48.46 -15.08 -24.63
N GLN C 583 -49.19 -16.06 -25.18
CA GLN C 583 -49.09 -16.48 -26.56
C GLN C 583 -50.49 -16.72 -27.11
N THR C 584 -50.74 -16.30 -28.34
CA THR C 584 -52.03 -16.47 -28.99
C THR C 584 -51.96 -17.66 -29.93
N LEU C 585 -52.87 -18.62 -29.74
CA LEU C 585 -52.96 -19.83 -30.55
C LEU C 585 -54.22 -19.78 -31.40
N GLN C 586 -54.07 -20.01 -32.71
CA GLN C 586 -55.19 -19.98 -33.63
C GLN C 586 -55.07 -21.14 -34.61
N ALA C 587 -56.22 -21.55 -35.14
CA ALA C 587 -56.27 -22.65 -36.09
C ALA C 587 -57.48 -22.51 -37.00
N ALA D 2 4.83 66.44 -22.50
CA ALA D 2 4.56 67.79 -21.92
C ALA D 2 5.05 68.88 -22.87
N ILE D 3 4.95 70.14 -22.42
CA ILE D 3 5.71 71.21 -23.07
C ILE D 3 7.17 71.05 -22.72
N THR D 4 8.04 71.27 -23.70
CA THR D 4 9.48 71.09 -23.52
C THR D 4 10.24 72.16 -24.29
N SER D 5 11.51 72.32 -23.93
CA SER D 5 12.35 73.41 -24.42
C SER D 5 13.73 72.84 -24.71
N VAL D 6 14.05 72.68 -26.00
CA VAL D 6 15.30 72.04 -26.39
C VAL D 6 16.50 72.85 -25.92
N ASP D 7 16.38 74.18 -25.87
CA ASP D 7 17.49 75.02 -25.40
C ASP D 7 17.82 74.76 -23.94
N SER D 8 16.81 74.62 -23.08
CA SER D 8 17.08 74.29 -21.68
C SER D 8 17.63 72.88 -21.54
N TYR D 9 17.12 71.93 -22.33
CA TYR D 9 17.65 70.57 -22.30
C TYR D 9 19.14 70.58 -22.65
N LEU D 10 19.49 71.18 -23.79
CA LEU D 10 20.88 71.24 -24.22
C LEU D 10 21.76 71.91 -23.17
N LEU D 11 21.34 73.07 -22.66
CA LEU D 11 22.15 73.74 -21.65
C LEU D 11 22.34 72.88 -20.40
N SER D 12 21.29 72.19 -19.97
CA SER D 12 21.38 71.33 -18.78
C SER D 12 22.23 70.10 -19.02
N GLU D 13 22.29 69.60 -20.25
CA GLU D 13 22.98 68.36 -20.55
C GLU D 13 24.44 68.55 -20.98
N ILE D 14 24.74 69.57 -21.76
CA ILE D 14 26.10 69.77 -22.25
C ILE D 14 27.07 70.06 -21.09
N LYS D 15 26.67 70.92 -20.15
CA LYS D 15 27.59 71.39 -19.11
C LYS D 15 28.23 70.25 -18.32
N PRO D 16 27.47 69.33 -17.71
CA PRO D 16 28.15 68.23 -16.99
C PRO D 16 28.97 67.36 -17.92
N ARG D 17 28.47 67.06 -19.12
CA ARG D 17 29.21 66.21 -20.04
C ARG D 17 30.53 66.86 -20.43
N LEU D 18 30.48 68.15 -20.77
CA LEU D 18 31.68 68.91 -21.09
C LEU D 18 32.68 68.89 -19.94
N ASN D 19 32.19 69.11 -18.72
CA ASN D 19 33.07 69.02 -17.55
C ASN D 19 33.73 67.65 -17.45
N THR D 20 32.93 66.58 -17.49
CA THR D 20 33.45 65.23 -17.30
C THR D 20 34.40 64.79 -18.42
N VAL D 21 34.20 65.24 -19.65
CA VAL D 21 35.24 65.01 -20.67
C VAL D 21 36.50 65.80 -20.34
N LEU D 22 36.37 67.11 -20.08
CA LEU D 22 37.57 67.93 -19.94
C LEU D 22 38.38 67.60 -18.68
N GLU D 23 37.75 67.04 -17.65
CA GLU D 23 38.51 66.51 -16.51
C GLU D 23 39.25 65.21 -16.80
N ASN D 24 39.14 64.65 -18.01
CA ASN D 24 39.57 63.28 -18.31
C ASN D 24 40.46 63.27 -19.56
N CYS D 25 41.76 63.44 -19.33
CA CYS D 25 42.72 63.76 -20.39
C CYS D 25 42.70 62.77 -21.54
N TYR D 26 42.76 61.46 -21.24
CA TYR D 26 42.84 60.47 -22.32
C TYR D 26 41.62 60.51 -23.25
N ILE D 27 40.46 60.95 -22.78
CA ILE D 27 39.33 61.13 -23.68
C ILE D 27 39.64 62.17 -24.75
N ILE D 28 40.08 63.36 -24.33
CA ILE D 28 40.49 64.39 -25.28
C ILE D 28 41.60 63.88 -26.19
N ASP D 29 42.60 63.21 -25.61
CA ASP D 29 43.67 62.63 -26.41
C ASP D 29 43.12 61.68 -27.47
N GLU D 30 42.04 60.97 -27.16
CA GLU D 30 41.39 60.11 -28.15
C GLU D 30 40.54 60.91 -29.14
N VAL D 31 39.81 61.92 -28.65
CA VAL D 31 39.01 62.75 -29.54
C VAL D 31 39.89 63.45 -30.57
N LEU D 32 40.98 64.08 -30.10
CA LEU D 32 41.84 64.91 -30.93
C LEU D 32 42.96 64.10 -31.59
N LYS D 33 42.81 62.79 -31.70
CA LYS D 33 43.84 61.96 -32.32
C LYS D 33 44.09 62.34 -33.77
N ASP D 34 43.06 62.81 -34.48
CA ASP D 34 43.21 63.18 -35.88
C ASP D 34 43.92 64.50 -36.08
N PHE D 35 43.80 65.42 -35.13
CA PHE D 35 44.41 66.74 -35.28
C PHE D 35 45.93 66.65 -35.19
N ASP D 36 46.59 67.70 -35.66
CA ASP D 36 48.05 67.80 -35.56
C ASP D 36 48.52 67.75 -34.12
N TYR D 37 49.69 67.11 -33.94
CA TYR D 37 50.30 66.92 -32.62
C TYR D 37 50.36 68.20 -31.81
N GLN D 38 50.87 69.28 -32.40
CA GLN D 38 51.01 70.53 -31.67
C GLN D 38 49.67 71.12 -31.26
N THR D 39 48.70 71.15 -32.18
CA THR D 39 47.33 71.52 -31.83
C THR D 39 46.81 70.72 -30.63
N ARG D 40 46.90 69.40 -30.73
CA ARG D 40 46.44 68.51 -29.66
C ARG D 40 47.10 68.83 -28.33
N GLU D 41 48.43 68.83 -28.30
CA GLU D 41 49.16 69.07 -27.05
C GLU D 41 48.88 70.45 -26.47
N SER D 42 48.86 71.49 -27.32
CA SER D 42 48.53 72.83 -26.84
C SER D 42 47.14 72.88 -26.22
N PHE D 43 46.13 72.34 -26.89
CA PHE D 43 44.78 72.35 -26.34
C PHE D 43 44.71 71.55 -25.04
N LYS D 44 45.34 70.38 -24.99
CA LYS D 44 45.35 69.57 -23.78
C LYS D 44 45.99 70.30 -22.61
N GLU D 45 47.14 70.94 -22.85
CA GLU D 45 47.81 71.66 -21.77
C GLU D 45 47.01 72.89 -21.34
N ALA D 46 46.34 73.56 -22.28
CA ALA D 46 45.58 74.75 -21.94
C ALA D 46 44.33 74.42 -21.14
N PHE D 47 43.45 73.59 -21.69
CA PHE D 47 42.08 73.47 -21.21
C PHE D 47 41.78 72.20 -20.45
N CYS D 48 42.68 71.21 -20.47
CA CYS D 48 42.34 69.84 -20.13
C CYS D 48 43.16 69.33 -18.95
N GLY D 49 42.51 68.50 -18.13
CA GLY D 49 43.07 68.01 -16.88
C GLY D 49 42.94 68.98 -15.72
N LYS D 50 43.01 68.40 -14.52
CA LYS D 50 42.68 69.12 -13.29
C LYS D 50 43.60 70.30 -13.03
N ASN D 51 44.79 70.33 -13.65
CA ASN D 51 45.70 71.47 -13.49
C ASN D 51 45.32 72.63 -14.39
N ALA D 52 44.48 72.40 -15.39
CA ALA D 52 44.22 73.40 -16.42
C ALA D 52 43.64 74.66 -15.80
N GLN D 53 44.17 75.81 -16.19
CA GLN D 53 43.74 77.10 -15.67
C GLN D 53 42.72 77.78 -16.57
N HIS D 54 42.88 77.66 -17.89
CA HIS D 54 41.83 78.06 -18.80
C HIS D 54 40.60 77.16 -18.64
N GLU D 55 39.43 77.69 -18.99
CA GLU D 55 38.21 76.91 -18.88
C GLU D 55 37.24 77.30 -19.98
N VAL D 56 36.33 76.37 -20.27
CA VAL D 56 35.32 76.52 -21.32
C VAL D 56 33.96 76.75 -20.67
N THR D 57 33.22 77.72 -21.20
CA THR D 57 31.99 78.22 -20.58
C THR D 57 30.83 78.06 -21.56
N VAL D 58 29.62 78.03 -21.02
CA VAL D 58 28.39 77.83 -21.78
C VAL D 58 27.35 78.84 -21.32
N GLY D 59 26.55 79.33 -22.25
CA GLY D 59 25.45 80.22 -21.90
C GLY D 59 24.61 80.58 -23.11
N PHE D 60 23.53 81.32 -22.85
CA PHE D 60 22.63 81.79 -23.89
C PHE D 60 23.20 83.03 -24.61
N ASN D 61 22.47 83.48 -25.62
CA ASN D 61 22.99 84.30 -26.71
C ASN D 61 22.98 85.80 -26.45
N PHE D 62 22.22 86.31 -25.47
CA PHE D 62 22.16 87.74 -25.19
C PHE D 62 22.47 88.06 -23.73
N PRO D 63 23.63 87.65 -23.22
CA PRO D 63 24.06 88.15 -21.92
C PRO D 63 24.44 89.62 -22.01
N LYS D 64 24.33 90.33 -20.88
CA LYS D 64 24.74 91.73 -20.83
C LYS D 64 26.19 91.90 -20.43
N PHE D 65 26.80 90.90 -19.81
CA PHE D 65 28.20 90.94 -19.42
C PHE D 65 29.07 90.41 -20.55
N LYS D 66 30.37 90.71 -20.48
CA LYS D 66 31.31 90.14 -21.43
C LYS D 66 31.55 88.67 -21.12
N ASN D 67 31.36 87.82 -22.13
CA ASN D 67 31.59 86.39 -21.95
C ASN D 67 33.09 86.07 -21.89
N ASN D 68 33.37 84.80 -21.60
CA ASN D 68 34.61 84.17 -22.03
C ASN D 68 34.65 84.16 -23.56
N TYR D 69 35.81 84.52 -24.12
CA TYR D 69 36.05 84.36 -25.55
C TYR D 69 37.27 83.52 -25.90
N GLU D 70 38.01 83.01 -24.92
CA GLU D 70 39.05 82.03 -25.23
C GLU D 70 38.44 80.69 -25.65
N ALA D 71 37.36 80.28 -25.00
CA ALA D 71 36.64 79.08 -25.42
C ALA D 71 35.25 79.13 -24.79
N HIS D 72 34.23 79.29 -25.63
CA HIS D 72 32.85 79.38 -25.16
C HIS D 72 31.92 78.68 -26.15
N TYR D 73 30.86 78.08 -25.61
CA TYR D 73 29.79 77.48 -26.39
C TYR D 73 28.55 78.33 -26.26
N LEU D 74 28.06 78.84 -27.39
CA LEU D 74 26.82 79.61 -27.45
C LEU D 74 25.67 78.71 -27.88
N ILE D 75 24.58 78.71 -27.11
CA ILE D 75 23.38 77.93 -27.41
C ILE D 75 22.28 78.90 -27.79
N GLN D 76 21.59 78.61 -28.90
CA GLN D 76 20.79 79.60 -29.61
C GLN D 76 19.55 78.94 -30.18
N LEU D 77 18.38 79.25 -29.60
CA LEU D 77 17.12 78.60 -29.96
C LEU D 77 16.69 78.95 -31.39
N GLY D 78 16.56 77.95 -32.25
CA GLY D 78 16.25 78.15 -33.65
C GLY D 78 14.78 78.00 -34.00
N GLN D 79 14.53 77.83 -35.31
CA GLN D 79 13.21 77.57 -35.87
C GLN D 79 12.65 76.22 -35.42
N GLY D 80 11.33 76.07 -35.58
CA GLY D 80 10.71 74.77 -35.48
C GLY D 80 9.33 74.73 -36.10
N GLN D 81 8.87 73.50 -36.39
CA GLN D 81 7.63 73.30 -37.13
C GLN D 81 6.97 72.00 -36.68
N GLU D 82 5.65 72.03 -36.51
CA GLU D 82 4.87 70.82 -36.30
C GLU D 82 4.79 69.98 -37.57
N THR D 83 5.08 68.68 -37.43
CA THR D 83 5.38 67.81 -38.56
C THR D 83 4.38 66.68 -38.77
N LYS D 84 3.92 66.01 -37.72
CA LYS D 84 2.96 64.92 -37.81
C LYS D 84 1.88 65.03 -36.74
N ASN D 85 0.63 64.85 -37.16
CA ASN D 85 -0.52 64.89 -36.27
C ASN D 85 -1.15 63.50 -36.18
N SER D 86 -1.65 63.15 -35.01
CA SER D 86 -2.59 62.05 -34.85
C SER D 86 -4.03 62.47 -35.06
N LEU D 87 -4.85 61.52 -35.51
CA LEU D 87 -6.29 61.66 -35.53
C LEU D 87 -6.83 62.13 -34.19
N GLY D 88 -7.67 63.16 -34.24
CA GLY D 88 -8.22 63.78 -33.05
C GLY D 88 -7.21 64.47 -32.15
N SER D 89 -5.98 64.64 -32.64
CA SER D 89 -4.83 64.98 -31.81
C SER D 89 -4.57 64.00 -30.68
N ILE D 90 -5.15 62.80 -30.69
CA ILE D 90 -4.98 61.88 -29.56
C ILE D 90 -3.62 61.23 -29.70
N GLN D 91 -2.64 61.71 -28.93
CA GLN D 91 -1.31 61.12 -28.93
C GLN D 91 -1.24 59.85 -28.11
N SER D 92 -2.00 59.77 -27.02
CA SER D 92 -2.04 58.60 -26.16
C SER D 92 -3.20 58.77 -25.19
N SER D 93 -3.48 57.71 -24.43
CA SER D 93 -4.43 57.81 -23.33
C SER D 93 -4.02 56.85 -22.23
N TYR D 94 -4.42 57.17 -21.00
CA TYR D 94 -3.86 56.55 -19.81
C TYR D 94 -4.93 56.44 -18.74
N PHE D 95 -4.74 55.47 -17.84
CA PHE D 95 -5.55 55.35 -16.63
C PHE D 95 -4.84 55.84 -15.39
N GLU D 96 -3.62 56.37 -15.52
CA GLU D 96 -2.90 56.94 -14.39
C GLU D 96 -1.96 58.02 -14.92
N ALA D 97 -2.09 59.23 -14.38
CA ALA D 97 -1.24 60.33 -14.81
C ALA D 97 0.21 60.08 -14.40
N THR D 98 1.09 59.95 -15.39
CA THR D 98 2.42 59.36 -15.23
C THR D 98 3.47 60.31 -15.78
N GLY D 99 4.49 60.60 -14.97
CA GLY D 99 5.41 61.68 -15.27
C GLY D 99 6.62 61.27 -16.08
N ASP D 100 7.79 61.79 -15.72
CA ASP D 100 9.03 61.41 -16.37
C ASP D 100 9.37 59.95 -16.07
N THR D 101 10.16 59.35 -16.97
CA THR D 101 10.91 58.16 -16.62
C THR D 101 12.18 58.50 -15.85
N LEU D 102 12.58 57.57 -14.98
CA LEU D 102 13.70 57.72 -14.07
C LEU D 102 14.59 56.50 -14.20
N VAL D 103 15.86 56.65 -13.82
CA VAL D 103 16.69 55.51 -13.45
C VAL D 103 17.34 55.80 -12.10
N GLU D 104 17.32 54.79 -11.22
CA GLU D 104 17.92 54.86 -9.91
C GLU D 104 18.73 53.60 -9.64
N SER D 105 19.82 53.75 -8.89
CA SER D 105 20.48 52.63 -8.26
C SER D 105 19.75 52.25 -6.97
N SER D 106 19.57 50.95 -6.76
CA SER D 106 18.89 50.44 -5.57
C SER D 106 19.49 49.09 -5.20
N THR D 107 19.29 48.70 -3.95
CA THR D 107 19.71 47.40 -3.44
C THR D 107 18.55 46.68 -2.79
N ALA D 108 18.60 45.35 -2.88
CA ALA D 108 17.74 44.50 -2.07
C ALA D 108 17.99 44.72 -0.58
N ILE D 109 16.92 44.67 0.20
CA ILE D 109 17.00 44.67 1.66
C ILE D 109 15.95 43.71 2.20
N ARG D 110 16.28 43.04 3.30
CA ARG D 110 15.50 41.91 3.80
C ARG D 110 14.42 42.39 4.77
N GLU D 111 13.17 42.32 4.33
CA GLU D 111 12.05 42.14 5.25
C GLU D 111 11.85 40.66 5.43
N ASP D 112 11.28 40.27 6.58
CA ASP D 112 11.29 38.86 6.95
C ASP D 112 10.45 38.00 6.00
N ASP D 113 9.60 38.59 5.18
CA ASP D 113 8.88 37.87 4.13
C ASP D 113 9.41 38.13 2.73
N LYS D 114 10.04 39.29 2.50
CA LYS D 114 10.34 39.76 1.15
C LYS D 114 11.66 40.50 1.12
N LEU D 115 12.40 40.31 0.04
CA LEU D 115 13.38 41.33 -0.37
C LEU D 115 12.63 42.53 -0.95
N VAL D 116 13.16 43.72 -0.69
CA VAL D 116 12.60 44.96 -1.20
C VAL D 116 13.69 45.80 -1.85
N PHE D 117 13.37 46.36 -3.01
CA PHE D 117 14.11 47.49 -3.57
C PHE D 117 13.29 48.74 -3.31
N THR D 118 13.94 49.77 -2.74
CA THR D 118 13.26 51.01 -2.39
C THR D 118 13.64 52.10 -3.37
N VAL D 119 12.64 52.90 -3.75
CA VAL D 119 12.76 53.94 -4.76
C VAL D 119 12.45 55.27 -4.10
N SER D 120 13.11 56.33 -4.56
CA SER D 120 12.92 57.66 -3.98
C SER D 120 11.48 58.14 -4.08
N LYS D 121 10.79 57.82 -5.18
CA LYS D 121 9.45 58.31 -5.46
C LYS D 121 8.45 57.16 -5.59
N PRO D 122 7.16 57.43 -5.36
CA PRO D 122 6.12 56.48 -5.78
C PRO D 122 6.21 56.13 -7.26
N ILE D 123 6.02 54.85 -7.55
CA ILE D 123 6.24 54.28 -8.87
C ILE D 123 4.89 54.18 -9.58
N GLY D 124 4.80 54.79 -10.76
CA GLY D 124 3.64 54.64 -11.61
C GLY D 124 3.67 53.40 -12.49
N GLU D 125 4.83 53.10 -13.05
CA GLU D 125 5.06 51.82 -13.69
C GLU D 125 6.55 51.49 -13.60
N LEU D 126 6.85 50.20 -13.45
CA LEU D 126 8.21 49.71 -13.50
C LEU D 126 8.49 49.06 -14.85
N ILE D 127 9.61 49.43 -15.46
CA ILE D 127 9.98 48.98 -16.78
C ILE D 127 11.01 47.86 -16.72
N LYS D 128 11.96 47.95 -15.79
CA LYS D 128 13.00 46.93 -15.66
C LYS D 128 13.53 46.92 -14.23
N VAL D 129 13.97 45.75 -13.80
CA VAL D 129 14.97 45.59 -12.75
C VAL D 129 16.19 44.97 -13.40
N GLU D 130 17.33 45.64 -13.26
CA GLU D 130 18.52 45.34 -14.04
C GLU D 130 18.91 43.86 -13.98
N ASP D 131 18.95 43.22 -15.16
CA ASP D 131 19.40 41.84 -15.32
C ASP D 131 18.66 40.87 -14.39
N ILE D 132 17.43 41.21 -14.01
CA ILE D 132 16.48 40.25 -13.46
C ILE D 132 15.34 40.06 -14.45
N GLU D 133 15.02 38.81 -14.77
CA GLU D 133 13.70 38.44 -15.28
C GLU D 133 13.02 37.54 -14.27
N PHE D 134 11.90 38.01 -13.74
CA PHE D 134 11.20 37.28 -12.68
C PHE D 134 10.30 36.20 -13.27
N ALA D 135 10.08 35.15 -12.49
CA ALA D 135 8.98 34.23 -12.71
C ALA D 135 7.79 34.59 -11.80
N LYS D 136 6.65 33.98 -12.10
CA LYS D 136 5.48 34.09 -11.24
C LYS D 136 5.80 33.67 -9.81
N TYR D 137 6.63 32.63 -9.66
CA TYR D 137 7.03 32.17 -8.34
C TYR D 137 7.72 33.26 -7.53
N ASP D 138 8.46 34.15 -8.20
CA ASP D 138 9.08 35.29 -7.52
C ASP D 138 8.07 36.28 -6.95
N ASN D 139 6.79 36.17 -7.29
CA ASN D 139 5.74 37.01 -6.72
C ASN D 139 6.11 38.50 -6.75
N LEU D 140 6.60 38.94 -7.90
CA LEU D 140 6.94 40.35 -8.09
C LEU D 140 5.71 41.22 -7.91
N GLN D 141 5.79 42.17 -6.97
CA GLN D 141 4.72 43.14 -6.78
C GLN D 141 5.33 44.50 -6.45
N VAL D 142 4.68 45.55 -6.96
CA VAL D 142 5.09 46.93 -6.73
C VAL D 142 4.00 47.64 -5.94
N GLU D 143 4.40 48.45 -4.97
CA GLU D 143 3.45 49.20 -4.15
C GLU D 143 4.11 50.48 -3.68
N GLY D 144 3.51 51.62 -4.04
CA GLY D 144 4.08 52.91 -3.75
C GLY D 144 5.51 53.08 -4.24
N ASN D 145 6.40 53.39 -3.31
CA ASN D 145 7.82 53.55 -3.61
C ASN D 145 8.62 52.27 -3.42
N LYS D 146 7.97 51.13 -3.17
CA LYS D 146 8.67 49.88 -2.89
C LYS D 146 8.41 48.86 -3.99
N VAL D 147 9.48 48.22 -4.45
CA VAL D 147 9.43 47.05 -5.32
C VAL D 147 9.83 45.85 -4.47
N SER D 148 8.97 44.82 -4.45
CA SER D 148 9.07 43.73 -3.51
C SER D 148 9.07 42.40 -4.24
N PHE D 149 9.79 41.44 -3.66
CA PHE D 149 10.40 40.34 -4.42
C PHE D 149 10.61 39.20 -3.44
N LYS D 150 10.04 38.03 -3.73
CA LYS D 150 9.94 36.97 -2.72
C LYS D 150 11.30 36.53 -2.21
N TYR D 151 11.42 36.48 -0.88
CA TYR D 151 12.66 36.15 -0.18
C TYR D 151 12.99 34.66 -0.18
N GLN D 152 11.96 33.80 -0.17
CA GLN D 152 12.10 32.43 0.33
C GLN D 152 13.15 31.61 -0.42
N THR D 153 13.25 31.77 -1.74
CA THR D 153 14.31 31.14 -2.53
C THR D 153 15.53 32.01 -2.76
N ASN D 154 15.50 33.28 -2.39
CA ASN D 154 16.35 34.31 -2.99
C ASN D 154 17.29 34.94 -1.97
N GLU D 155 17.49 34.27 -0.83
CA GLU D 155 18.37 34.79 0.22
C GLU D 155 19.80 34.96 -0.30
N ASP D 156 20.19 34.18 -1.31
CA ASP D 156 21.47 34.38 -1.99
C ASP D 156 21.61 35.74 -2.65
N TYR D 157 20.53 36.52 -2.79
CA TYR D 157 20.55 37.84 -3.42
C TYR D 157 20.10 38.93 -2.46
N GLU D 158 20.22 38.67 -1.15
CA GLU D 158 19.67 39.55 -0.13
C GLU D 158 20.18 40.98 -0.22
N ASN D 159 21.34 41.21 -0.86
CA ASN D 159 21.88 42.55 -1.06
C ASN D 159 22.26 42.80 -2.52
N TYR D 160 21.59 42.13 -3.44
CA TYR D 160 21.87 42.33 -4.87
C TYR D 160 21.69 43.79 -5.24
N ASN D 161 22.63 44.30 -6.04
CA ASN D 161 22.65 45.71 -6.45
C ASN D 161 22.15 45.83 -7.88
N ALA D 162 21.09 46.61 -8.07
CA ALA D 162 20.39 46.69 -9.35
C ALA D 162 20.09 48.15 -9.65
N ASN D 163 19.92 48.42 -10.95
CA ASN D 163 19.40 49.70 -11.43
C ASN D 163 17.92 49.55 -11.77
N ILE D 164 17.09 50.43 -11.23
CA ILE D 164 15.65 50.38 -11.41
C ILE D 164 15.25 51.42 -12.45
N ILE D 165 14.59 50.97 -13.50
CA ILE D 165 14.03 51.84 -14.54
C ILE D 165 12.52 51.87 -14.35
N PHE D 166 11.97 53.06 -14.16
CA PHE D 166 10.55 53.20 -13.80
C PHE D 166 10.07 54.57 -14.25
N THR D 167 8.82 54.89 -13.91
CA THR D 167 8.29 56.23 -14.08
C THR D 167 7.42 56.61 -12.87
N GLU D 168 7.46 57.88 -12.51
CA GLU D 168 6.75 58.35 -11.34
C GLU D 168 5.25 58.42 -11.63
N LYS D 169 4.45 58.37 -10.56
CA LYS D 169 3.02 58.60 -10.64
C LYS D 169 2.67 59.98 -10.12
N LYS D 170 1.83 60.70 -10.86
CA LYS D 170 1.15 61.89 -10.34
C LYS D 170 -0.07 61.49 -9.52
N ASN D 171 -1.03 60.82 -10.15
CA ASN D 171 -2.19 60.30 -9.44
C ASN D 171 -2.87 59.27 -10.33
N ASP D 172 -3.67 58.41 -9.69
CA ASP D 172 -4.54 57.47 -10.38
C ASP D 172 -5.76 58.20 -10.92
N SER D 173 -5.69 58.62 -12.18
CA SER D 173 -6.81 59.29 -12.81
C SER D 173 -6.84 58.96 -14.30
N LYS D 174 -8.04 59.00 -14.88
CA LYS D 174 -8.23 58.76 -16.30
C LYS D 174 -7.95 60.02 -17.09
N GLY D 175 -7.33 59.88 -18.26
CA GLY D 175 -7.15 61.03 -19.11
C GLY D 175 -6.54 60.66 -20.45
N LEU D 176 -6.34 61.71 -21.24
CA LEU D 176 -5.85 61.62 -22.62
C LEU D 176 -4.73 62.62 -22.82
N VAL D 177 -3.84 62.32 -23.76
CA VAL D 177 -2.65 63.12 -24.01
C VAL D 177 -2.79 63.63 -25.44
N LYS D 178 -2.79 64.95 -25.58
CA LYS D 178 -3.26 65.61 -26.79
C LYS D 178 -2.24 66.61 -27.30
N GLY D 179 -1.98 66.58 -28.60
CA GLY D 179 -0.95 67.41 -29.19
C GLY D 179 -0.39 66.77 -30.45
N PHE D 180 0.83 67.17 -30.79
CA PHE D 180 1.43 66.82 -32.07
C PHE D 180 2.94 66.80 -31.93
N THR D 181 3.59 66.18 -32.91
CA THR D 181 5.05 66.15 -32.96
C THR D 181 5.56 67.45 -33.57
N VAL D 182 6.68 67.94 -33.03
CA VAL D 182 7.31 69.16 -33.50
C VAL D 182 8.75 68.87 -33.90
N GLU D 183 9.15 69.42 -35.04
CA GLU D 183 10.51 69.33 -35.57
C GLU D 183 11.19 70.69 -35.40
N GLU D 184 12.24 70.73 -34.59
CA GLU D 184 12.73 71.98 -34.02
C GLU D 184 14.25 71.97 -33.94
N GLN D 185 14.83 73.16 -34.05
CA GLN D 185 16.27 73.35 -34.23
C GLN D 185 16.83 74.21 -33.10
N VAL D 186 18.06 73.90 -32.68
CA VAL D 186 18.87 74.83 -31.89
C VAL D 186 20.25 74.91 -32.55
N THR D 187 20.73 76.14 -32.77
CA THR D 187 22.08 76.37 -33.27
C THR D 187 23.07 76.47 -32.11
N VAL D 188 24.24 75.88 -32.30
CA VAL D 188 25.35 75.99 -31.35
C VAL D 188 26.60 76.37 -32.11
N VAL D 189 27.41 77.27 -31.54
CA VAL D 189 28.67 77.71 -32.15
C VAL D 189 29.74 77.79 -31.06
N GLY D 190 30.91 77.20 -31.35
CA GLY D 190 32.07 77.31 -30.48
C GLY D 190 32.89 78.56 -30.75
N LEU D 191 32.60 79.65 -30.03
CA LEU D 191 33.39 80.87 -30.16
C LEU D 191 34.79 80.70 -29.61
N SER D 192 35.79 81.12 -30.38
CA SER D 192 37.12 81.38 -29.86
C SER D 192 37.80 82.42 -30.74
N PHE D 193 38.63 83.27 -30.13
CA PHE D 193 39.58 84.08 -30.89
C PHE D 193 40.75 83.29 -31.46
N ASN D 194 40.85 81.99 -31.19
CA ASN D 194 41.87 81.13 -31.78
C ASN D 194 41.18 80.10 -32.66
N VAL D 195 41.57 80.06 -33.94
CA VAL D 195 40.92 79.18 -34.90
C VAL D 195 41.11 77.71 -34.53
N ASP D 196 42.32 77.34 -34.10
CA ASP D 196 42.55 75.96 -33.71
C ASP D 196 41.76 75.57 -32.46
N VAL D 197 41.54 76.52 -31.55
CA VAL D 197 40.68 76.26 -30.42
C VAL D 197 39.25 76.03 -30.90
N ALA D 198 38.76 76.88 -31.79
CA ALA D 198 37.46 76.66 -32.43
C ALA D 198 37.33 75.25 -32.99
N ARG D 199 38.33 74.80 -33.76
CA ARG D 199 38.28 73.47 -34.36
C ARG D 199 38.29 72.34 -33.33
N CYS D 200 39.04 72.51 -32.23
CA CYS D 200 38.93 71.56 -31.13
C CYS D 200 37.57 71.60 -30.46
N LEU D 201 37.03 72.78 -30.19
CA LEU D 201 35.70 72.88 -29.59
C LEU D 201 34.63 72.27 -30.48
N ASP D 202 34.81 72.35 -31.80
CA ASP D 202 33.96 71.64 -32.75
C ASP D 202 34.04 70.13 -32.55
N ALA D 203 35.26 69.59 -32.55
CA ALA D 203 35.42 68.14 -32.39
C ALA D 203 34.83 67.66 -31.06
N VAL D 204 35.15 68.37 -29.98
CA VAL D 204 34.62 68.04 -28.65
C VAL D 204 33.10 68.08 -28.62
N LEU D 205 32.49 69.11 -29.22
CA LEU D 205 31.03 69.18 -29.21
C LEU D 205 30.41 68.07 -30.05
N LYS D 206 30.99 67.74 -31.20
CA LYS D 206 30.49 66.60 -31.96
C LYS D 206 30.54 65.31 -31.15
N MET D 207 31.66 65.07 -30.45
CA MET D 207 31.74 63.90 -29.57
C MET D 207 30.66 63.91 -28.50
N ILE D 208 30.50 65.04 -27.80
CA ILE D 208 29.47 65.16 -26.77
C ILE D 208 28.08 64.86 -27.34
N LEU D 209 27.77 65.41 -28.52
CA LEU D 209 26.45 65.21 -29.10
C LEU D 209 26.22 63.77 -29.55
N ILE D 210 27.25 63.09 -30.05
CA ILE D 210 27.13 61.65 -30.31
C ILE D 210 26.80 60.90 -29.02
N SER D 211 27.57 61.17 -27.96
CA SER D 211 27.37 60.49 -26.68
C SER D 211 25.97 60.72 -26.12
N MET D 212 25.44 61.93 -26.30
CA MET D 212 24.08 62.23 -25.85
C MET D 212 23.00 61.39 -26.53
N ARG D 213 23.26 60.86 -27.73
CA ARG D 213 22.25 60.03 -28.40
C ARG D 213 21.80 58.83 -27.57
N ASP D 214 22.65 58.33 -26.66
CA ASP D 214 22.26 57.22 -25.81
C ASP D 214 21.69 57.66 -24.47
N SER D 215 21.58 58.96 -24.21
CA SER D 215 20.97 59.42 -22.97
C SER D 215 19.44 59.25 -23.02
N ILE D 216 18.87 58.92 -21.87
CA ILE D 216 17.44 58.64 -21.78
C ILE D 216 16.56 59.84 -22.13
N GLU D 217 17.09 61.06 -22.01
CA GLU D 217 16.31 62.26 -22.31
C GLU D 217 15.88 62.33 -23.77
N GLU D 218 16.86 62.34 -24.68
CA GLU D 218 16.53 62.32 -26.11
C GLU D 218 16.04 60.95 -26.57
N GLN D 219 16.51 59.87 -25.95
CA GLN D 219 16.00 58.54 -26.28
C GLN D 219 14.49 58.46 -26.13
N GLN D 220 13.95 58.94 -25.01
CA GLN D 220 12.49 58.99 -24.87
C GLN D 220 11.86 60.10 -25.73
N THR D 221 12.36 61.34 -25.62
CA THR D 221 11.54 62.49 -26.00
C THR D 221 12.13 63.31 -27.15
N PHE D 222 13.38 63.80 -27.02
CA PHE D 222 14.01 64.58 -28.08
C PHE D 222 14.70 63.67 -29.10
N GLN D 223 13.87 62.90 -29.79
CA GLN D 223 14.34 61.86 -30.69
C GLN D 223 14.89 62.44 -31.99
N LEU D 224 15.60 61.60 -32.74
CA LEU D 224 16.08 61.92 -34.09
C LEU D 224 17.00 63.15 -34.13
N GLN D 225 18.00 63.15 -33.26
CA GLN D 225 19.03 64.19 -33.30
C GLN D 225 19.70 64.21 -34.66
N ASN D 226 19.82 65.40 -35.25
CA ASN D 226 20.42 65.56 -36.57
C ASN D 226 21.31 66.79 -36.56
N LEU D 227 22.53 66.66 -37.07
CA LEU D 227 23.57 67.68 -36.99
C LEU D 227 23.92 68.24 -38.36
N SER D 228 23.96 69.57 -38.47
CA SER D 228 24.45 70.26 -39.64
C SER D 228 25.43 71.34 -39.19
N PHE D 229 26.36 71.70 -40.08
CA PHE D 229 27.50 72.56 -39.71
C PHE D 229 27.69 73.65 -40.76
N GLY D 230 27.87 74.89 -40.29
CA GLY D 230 28.26 75.97 -41.16
C GLY D 230 29.77 76.01 -41.38
N ASP D 231 30.19 76.93 -42.24
CA ASP D 231 31.61 77.26 -42.36
C ASP D 231 32.15 77.85 -41.06
N ILE D 232 33.45 77.67 -40.85
CA ILE D 232 34.20 78.44 -39.86
C ILE D 232 34.45 79.83 -40.42
N ALA D 233 34.09 80.85 -39.64
CA ALA D 233 34.06 82.22 -40.15
C ALA D 233 34.26 83.17 -38.98
N PRO D 234 34.68 84.41 -39.26
CA PRO D 234 34.67 85.43 -38.20
C PRO D 234 33.27 85.81 -37.77
N ILE D 235 33.01 85.71 -36.47
CA ILE D 235 31.78 86.22 -35.89
C ILE D 235 31.87 87.73 -35.70
N ILE D 236 33.01 88.20 -35.21
CA ILE D 236 33.29 89.61 -34.98
C ILE D 236 34.67 89.89 -35.57
N GLU D 237 34.77 90.97 -36.36
CA GLU D 237 35.91 91.15 -37.26
C GLU D 237 36.52 92.54 -37.13
N ASP D 238 36.17 93.30 -36.09
CA ASP D 238 36.62 94.69 -35.98
C ASP D 238 37.03 95.03 -34.54
N GLY D 239 37.32 94.04 -33.71
CA GLY D 239 38.07 94.25 -32.49
C GLY D 239 39.56 94.39 -32.74
N ASP D 240 40.33 94.26 -31.66
CA ASP D 240 41.77 94.07 -31.80
C ASP D 240 42.13 92.70 -32.37
N SER D 241 41.19 91.75 -32.34
CA SER D 241 41.39 90.49 -33.03
C SER D 241 40.03 89.95 -33.46
N MET D 242 40.03 89.16 -34.52
CA MET D 242 38.83 88.46 -34.95
C MET D 242 38.42 87.41 -33.92
N ILE D 243 37.12 87.28 -33.71
CA ILE D 243 36.52 86.16 -32.97
C ILE D 243 35.93 85.20 -33.99
N PHE D 244 36.41 83.96 -33.99
CA PHE D 244 35.94 82.94 -34.92
C PHE D 244 34.94 82.01 -34.28
N GLY D 245 34.18 81.33 -35.14
CA GLY D 245 33.33 80.24 -34.71
C GLY D 245 32.92 79.41 -35.91
N ARG D 246 32.56 78.16 -35.65
CA ARG D 246 31.88 77.32 -36.62
C ARG D 246 30.50 76.93 -36.09
N PRO D 247 29.40 77.46 -36.64
CA PRO D 247 28.08 77.04 -36.12
C PRO D 247 27.79 75.60 -36.47
N THR D 248 27.14 74.91 -35.54
CA THR D 248 26.40 73.68 -35.82
C THR D 248 24.94 73.88 -35.47
N ILE D 249 24.06 73.29 -36.28
CA ILE D 249 22.62 73.27 -36.01
C ILE D 249 22.24 71.87 -35.55
N ILE D 250 21.57 71.78 -34.41
CA ILE D 250 21.04 70.53 -33.88
C ILE D 250 19.53 70.56 -34.07
N LYS D 251 19.00 69.56 -34.76
CA LYS D 251 17.56 69.41 -34.99
C LYS D 251 17.03 68.19 -34.24
N TYR D 252 15.82 68.33 -33.70
CA TYR D 252 15.19 67.28 -32.91
C TYR D 252 13.73 67.11 -33.33
N THR D 253 13.18 65.95 -33.00
CA THR D 253 11.75 65.69 -33.05
C THR D 253 11.24 65.35 -31.66
N SER D 254 10.13 65.96 -31.26
CA SER D 254 9.52 65.68 -29.96
C SER D 254 8.03 65.97 -30.05
N SER D 255 7.30 65.55 -29.01
CA SER D 255 5.88 65.80 -28.89
C SER D 255 5.60 66.91 -27.89
N LEU D 256 4.87 67.94 -28.33
CA LEU D 256 4.26 68.92 -27.45
C LEU D 256 2.82 68.48 -27.16
N ASP D 257 2.51 68.24 -25.89
CA ASP D 257 1.19 67.71 -25.56
C ASP D 257 0.83 67.99 -24.11
N LEU D 258 -0.47 67.86 -23.82
CA LEU D 258 -1.05 68.18 -22.52
C LEU D 258 -1.78 66.96 -21.96
N ASP D 259 -1.77 66.82 -20.64
CA ASP D 259 -2.60 65.83 -19.96
C ASP D 259 -4.04 66.34 -19.84
N TYR D 260 -4.90 65.91 -20.76
CA TYR D 260 -6.34 66.18 -20.70
C TYR D 260 -7.01 65.06 -19.89
N THR D 261 -7.33 65.34 -18.63
CA THR D 261 -8.04 64.36 -17.81
C THR D 261 -9.54 64.43 -18.07
N ILE D 262 -10.20 63.27 -17.95
CA ILE D 262 -11.66 63.17 -18.02
C ILE D 262 -12.16 62.63 -16.68
N THR D 263 -13.02 63.42 -16.03
CA THR D 263 -13.67 63.02 -14.77
C THR D 263 -14.87 62.10 -14.99
N GLN D 264 -15.48 62.15 -16.17
CA GLN D 264 -16.58 61.24 -16.50
C GLN D 264 -16.13 59.79 -16.60
N ASP D 265 -16.91 58.91 -16.00
CA ASP D 265 -16.81 57.46 -16.17
C ASP D 265 -18.16 56.86 -15.80
N ILE D 266 -18.43 55.66 -16.31
CA ILE D 266 -19.66 54.94 -16.02
C ILE D 266 -19.34 53.77 -15.10
N ASN D 267 -19.88 53.81 -13.88
CA ASN D 267 -19.66 52.78 -12.88
C ASN D 267 -20.62 51.60 -12.99
N LYS D 268 -21.87 51.83 -13.36
CA LYS D 268 -22.87 50.77 -13.34
C LYS D 268 -23.89 50.95 -14.46
N LEU D 269 -24.38 49.81 -14.95
CA LEU D 269 -25.50 49.76 -15.91
C LEU D 269 -26.71 49.17 -15.23
N THR D 270 -27.83 49.88 -15.29
CA THR D 270 -29.10 49.47 -14.70
C THR D 270 -30.18 49.37 -15.78
N PHE D 271 -30.86 48.23 -15.83
CA PHE D 271 -31.77 47.88 -16.91
C PHE D 271 -33.22 47.95 -16.43
N LYS D 272 -34.05 48.66 -17.18
CA LYS D 272 -35.47 48.83 -16.92
C LYS D 272 -36.28 48.39 -18.13
N GLU D 273 -37.46 47.83 -17.87
CA GLU D 273 -38.46 47.61 -18.92
C GLU D 273 -39.70 48.41 -18.59
N ARG D 274 -40.02 49.39 -19.44
CA ARG D 274 -41.20 50.22 -19.33
C ARG D 274 -42.20 49.88 -20.43
N LYS D 275 -43.42 49.54 -20.03
CA LYS D 275 -44.37 48.84 -20.88
C LYS D 275 -45.31 49.80 -21.58
N ASP D 276 -45.48 49.61 -22.89
CA ASP D 276 -46.24 50.49 -23.75
C ASP D 276 -47.52 49.77 -24.19
N TRP D 277 -48.66 50.31 -23.80
CA TRP D 277 -49.97 49.73 -24.12
C TRP D 277 -50.42 50.05 -25.54
N LYS D 278 -49.72 50.93 -26.25
CA LYS D 278 -50.12 51.46 -27.56
C LYS D 278 -51.63 51.64 -27.70
#